data_6EA5
#
_entry.id   6EA5
#
_cell.length_a   151.625
_cell.length_b   151.625
_cell.length_c   247.098
_cell.angle_alpha   90.00
_cell.angle_beta   90.00
_cell.angle_gamma   120.00
#
_symmetry.space_group_name_H-M   'P 31 2 1'
#
loop_
_entity.id
_entity.type
_entity.pdbx_description
1 polymer 'Envelope glycoprotein'
2 polymer Glycoprotein
3 polymer 'ADI-15878 Fab Heavy Chain'
4 polymer 'ADI-15878 Fab Light Chain'
5 branched 2-acetamido-2-deoxy-beta-D-glucopyranose-(1-2)-alpha-D-mannopyranose-(1-3)-[alpha-D-mannopyranose-(1-6)]beta-D-mannopyranose-(1-4)-2-acetamido-2-deoxy-beta-D-glucopyranose-(1-4)-2-acetamido-2-deoxy-beta-D-glucopyranose
6 branched alpha-D-mannopyranose-(1-3)-[alpha-D-mannopyranose-(1-6)]beta-D-mannopyranose-(1-4)-2-acetamido-2-deoxy-beta-D-glucopyranose-(1-4)-2-acetamido-2-deoxy-beta-D-glucopyranose
7 non-polymer 2-acetamido-2-deoxy-beta-D-glucopyranose
#
loop_
_entity_poly.entity_id
_entity_poly.type
_entity_poly.pdbx_seq_one_letter_code
_entity_poly.pdbx_strand_id
1 'polypeptide(L)'
;IPLGVVHNNTLQVSDIDKLVCRDKLSSTSQLASVGLNLEGNGVATDVPTATKRWGFRAGVPPKVVNYEAGEWAENCYNLD
IKKADGSECLPEAPEGVRGFPRCRYVHKVSGTGPCPEGYAFHKEGAFFLYDRLASTIIYRSTTFSEGVVAFLILPETKKD
FF
;
A,C,E
2 'polypeptide(L)'
;EITLRTQAKCNPNLHYWTTQDEGAAIGLAWIPYFGPAAEGIYTEGIMHNQNGLICGLRQLANETTQALQLFLRATTELRT
FSILNRKAIDFLLQRWGGTCHILGPDCCIEP
;
B,D,F
3 'polypeptide(L)'
;QVQLVQSGVTLVQPGGSLRVSCAASGFTFSSYAMSWVRQAPGKGLEWVSAISGLGGSTYYADSVKGRFTISRDNSKNTLY
LQMNSLRAEDTAVYYCAKDHRVWAAGYHFDYWGQGALVTVSSASTKGPSVFPLAPSSKSTSGGTAALGCLVKDYFPEPVT
VSWNSGALTSGVHTFPAVLQSSGLYSLSSVVTVPSSSLGTQTYICNVNHKPSNTKVDKKVEPKSCDLEVDDDD
;
H,M,Q
4 'polypeptide(L)'
;DIVLTQSPSTLSASVGDRVTITCRASQSISSWLAWYQQKPGEAPKLLISDASSLESGVPSRFSGSGSGTEFTLTISSLQP
DDFATYYCQQYYSSPTFGGGTKVEIKRTVAAPSVFIFPPSDEQLKSGTASVVCLLNNFYPREAKVQWKVDNALQSGNSQE
SVTEQDSKDSTYSLSSTLTLSKADYEKHKVYACEVTHQGLSSPVTKSFNRGEC
;
L,N,R
#
loop_
_chem_comp.id
_chem_comp.type
_chem_comp.name
_chem_comp.formula
BMA D-saccharide, beta linking beta-D-mannopyranose 'C6 H12 O6'
MAN D-saccharide, alpha linking alpha-D-mannopyranose 'C6 H12 O6'
NAG D-saccharide, beta linking 2-acetamido-2-deoxy-beta-D-glucopyranose 'C8 H15 N O6'
#
# COMPACT_ATOMS: atom_id res chain seq x y z
N ILE A 1 -5.13 6.23 -22.93
CA ILE A 1 -4.42 6.11 -21.67
C ILE A 1 -4.46 4.67 -21.14
N PRO A 2 -3.29 4.13 -20.76
CA PRO A 2 -3.07 2.76 -20.28
C PRO A 2 -3.77 2.44 -18.96
N LEU A 3 -4.29 1.23 -18.87
CA LEU A 3 -5.00 0.74 -17.69
C LEU A 3 -4.54 -0.66 -17.27
N GLY A 4 -3.95 -0.75 -16.08
CA GLY A 4 -3.50 -2.01 -15.54
C GLY A 4 -4.49 -2.84 -14.75
N VAL A 5 -4.30 -4.17 -14.83
CA VAL A 5 -5.11 -5.13 -14.11
C VAL A 5 -4.21 -6.06 -13.30
N VAL A 6 -4.75 -6.56 -12.21
CA VAL A 6 -4.08 -7.46 -11.28
C VAL A 6 -4.72 -8.84 -11.22
N HIS A 7 -3.91 -9.85 -11.52
CA HIS A 7 -4.30 -11.25 -11.43
C HIS A 7 -3.92 -11.79 -10.03
N ASN A 8 -4.08 -13.09 -9.81
CA ASN A 8 -3.71 -13.63 -8.52
C ASN A 8 -2.20 -13.82 -8.63
N ASN A 9 -1.46 -12.98 -7.91
CA ASN A 9 0.01 -13.00 -7.91
C ASN A 9 0.50 -12.91 -9.35
N THR A 10 -0.12 -12.03 -10.15
CA THR A 10 0.25 -11.91 -11.55
C THR A 10 -0.28 -10.61 -12.16
N LEU A 11 0.59 -9.91 -12.87
CA LEU A 11 0.27 -8.65 -13.54
C LEU A 11 0.13 -8.72 -15.06
N GLN A 12 -0.98 -8.18 -15.56
CA GLN A 12 -1.28 -8.14 -16.98
C GLN A 12 -1.74 -6.74 -17.39
N VAL A 13 -1.58 -6.39 -18.66
CA VAL A 13 -2.00 -5.08 -19.15
C VAL A 13 -3.28 -5.20 -19.97
N SER A 14 -4.30 -4.43 -19.61
CA SER A 14 -5.58 -4.48 -20.35
C SER A 14 -5.64 -3.51 -21.53
N ASP A 15 -5.67 -4.07 -22.74
CA ASP A 15 -5.76 -3.22 -23.92
C ASP A 15 -7.20 -2.88 -24.23
N ILE A 16 -7.38 -1.70 -24.83
CA ILE A 16 -8.70 -1.18 -25.15
C ILE A 16 -9.58 -1.96 -26.13
N ASP A 17 -9.00 -2.41 -27.24
CA ASP A 17 -9.77 -3.18 -28.22
C ASP A 17 -10.25 -4.54 -27.71
N LYS A 18 -9.38 -5.23 -26.98
CA LYS A 18 -9.73 -6.53 -26.42
C LYS A 18 -10.75 -6.36 -25.30
N LEU A 19 -11.71 -7.29 -25.26
CA LEU A 19 -12.75 -7.24 -24.23
C LEU A 19 -12.71 -8.47 -23.33
N VAL A 20 -12.76 -8.25 -22.02
CA VAL A 20 -12.71 -9.35 -21.07
C VAL A 20 -13.89 -9.43 -20.10
N CYS A 21 -14.68 -10.49 -20.24
CA CYS A 21 -15.82 -10.75 -19.37
C CYS A 21 -15.45 -11.07 -17.92
N ARG A 22 -14.36 -11.79 -17.73
CA ARG A 22 -13.93 -12.18 -16.39
C ARG A 22 -13.64 -10.98 -15.49
N ASP A 23 -13.00 -9.97 -16.06
CA ASP A 23 -12.69 -8.89 -15.19
C ASP A 23 -14.04 -8.43 -14.70
N LYS A 24 -14.18 -8.49 -13.39
CA LYS A 24 -15.38 -8.00 -12.70
C LYS A 24 -15.14 -6.66 -12.00
N LEU A 25 -15.98 -5.67 -12.30
CA LEU A 25 -15.96 -4.38 -11.61
C LEU A 25 -17.19 -4.14 -10.74
N SER A 26 -17.07 -4.24 -9.42
CA SER A 26 -18.23 -4.09 -8.55
C SER A 26 -18.49 -2.61 -8.27
N SER A 27 -17.41 -1.84 -8.09
CA SER A 27 -17.59 -0.44 -7.70
C SER A 27 -16.42 0.44 -8.13
N THR A 28 -16.62 1.75 -8.05
CA THR A 28 -15.58 2.72 -8.38
C THR A 28 -14.44 2.76 -7.38
N SER A 29 -14.69 2.30 -6.16
CA SER A 29 -13.65 2.32 -5.14
C SER A 29 -12.50 1.39 -5.56
N GLN A 30 -12.83 0.39 -6.37
CA GLN A 30 -11.84 -0.55 -6.89
C GLN A 30 -10.79 0.17 -7.72
N LEU A 31 -11.25 1.15 -8.49
CA LEU A 31 -10.37 1.96 -9.33
C LEU A 31 -9.52 2.92 -8.54
N ALA A 32 -8.25 3.03 -8.91
CA ALA A 32 -7.34 3.88 -8.15
C ALA A 32 -6.21 4.49 -9.01
N SER A 33 -5.80 5.70 -8.64
CA SER A 33 -4.71 6.38 -9.33
C SER A 33 -3.51 6.47 -8.39
N VAL A 34 -2.40 5.86 -8.77
CA VAL A 34 -1.21 5.83 -7.93
C VAL A 34 -0.02 6.60 -8.49
N GLY A 35 0.76 7.19 -7.59
CA GLY A 35 1.93 7.94 -7.98
C GLY A 35 3.21 7.30 -7.48
N LEU A 36 4.14 7.09 -8.40
CA LEU A 36 5.43 6.48 -8.07
C LEU A 36 6.52 7.49 -8.37
N ASN A 37 7.40 7.73 -7.39
CA ASN A 37 8.48 8.70 -7.55
C ASN A 37 9.64 8.25 -8.44
N LEU A 38 10.10 9.11 -9.38
CA LEU A 38 11.18 8.65 -10.27
C LEU A 38 12.47 8.34 -9.52
N GLU A 39 12.58 8.93 -8.33
CA GLU A 39 13.75 8.73 -7.48
C GLU A 39 14.06 7.29 -7.10
N GLY A 40 13.03 6.50 -6.83
CA GLY A 40 13.18 5.10 -6.51
C GLY A 40 13.73 4.15 -7.56
N ASN A 41 13.58 4.54 -8.83
CA ASN A 41 13.96 3.67 -9.93
C ASN A 41 15.41 3.82 -10.38
N GLY A 42 16.26 4.08 -9.39
CA GLY A 42 17.71 4.12 -9.51
C GLY A 42 18.44 5.29 -10.10
N VAL A 43 17.76 6.44 -10.24
CA VAL A 43 18.46 7.65 -10.69
C VAL A 43 19.33 8.11 -9.57
N ALA A 44 20.34 8.90 -9.88
CA ALA A 44 21.26 9.38 -8.85
C ALA A 44 20.51 10.36 -7.93
N THR A 45 20.56 10.16 -6.62
CA THR A 45 19.78 11.01 -5.71
C THR A 45 20.65 12.14 -5.18
N ASP A 46 20.62 13.28 -5.88
CA ASP A 46 21.42 14.46 -5.52
C ASP A 46 21.02 15.72 -6.27
N VAL A 47 21.20 16.87 -5.62
CA VAL A 47 20.82 18.20 -6.14
C VAL A 47 21.38 18.62 -7.52
N PRO A 48 22.69 18.42 -7.77
CA PRO A 48 23.28 18.85 -9.05
C PRO A 48 22.60 18.25 -10.28
N THR A 49 22.17 17.00 -10.13
CA THR A 49 21.48 16.24 -11.18
C THR A 49 20.06 16.76 -11.35
N ALA A 50 19.50 17.20 -10.23
CA ALA A 50 18.14 17.71 -10.17
C ALA A 50 18.10 19.02 -10.95
N THR A 51 19.11 19.88 -10.82
CA THR A 51 19.05 21.15 -11.56
C THR A 51 19.16 20.87 -13.06
N LYS A 52 19.82 19.77 -13.46
CA LYS A 52 19.89 19.46 -14.89
C LYS A 52 18.58 18.94 -15.46
N ARG A 53 17.81 18.16 -14.68
CA ARG A 53 16.55 17.66 -15.24
C ARG A 53 15.44 18.71 -15.47
N TRP A 54 15.35 19.72 -14.59
CA TRP A 54 14.30 20.73 -14.76
C TRP A 54 14.65 21.84 -15.77
N GLY A 55 13.65 22.33 -16.50
CA GLY A 55 13.90 23.41 -17.44
C GLY A 55 12.64 24.23 -17.63
N PHE A 56 12.80 25.48 -18.02
CA PHE A 56 11.71 26.45 -18.18
C PHE A 56 11.09 26.61 -19.59
N ARG A 57 9.77 26.78 -19.67
CA ARG A 57 9.08 26.95 -20.96
C ARG A 57 7.81 27.85 -20.81
N ALA A 58 7.53 28.66 -21.84
CA ALA A 58 6.35 29.54 -21.93
C ALA A 58 5.38 29.18 -23.09
N GLY A 59 4.26 29.92 -23.18
CA GLY A 59 3.29 29.71 -24.26
C GLY A 59 2.49 28.42 -24.17
N VAL A 60 2.79 27.65 -23.14
CA VAL A 60 2.17 26.36 -22.90
C VAL A 60 1.41 26.43 -21.58
N PRO A 61 0.09 26.23 -21.63
CA PRO A 61 -0.67 26.27 -20.38
C PRO A 61 -0.40 25.06 -19.51
N PRO A 62 -0.48 25.24 -18.18
CA PRO A 62 -0.27 24.14 -17.23
C PRO A 62 -1.43 23.19 -17.16
N LYS A 63 -1.14 21.94 -16.84
CA LYS A 63 -2.19 20.96 -16.72
C LYS A 63 -2.00 20.23 -15.40
N VAL A 64 -3.12 19.93 -14.73
CA VAL A 64 -3.10 19.31 -13.41
C VAL A 64 -3.92 18.02 -13.37
N VAL A 65 -3.34 16.97 -12.78
CA VAL A 65 -4.05 15.70 -12.65
C VAL A 65 -3.92 15.24 -11.21
N ASN A 66 -4.98 14.67 -10.67
CA ASN A 66 -4.99 14.25 -9.28
C ASN A 66 -4.57 12.82 -9.15
N TYR A 67 -3.87 12.51 -8.07
CA TYR A 67 -3.49 11.14 -7.84
C TYR A 67 -3.80 10.84 -6.38
N GLU A 68 -4.49 9.73 -6.16
CA GLU A 68 -4.94 9.35 -4.84
C GLU A 68 -3.80 8.76 -3.99
N ALA A 69 -2.94 7.94 -4.60
CA ALA A 69 -1.89 7.24 -3.87
C ALA A 69 -0.50 7.75 -4.27
N GLY A 70 0.44 7.74 -3.31
CA GLY A 70 1.80 8.23 -3.54
C GLY A 70 2.85 7.45 -2.76
N GLU A 71 4.13 7.75 -3.01
CA GLU A 71 5.22 6.96 -2.43
C GLU A 71 6.15 7.79 -1.54
N TRP A 72 6.63 7.20 -0.45
CA TRP A 72 7.62 7.89 0.41
C TRP A 72 8.89 8.22 -0.34
N ALA A 73 9.27 9.49 -0.26
CA ALA A 73 10.41 9.98 -0.99
C ALA A 73 11.52 10.17 0.03
N GLU A 74 12.69 9.66 -0.33
CA GLU A 74 13.88 9.84 0.45
C GLU A 74 14.37 11.28 0.30
N ASN A 75 14.27 11.81 -0.90
CA ASN A 75 14.72 13.18 -1.20
C ASN A 75 13.61 14.04 -1.77
N CYS A 76 13.50 15.26 -1.23
CA CYS A 76 12.53 16.23 -1.73
C CYS A 76 13.16 17.61 -1.91
N TYR A 77 12.56 18.40 -2.80
CA TYR A 77 13.15 19.67 -3.21
C TYR A 77 12.18 20.84 -2.97
N ASN A 78 12.67 21.90 -2.32
CA ASN A 78 11.91 23.14 -2.17
C ASN A 78 12.64 24.33 -2.82
N LEU A 79 11.89 25.14 -3.58
CA LEU A 79 12.51 26.21 -4.38
C LEU A 79 12.13 27.65 -4.06
N ASP A 80 13.15 28.45 -3.77
CA ASP A 80 13.07 29.92 -3.79
C ASP A 80 14.05 30.45 -4.82
N ILE A 81 13.51 30.92 -5.93
CA ILE A 81 14.35 31.33 -7.04
C ILE A 81 13.87 32.69 -7.52
N LYS A 82 14.79 33.63 -7.62
CA LYS A 82 14.49 34.99 -8.09
C LYS A 82 15.41 35.40 -9.24
N LYS A 83 15.14 36.56 -9.82
CA LYS A 83 15.93 37.03 -10.95
C LYS A 83 16.93 38.06 -10.45
N ALA A 84 17.77 38.56 -11.35
CA ALA A 84 18.70 39.61 -11.01
C ALA A 84 18.00 40.90 -10.55
N ASP A 85 16.77 41.13 -11.02
CA ASP A 85 16.02 42.31 -10.58
C ASP A 85 15.26 42.06 -9.28
N GLY A 86 15.39 40.84 -8.75
CA GLY A 86 14.72 40.46 -7.52
C GLY A 86 13.31 39.93 -7.70
N SER A 87 12.83 39.92 -8.94
CA SER A 87 11.50 39.41 -9.25
C SER A 87 11.44 37.89 -9.11
N GLU A 88 10.26 37.37 -8.83
CA GLU A 88 10.05 35.95 -8.55
C GLU A 88 9.84 35.09 -9.83
N CYS A 89 10.68 34.07 -9.96
CA CYS A 89 10.70 33.13 -11.09
C CYS A 89 9.49 32.21 -11.16
N LEU A 90 9.05 31.70 -10.01
CA LEU A 90 7.95 30.74 -9.99
C LEU A 90 6.71 31.43 -9.45
N PRO A 91 5.53 30.99 -9.89
CA PRO A 91 4.27 31.58 -9.42
C PRO A 91 3.86 31.13 -8.02
N GLU A 92 3.00 31.92 -7.38
CA GLU A 92 2.51 31.58 -6.06
C GLU A 92 1.63 30.34 -6.17
N ALA A 93 1.62 29.54 -5.11
CA ALA A 93 0.85 28.31 -5.08
C ALA A 93 -0.64 28.55 -5.14
N PRO A 94 -1.33 27.81 -6.03
CA PRO A 94 -2.77 28.02 -6.10
C PRO A 94 -3.45 27.43 -4.87
N GLU A 95 -4.70 27.82 -4.65
CA GLU A 95 -5.48 27.32 -3.52
C GLU A 95 -5.74 25.82 -3.62
N GLY A 96 -5.73 25.10 -2.50
CA GLY A 96 -5.95 23.67 -2.54
C GLY A 96 -4.72 22.81 -2.77
N VAL A 97 -3.60 23.44 -3.03
CA VAL A 97 -2.36 22.73 -3.29
C VAL A 97 -1.47 22.86 -2.06
N ARG A 98 -0.91 21.73 -1.63
CA ARG A 98 -0.08 21.70 -0.44
C ARG A 98 1.20 20.96 -0.79
N GLY A 99 2.19 21.06 0.09
CA GLY A 99 3.47 20.42 -0.11
C GLY A 99 3.35 18.91 -0.02
N PHE A 100 4.41 18.20 -0.41
CA PHE A 100 4.43 16.74 -0.39
C PHE A 100 4.33 16.27 1.04
N PRO A 101 3.42 15.31 1.32
CA PRO A 101 3.21 14.88 2.70
C PRO A 101 4.36 14.11 3.35
N ARG A 102 4.98 13.20 2.62
CA ARG A 102 6.00 12.35 3.21
C ARG A 102 7.36 12.61 2.59
N CYS A 103 8.23 13.26 3.36
CA CYS A 103 9.59 13.48 2.93
C CYS A 103 10.52 13.28 4.11
N ARG A 104 11.47 12.36 3.95
CA ARG A 104 12.45 12.09 4.97
C ARG A 104 13.52 13.19 5.00
N TYR A 105 13.91 13.64 3.81
CA TYR A 105 14.87 14.73 3.68
C TYR A 105 14.39 15.77 2.68
N VAL A 106 14.42 17.02 3.11
CA VAL A 106 14.02 18.16 2.29
C VAL A 106 15.23 19.02 1.94
N HIS A 107 15.59 18.99 0.67
CA HIS A 107 16.70 19.76 0.13
C HIS A 107 16.18 21.13 -0.24
N LYS A 108 16.81 22.16 0.28
CA LYS A 108 16.38 23.51 0.01
C LYS A 108 17.38 24.21 -0.89
N VAL A 109 16.88 24.66 -2.04
CA VAL A 109 17.72 25.39 -2.98
C VAL A 109 17.19 26.81 -3.11
N SER A 110 17.98 27.76 -2.60
CA SER A 110 17.71 29.19 -2.73
C SER A 110 18.85 29.80 -3.53
N GLY A 111 18.59 30.19 -4.76
CA GLY A 111 19.64 30.70 -5.61
C GLY A 111 19.18 31.58 -6.75
N THR A 112 20.14 32.26 -7.35
CA THR A 112 19.89 33.10 -8.52
C THR A 112 20.03 32.21 -9.75
N GLY A 113 19.12 32.42 -10.70
CA GLY A 113 19.05 31.62 -11.91
C GLY A 113 18.60 32.45 -13.08
N PRO A 114 18.77 31.92 -14.31
CA PRO A 114 18.43 32.70 -15.50
C PRO A 114 16.94 33.08 -15.64
N CYS A 115 16.01 32.15 -15.41
CA CYS A 115 14.57 32.49 -15.41
C CYS A 115 14.07 33.30 -16.61
N PRO A 116 14.27 32.81 -17.81
CA PRO A 116 13.81 33.55 -18.99
C PRO A 116 12.43 33.10 -19.44
N GLU A 117 11.72 32.34 -18.60
CA GLU A 117 10.45 31.77 -19.02
C GLU A 117 9.33 32.03 -18.01
N GLY A 118 8.10 31.81 -18.45
CA GLY A 118 6.97 31.97 -17.56
C GLY A 118 6.78 30.75 -16.67
N TYR A 119 6.84 29.54 -17.22
CA TYR A 119 6.59 28.41 -16.31
C TYR A 119 7.73 27.37 -16.31
N ALA A 120 7.78 26.52 -15.28
CA ALA A 120 8.83 25.50 -15.19
C ALA A 120 8.37 24.05 -15.44
N PHE A 121 9.01 23.38 -16.39
CA PHE A 121 8.64 22.02 -16.78
C PHE A 121 9.79 21.01 -16.63
N HIS A 122 9.46 19.72 -16.58
CA HIS A 122 10.45 18.65 -16.45
C HIS A 122 10.88 18.17 -17.85
N LYS A 123 12.18 18.08 -18.14
CA LYS A 123 12.57 17.68 -19.49
C LYS A 123 12.20 16.24 -19.92
N GLU A 124 12.46 15.25 -19.07
CA GLU A 124 12.12 13.86 -19.42
C GLU A 124 10.59 13.66 -19.41
N GLY A 125 9.86 14.58 -18.80
CA GLY A 125 8.41 14.48 -18.73
C GLY A 125 7.82 13.87 -17.47
N ALA A 126 8.65 13.61 -16.46
CA ALA A 126 8.16 13.04 -15.22
C ALA A 126 7.38 14.19 -14.56
N PHE A 127 6.24 13.88 -13.96
CA PHE A 127 5.38 14.86 -13.28
C PHE A 127 5.95 15.33 -11.93
N PHE A 128 5.56 16.54 -11.49
CA PHE A 128 5.99 17.02 -10.18
C PHE A 128 4.90 16.72 -9.16
N LEU A 129 5.23 15.86 -8.21
CA LEU A 129 4.27 15.45 -7.20
C LEU A 129 3.99 16.57 -6.19
N TYR A 130 2.74 16.61 -5.72
CA TYR A 130 2.26 17.56 -4.73
C TYR A 130 1.26 16.82 -3.85
N ASP A 131 0.45 17.56 -3.12
CA ASP A 131 -0.50 16.92 -2.24
C ASP A 131 -1.74 16.51 -3.05
N ARG A 132 -1.78 15.22 -3.36
CA ARG A 132 -2.87 14.57 -4.09
C ARG A 132 -3.17 15.28 -5.40
N LEU A 133 -2.19 16.04 -5.88
CA LEU A 133 -2.26 16.74 -7.15
C LEU A 133 -0.95 16.68 -7.89
N ALA A 134 -0.93 16.02 -9.05
CA ALA A 134 0.28 16.03 -9.85
C ALA A 134 0.22 17.19 -10.84
N SER A 135 1.32 17.95 -10.91
CA SER A 135 1.41 19.11 -11.78
C SER A 135 2.67 19.08 -12.63
N THR A 136 2.58 19.64 -13.84
CA THR A 136 3.72 19.65 -14.74
C THR A 136 4.64 20.83 -14.45
N ILE A 137 4.15 21.80 -13.69
CA ILE A 137 4.93 23.01 -13.38
C ILE A 137 5.25 23.20 -11.91
N ILE A 138 6.47 23.67 -11.64
CA ILE A 138 6.91 23.89 -10.28
C ILE A 138 6.26 25.14 -9.69
N TYR A 139 6.08 25.09 -8.39
CA TYR A 139 5.50 26.19 -7.63
C TYR A 139 6.50 26.68 -6.59
N ARG A 140 6.50 27.98 -6.37
CA ARG A 140 7.45 28.60 -5.49
C ARG A 140 7.15 28.12 -4.09
N SER A 141 8.19 27.82 -3.33
CA SER A 141 8.05 27.48 -1.92
C SER A 141 7.20 26.26 -1.60
N THR A 142 7.19 25.26 -2.49
CA THR A 142 6.38 24.09 -2.24
C THR A 142 7.24 22.85 -2.38
N THR A 143 7.30 22.05 -1.31
CA THR A 143 8.09 20.82 -1.33
C THR A 143 7.47 19.78 -2.27
N PHE A 144 8.32 19.21 -3.12
CA PHE A 144 7.86 18.26 -4.14
C PHE A 144 8.85 17.11 -4.36
N SER A 145 8.36 16.07 -5.02
CA SER A 145 9.18 14.94 -5.42
C SER A 145 8.93 14.69 -6.91
N GLU A 146 9.89 14.09 -7.58
CA GLU A 146 9.72 13.78 -9.00
C GLU A 146 9.09 12.41 -9.19
N GLY A 147 7.97 12.35 -9.89
CA GLY A 147 7.31 11.08 -10.12
C GLY A 147 6.42 10.92 -11.36
N VAL A 148 5.68 9.82 -11.38
CA VAL A 148 4.76 9.51 -12.48
C VAL A 148 3.44 8.96 -11.92
N VAL A 149 2.40 8.95 -12.74
CA VAL A 149 1.09 8.48 -12.29
C VAL A 149 0.60 7.34 -13.16
N ALA A 150 -0.05 6.36 -12.52
CA ALA A 150 -0.64 5.21 -13.19
C ALA A 150 -2.07 4.96 -12.73
N PHE A 151 -2.83 4.24 -13.54
CA PHE A 151 -4.20 3.93 -13.17
C PHE A 151 -4.39 2.41 -13.15
N LEU A 152 -4.86 1.93 -12.00
CA LEU A 152 -5.00 0.50 -11.74
C LEU A 152 -6.32 0.05 -11.15
N ILE A 153 -6.60 -1.24 -11.36
CA ILE A 153 -7.77 -1.88 -10.83
C ILE A 153 -7.44 -2.79 -9.64
N LEU A 154 -8.10 -2.50 -8.52
CA LEU A 154 -7.91 -3.22 -7.27
C LEU A 154 -9.01 -4.25 -7.07
N PRO A 155 -8.64 -5.50 -6.80
CA PRO A 155 -9.64 -6.54 -6.55
C PRO A 155 -10.15 -6.54 -5.11
N GLU A 156 -11.43 -6.87 -4.93
CA GLU A 156 -12.11 -6.76 -3.63
C GLU A 156 -11.94 -7.95 -2.69
N THR A 157 -11.77 -9.15 -3.27
CA THR A 157 -11.83 -10.40 -2.49
C THR A 157 -10.67 -10.58 -1.48
N LYS A 158 -9.52 -9.98 -1.76
CA LYS A 158 -8.37 -10.01 -0.84
C LYS A 158 -7.58 -8.71 -0.97
N LYS A 159 -7.61 -7.88 0.07
CA LYS A 159 -7.10 -6.51 -0.02
C LYS A 159 -5.57 -6.41 0.02
N ASP A 160 -4.97 -6.41 -1.15
CA ASP A 160 -3.55 -6.10 -1.31
C ASP A 160 -3.37 -4.60 -1.07
N PHE A 161 -4.40 -3.81 -1.39
CA PHE A 161 -4.37 -2.36 -1.28
C PHE A 161 -5.66 -1.76 -0.72
N PHE A 162 -5.51 -0.97 0.34
CA PHE A 162 -6.61 -0.20 0.91
C PHE A 162 -7.78 -1.09 1.33
N ALA B 8 18.07 -3.33 -13.15
CA ALA B 8 18.76 -3.48 -11.88
C ALA B 8 18.70 -2.18 -11.09
N LYS B 9 18.07 -1.17 -11.68
CA LYS B 9 17.93 0.13 -11.02
C LYS B 9 16.56 0.24 -10.34
N CYS B 10 15.71 -0.74 -10.56
CA CYS B 10 14.37 -0.72 -9.98
C CYS B 10 14.44 -0.86 -8.46
N ASN B 11 13.51 -0.20 -7.78
CA ASN B 11 13.49 -0.37 -6.35
C ASN B 11 12.37 -1.36 -6.12
N PRO B 12 12.73 -2.54 -5.65
CA PRO B 12 11.76 -3.59 -5.40
C PRO B 12 10.77 -3.19 -4.34
N ASN B 13 11.28 -2.54 -3.32
CA ASN B 13 10.48 -2.07 -2.20
C ASN B 13 9.62 -0.88 -2.58
N LEU B 14 8.43 -0.80 -2.00
CA LEU B 14 7.49 0.29 -2.21
C LEU B 14 6.90 0.81 -0.92
N HIS B 15 7.37 1.97 -0.51
CA HIS B 15 6.86 2.69 0.66
C HIS B 15 5.95 3.82 0.24
N TYR B 16 4.64 3.63 0.48
CA TYR B 16 3.62 4.49 -0.07
C TYR B 16 2.83 5.27 1.00
N TRP B 17 2.62 6.56 0.68
CA TRP B 17 1.70 7.45 1.38
C TRP B 17 0.43 7.53 0.57
N THR B 18 -0.72 7.49 1.23
CA THR B 18 -1.99 7.47 0.54
C THR B 18 -3.11 8.09 1.36
N THR B 19 -4.28 8.19 0.75
CA THR B 19 -5.45 8.74 1.41
C THR B 19 -6.28 7.61 2.05
N GLN B 20 -7.25 7.98 2.85
CA GLN B 20 -8.09 6.99 3.50
C GLN B 20 -9.53 7.04 2.99
N ASP B 21 -10.03 5.90 2.54
CA ASP B 21 -11.39 5.81 2.03
C ASP B 21 -12.30 5.29 3.13
N GLU B 22 -12.02 4.08 3.59
CA GLU B 22 -12.80 3.48 4.65
C GLU B 22 -12.00 2.97 5.83
N GLY B 23 -10.69 3.23 5.84
CA GLY B 23 -9.80 2.80 6.89
C GLY B 23 -10.31 3.00 8.31
N ALA B 24 -10.63 4.24 8.66
CA ALA B 24 -11.14 4.55 9.99
C ALA B 24 -12.52 5.16 9.91
N ALA B 25 -13.55 4.31 9.87
CA ALA B 25 -14.92 4.78 9.77
C ALA B 25 -15.56 4.83 11.14
N ILE B 26 -14.79 5.36 12.09
CA ILE B 26 -15.25 5.47 13.48
C ILE B 26 -16.35 6.51 13.83
N GLY B 27 -16.42 7.62 13.10
CA GLY B 27 -17.60 8.46 13.15
C GLY B 27 -17.38 9.78 13.88
N LEU B 28 -16.14 10.10 14.23
CA LEU B 28 -15.83 11.34 14.96
C LEU B 28 -14.57 12.11 14.53
N ALA B 29 -13.81 11.58 13.59
CA ALA B 29 -12.70 12.38 13.05
C ALA B 29 -13.12 13.08 11.77
N TRP B 30 -14.33 12.82 11.30
CA TRP B 30 -14.73 13.42 10.05
C TRP B 30 -15.00 14.91 10.30
N ILE B 31 -15.40 15.27 11.52
CA ILE B 31 -15.65 16.69 11.74
C ILE B 31 -14.36 17.47 11.55
N PRO B 32 -14.42 18.53 10.73
CA PRO B 32 -13.19 19.24 10.42
C PRO B 32 -12.57 19.99 11.60
N TYR B 33 -13.40 20.44 12.53
CA TYR B 33 -12.92 21.21 13.66
C TYR B 33 -12.04 20.44 14.60
N PHE B 34 -12.50 19.27 14.99
CA PHE B 34 -11.69 18.42 15.84
C PHE B 34 -10.87 17.46 15.00
N GLY B 35 -11.01 17.57 13.68
CA GLY B 35 -10.30 16.68 12.80
C GLY B 35 -8.81 17.03 12.75
N PRO B 36 -8.01 16.12 12.20
CA PRO B 36 -6.56 16.28 12.11
C PRO B 36 -6.20 17.30 11.04
N ALA B 37 -4.98 17.83 11.11
CA ALA B 37 -4.51 18.78 10.12
C ALA B 37 -4.25 18.08 8.79
N ALA B 38 -4.19 18.85 7.71
CA ALA B 38 -3.99 18.31 6.37
C ALA B 38 -2.74 17.44 6.30
N GLU B 39 -1.75 17.79 7.10
CA GLU B 39 -0.48 17.09 7.13
C GLU B 39 -0.52 15.68 7.76
N GLY B 40 -1.42 15.47 8.72
CA GLY B 40 -1.50 14.24 9.48
C GLY B 40 -2.53 13.22 9.03
N ILE B 41 -3.31 13.57 8.01
CA ILE B 41 -4.40 12.75 7.50
C ILE B 41 -3.97 11.49 6.72
N TYR B 42 -2.81 11.54 6.11
CA TYR B 42 -2.36 10.47 5.24
C TYR B 42 -1.97 9.20 6.00
N THR B 43 -2.07 8.08 5.30
CA THR B 43 -1.72 6.78 5.85
C THR B 43 -0.49 6.24 5.12
N GLU B 44 0.19 5.30 5.75
CA GLU B 44 1.40 4.69 5.19
C GLU B 44 1.19 3.20 5.02
N GLY B 45 1.80 2.66 3.98
CA GLY B 45 1.77 1.24 3.72
C GLY B 45 2.96 0.79 2.92
N ILE B 46 3.28 -0.49 3.00
CA ILE B 46 4.46 -1.04 2.36
C ILE B 46 4.20 -2.34 1.60
N MET B 47 4.61 -2.33 0.35
CA MET B 47 4.57 -3.55 -0.44
C MET B 47 5.95 -3.92 -0.94
N HIS B 48 6.31 -5.17 -0.66
CA HIS B 48 7.65 -5.65 -0.92
C HIS B 48 7.71 -7.15 -1.14
N ASN B 49 8.93 -7.61 -1.39
CA ASN B 49 9.29 -9.00 -1.58
C ASN B 49 8.59 -9.49 -2.85
N GLN B 50 8.29 -8.55 -3.73
CA GLN B 50 7.71 -8.85 -5.04
C GLN B 50 8.47 -8.03 -6.08
N ASN B 51 9.32 -8.70 -6.85
CA ASN B 51 10.07 -8.03 -7.91
C ASN B 51 9.25 -7.60 -9.13
N GLY B 52 8.42 -8.52 -9.62
CA GLY B 52 7.60 -8.27 -10.79
C GLY B 52 6.48 -7.25 -10.68
N LEU B 53 5.73 -7.34 -9.59
CA LEU B 53 4.60 -6.45 -9.35
C LEU B 53 5.03 -5.00 -9.17
N ILE B 54 6.13 -4.81 -8.45
CA ILE B 54 6.63 -3.48 -8.15
C ILE B 54 7.37 -2.88 -9.33
N CYS B 55 8.28 -3.64 -9.94
CA CYS B 55 9.09 -3.10 -11.02
C CYS B 55 8.27 -2.86 -12.28
N GLY B 56 7.33 -3.76 -12.58
CA GLY B 56 6.52 -3.60 -13.77
C GLY B 56 5.65 -2.36 -13.73
N LEU B 57 5.15 -1.97 -12.54
CA LEU B 57 4.28 -0.76 -12.37
C LEU B 57 4.88 0.64 -12.62
N ARG B 58 6.01 0.98 -11.96
CA ARG B 58 6.78 2.14 -12.36
C ARG B 58 6.86 2.19 -13.87
N GLN B 59 6.88 0.99 -14.49
CA GLN B 59 6.91 0.97 -15.95
C GLN B 59 5.60 1.44 -16.59
N LEU B 60 4.48 1.07 -15.98
CA LEU B 60 3.20 1.44 -16.58
C LEU B 60 3.00 2.94 -16.49
N ALA B 61 3.33 3.52 -15.33
CA ALA B 61 3.12 4.96 -15.13
C ALA B 61 4.02 5.77 -16.05
N ASN B 62 5.23 5.22 -16.20
CA ASN B 62 6.22 5.78 -17.09
C ASN B 62 5.79 5.83 -18.54
N GLU B 63 5.12 4.78 -19.00
CA GLU B 63 4.60 4.78 -20.37
C GLU B 63 3.30 5.55 -20.53
N THR B 64 2.49 5.52 -19.47
CA THR B 64 1.21 6.21 -19.41
C THR B 64 1.37 7.70 -19.50
N THR B 65 2.54 8.18 -19.06
CA THR B 65 2.79 9.60 -19.04
C THR B 65 2.60 10.15 -20.46
N GLN B 66 3.00 9.35 -21.44
CA GLN B 66 2.89 9.70 -22.86
C GLN B 66 1.45 9.97 -23.34
N ALA B 67 0.58 8.98 -23.20
CA ALA B 67 -0.80 9.09 -23.65
C ALA B 67 -1.54 10.14 -22.83
N LEU B 68 -1.15 10.24 -21.57
CA LEU B 68 -1.75 11.20 -20.66
C LEU B 68 -1.46 12.66 -20.99
N GLN B 69 -0.25 12.94 -21.44
CA GLN B 69 0.12 14.30 -21.80
C GLN B 69 -0.71 14.88 -22.94
N LEU B 70 -0.91 14.09 -23.99
CA LEU B 70 -1.70 14.59 -25.11
C LEU B 70 -3.12 14.88 -24.66
N PHE B 71 -3.61 14.11 -23.69
CA PHE B 71 -4.95 14.37 -23.19
C PHE B 71 -5.00 15.67 -22.41
N LEU B 72 -3.99 15.92 -21.59
CA LEU B 72 -4.00 17.15 -20.82
C LEU B 72 -3.94 18.34 -21.76
N ARG B 73 -3.21 18.17 -22.86
CA ARG B 73 -3.12 19.21 -23.85
C ARG B 73 -4.46 19.42 -24.57
N ALA B 74 -5.18 18.32 -24.77
CA ALA B 74 -6.46 18.32 -25.50
C ALA B 74 -7.59 18.95 -24.73
N THR B 75 -7.62 18.66 -23.44
CA THR B 75 -8.65 19.19 -22.57
C THR B 75 -8.21 20.58 -22.19
N THR B 76 -9.16 21.50 -22.22
CA THR B 76 -8.92 22.88 -21.84
C THR B 76 -9.09 23.08 -20.35
N GLU B 77 -9.63 22.08 -19.66
CA GLU B 77 -9.81 22.16 -18.22
C GLU B 77 -8.45 22.31 -17.55
N LEU B 78 -8.36 23.27 -16.62
CA LEU B 78 -7.12 23.48 -15.90
C LEU B 78 -6.80 22.26 -15.04
N ARG B 79 -7.85 21.68 -14.45
CA ARG B 79 -7.71 20.51 -13.60
C ARG B 79 -8.73 19.44 -13.99
N THR B 80 -8.25 18.28 -14.40
CA THR B 80 -9.11 17.19 -14.86
C THR B 80 -9.08 16.07 -13.83
N PHE B 81 -10.17 15.91 -13.08
CA PHE B 81 -10.27 14.82 -12.13
C PHE B 81 -11.07 13.65 -12.68
N SER B 82 -11.58 13.82 -13.89
CA SER B 82 -12.47 12.84 -14.51
C SER B 82 -11.83 11.76 -15.40
N ILE B 83 -10.51 11.74 -15.48
CA ILE B 83 -9.85 10.75 -16.34
C ILE B 83 -10.15 9.32 -15.88
N LEU B 84 -10.03 9.07 -14.58
CA LEU B 84 -10.24 7.73 -14.06
C LEU B 84 -11.68 7.35 -14.20
N ASN B 85 -12.52 8.32 -13.88
CA ASN B 85 -13.92 8.05 -13.99
C ASN B 85 -14.33 7.86 -15.44
N ARG B 86 -13.68 8.58 -16.37
CA ARG B 86 -14.04 8.43 -17.78
C ARG B 86 -13.72 7.02 -18.19
N LYS B 87 -12.61 6.52 -17.65
CA LYS B 87 -12.19 5.17 -17.97
C LYS B 87 -13.29 4.22 -17.49
N ALA B 88 -13.88 4.54 -16.33
CA ALA B 88 -14.98 3.73 -15.81
C ALA B 88 -16.17 3.75 -16.75
N ILE B 89 -16.40 4.90 -17.39
CA ILE B 89 -17.49 5.01 -18.34
C ILE B 89 -17.27 4.13 -19.57
N ASP B 90 -16.04 4.20 -20.06
CA ASP B 90 -15.62 3.45 -21.22
C ASP B 90 -15.73 1.94 -21.00
N PHE B 91 -15.42 1.51 -19.79
CA PHE B 91 -15.52 0.08 -19.45
C PHE B 91 -16.92 -0.45 -19.69
N LEU B 92 -17.91 0.25 -19.18
CA LEU B 92 -19.29 -0.18 -19.32
C LEU B 92 -19.74 -0.07 -20.78
N LEU B 93 -19.27 1.01 -21.43
CA LEU B 93 -19.67 1.24 -22.82
C LEU B 93 -19.18 0.20 -23.82
N GLN B 94 -17.99 -0.38 -23.58
CA GLN B 94 -17.42 -1.32 -24.55
C GLN B 94 -18.28 -2.60 -24.62
N ARG B 95 -18.78 -3.01 -23.46
CA ARG B 95 -19.58 -4.23 -23.35
C ARG B 95 -21.08 -4.03 -23.57
N TRP B 96 -21.72 -3.31 -22.65
CA TRP B 96 -23.16 -3.10 -22.72
C TRP B 96 -23.65 -1.99 -23.65
N GLY B 97 -22.72 -1.27 -24.24
CA GLY B 97 -23.03 -0.18 -25.15
C GLY B 97 -23.81 -0.65 -26.36
N GLY B 98 -23.43 -1.83 -26.87
CA GLY B 98 -24.04 -2.42 -28.06
C GLY B 98 -24.86 -3.67 -27.79
N THR B 99 -25.89 -3.89 -28.60
CA THR B 99 -26.78 -5.02 -28.44
C THR B 99 -26.00 -6.18 -27.82
N CYS B 100 -26.54 -6.75 -26.75
CA CYS B 100 -25.84 -7.85 -26.10
C CYS B 100 -26.41 -9.21 -26.52
N HIS B 101 -25.62 -9.98 -27.28
CA HIS B 101 -26.03 -11.27 -27.79
C HIS B 101 -25.57 -12.44 -26.91
N ILE B 102 -26.48 -13.35 -26.57
CA ILE B 102 -26.13 -14.49 -25.72
C ILE B 102 -25.09 -15.36 -26.44
N LEU B 103 -24.06 -15.80 -25.71
CA LEU B 103 -22.96 -16.61 -26.25
C LEU B 103 -22.19 -15.89 -27.35
N GLY B 104 -22.05 -14.57 -27.24
CA GLY B 104 -21.26 -13.82 -28.20
C GLY B 104 -19.87 -13.46 -27.72
N PRO B 105 -18.96 -13.18 -28.64
CA PRO B 105 -17.59 -12.80 -28.25
C PRO B 105 -17.59 -11.50 -27.43
N ASP B 106 -18.38 -10.50 -27.83
CA ASP B 106 -18.39 -9.22 -27.09
C ASP B 106 -19.24 -9.18 -25.81
N CYS B 107 -20.42 -9.77 -25.87
CA CYS B 107 -21.38 -9.80 -24.76
C CYS B 107 -21.04 -10.73 -23.60
N CYS B 108 -21.12 -10.19 -22.39
CA CYS B 108 -20.81 -10.98 -21.19
C CYS B 108 -22.05 -11.70 -20.68
N ILE B 109 -22.48 -12.71 -21.43
CA ILE B 109 -23.66 -13.50 -21.09
C ILE B 109 -23.40 -14.98 -21.26
N GLU B 110 -23.64 -15.74 -20.19
CA GLU B 110 -23.43 -17.18 -20.19
C GLU B 110 -24.69 -17.88 -19.71
N PRO B 111 -25.10 -18.91 -20.44
CA PRO B 111 -26.28 -19.71 -20.10
C PRO B 111 -26.00 -20.78 -19.05
N ILE C 1 -20.74 6.29 0.68
CA ILE C 1 -21.71 7.31 1.03
C ILE C 1 -23.11 6.71 1.05
N PRO C 2 -23.86 6.97 2.13
CA PRO C 2 -25.21 6.41 2.33
C PRO C 2 -26.15 6.95 1.27
N LEU C 3 -27.04 6.08 0.79
CA LEU C 3 -28.01 6.46 -0.22
C LEU C 3 -29.42 5.98 0.11
N GLY C 4 -30.33 6.92 0.33
CA GLY C 4 -31.72 6.58 0.62
C GLY C 4 -32.56 6.43 -0.63
N VAL C 5 -33.53 5.53 -0.56
CA VAL C 5 -34.48 5.28 -1.65
C VAL C 5 -35.93 5.43 -1.20
N VAL C 6 -36.74 5.93 -2.13
CA VAL C 6 -38.19 6.17 -2.02
C VAL C 6 -38.91 5.28 -3.03
N HIS C 7 -39.71 4.34 -2.53
CA HIS C 7 -40.43 3.43 -3.42
C HIS C 7 -41.90 3.80 -3.53
N ASN C 8 -42.67 3.73 -2.47
CA ASN C 8 -44.05 4.10 -2.66
C ASN C 8 -44.52 5.08 -1.57
N ASN C 9 -43.74 6.15 -1.47
CA ASN C 9 -43.73 7.19 -0.44
C ASN C 9 -43.25 6.87 0.98
N THR C 10 -42.30 5.95 1.13
CA THR C 10 -41.71 5.75 2.46
C THR C 10 -40.24 5.48 2.23
N LEU C 11 -39.34 6.25 2.82
CA LEU C 11 -37.94 6.03 2.48
C LEU C 11 -37.34 4.76 3.10
N GLN C 12 -36.90 3.78 2.31
CA GLN C 12 -36.08 2.70 2.86
C GLN C 12 -34.64 2.81 2.39
N VAL C 13 -33.71 2.32 3.18
CA VAL C 13 -32.33 2.48 2.78
C VAL C 13 -31.88 1.14 2.15
N SER C 14 -31.17 1.29 1.04
CA SER C 14 -30.58 0.26 0.21
C SER C 14 -29.11 0.22 0.57
N ASP C 15 -28.67 -0.89 1.17
CA ASP C 15 -27.28 -1.00 1.53
C ASP C 15 -26.53 -1.45 0.27
N ILE C 16 -25.28 -1.02 0.20
CA ILE C 16 -24.37 -1.24 -0.92
C ILE C 16 -24.02 -2.68 -1.27
N ASP C 17 -23.73 -3.54 -0.31
CA ASP C 17 -23.42 -4.92 -0.68
C ASP C 17 -24.71 -5.50 -1.29
N LYS C 18 -25.86 -5.18 -0.68
CA LYS C 18 -27.15 -5.67 -1.15
C LYS C 18 -27.44 -5.14 -2.55
N LEU C 19 -28.20 -5.90 -3.34
CA LEU C 19 -28.53 -5.46 -4.69
C LEU C 19 -30.00 -5.71 -5.11
N VAL C 20 -30.76 -4.64 -5.31
CA VAL C 20 -32.16 -4.77 -5.73
C VAL C 20 -32.29 -4.37 -7.20
N CYS C 21 -32.71 -5.32 -8.03
CA CYS C 21 -32.92 -5.07 -9.46
C CYS C 21 -34.25 -4.38 -9.71
N ARG C 22 -35.17 -4.57 -8.77
CA ARG C 22 -36.52 -4.07 -8.91
C ARG C 22 -36.48 -2.53 -8.87
N ASP C 23 -35.54 -2.00 -8.10
CA ASP C 23 -35.34 -0.56 -8.06
C ASP C 23 -34.92 -0.11 -9.46
N LYS C 24 -35.49 0.98 -9.94
CA LYS C 24 -35.23 1.44 -11.31
C LYS C 24 -34.61 2.83 -11.39
N LEU C 25 -33.50 2.94 -12.10
CA LEU C 25 -32.91 4.25 -12.36
C LEU C 25 -33.02 4.60 -13.84
N SER C 26 -33.95 5.50 -14.16
CA SER C 26 -34.20 5.87 -15.55
C SER C 26 -33.25 6.97 -16.02
N SER C 27 -32.96 7.93 -15.14
CA SER C 27 -32.17 9.08 -15.55
C SER C 27 -31.43 9.72 -14.38
N THR C 28 -30.50 10.61 -14.73
CA THR C 28 -29.73 11.34 -13.74
C THR C 28 -30.58 12.35 -12.99
N SER C 29 -31.69 12.74 -13.63
CA SER C 29 -32.58 13.70 -13.02
C SER C 29 -33.21 13.17 -11.74
N GLN C 30 -33.35 11.85 -11.66
CA GLN C 30 -33.92 11.20 -10.48
C GLN C 30 -33.10 11.45 -9.23
N LEU C 31 -31.78 11.41 -9.39
CA LEU C 31 -30.82 11.65 -8.32
C LEU C 31 -30.69 13.10 -7.87
N ALA C 32 -30.62 13.32 -6.56
CA ALA C 32 -30.58 14.70 -6.08
C ALA C 32 -29.83 14.94 -4.76
N SER C 33 -29.19 16.11 -4.64
CA SER C 33 -28.48 16.50 -3.41
C SER C 33 -29.22 17.67 -2.74
N VAL C 34 -29.63 17.47 -1.50
CA VAL C 34 -30.45 18.41 -0.72
C VAL C 34 -29.86 18.91 0.60
N GLY C 35 -29.70 20.22 0.78
CA GLY C 35 -29.35 20.72 2.10
C GLY C 35 -30.60 20.96 2.95
N LEU C 36 -30.47 20.71 4.26
CA LEU C 36 -31.53 20.90 5.25
C LEU C 36 -31.02 21.70 6.44
N ASN C 37 -31.74 22.76 6.82
CA ASN C 37 -31.27 23.64 7.90
C ASN C 37 -31.51 23.06 9.30
N LEU C 38 -30.69 23.49 10.26
CA LEU C 38 -30.80 23.04 11.64
C LEU C 38 -32.05 23.49 12.40
N GLU C 39 -32.71 24.52 11.90
CA GLU C 39 -33.94 25.03 12.52
C GLU C 39 -34.98 23.95 12.71
N GLY C 40 -35.07 23.05 11.73
CA GLY C 40 -35.99 21.93 11.79
C GLY C 40 -35.73 20.96 12.92
N ASN C 41 -34.49 20.91 13.41
CA ASN C 41 -34.15 19.91 14.42
C ASN C 41 -34.34 20.41 15.85
N GLY C 42 -34.92 21.61 16.00
CA GLY C 42 -35.30 22.12 17.30
C GLY C 42 -34.11 22.65 18.08
N VAL C 43 -32.99 22.87 17.41
CA VAL C 43 -31.83 23.46 18.06
C VAL C 43 -32.13 24.94 18.28
N ALA C 44 -31.43 25.56 19.22
CA ALA C 44 -31.68 26.96 19.50
C ALA C 44 -31.25 27.86 18.34
N THR C 45 -32.18 28.71 17.89
CA THR C 45 -31.95 29.57 16.74
C THR C 45 -31.49 30.97 17.12
N ASP C 46 -31.23 31.18 18.41
CA ASP C 46 -30.80 32.50 18.90
C ASP C 46 -29.29 32.64 18.77
N VAL C 47 -28.84 33.86 18.57
CA VAL C 47 -27.43 34.15 18.36
C VAL C 47 -26.43 33.65 19.44
N PRO C 48 -26.73 33.84 20.74
CA PRO C 48 -25.73 33.40 21.73
C PRO C 48 -25.31 31.93 21.68
N THR C 49 -26.26 31.03 21.39
CA THR C 49 -25.95 29.59 21.29
C THR C 49 -25.22 29.25 19.99
N ALA C 50 -25.57 29.98 18.94
CA ALA C 50 -25.03 29.79 17.61
C ALA C 50 -23.55 30.18 17.56
N THR C 51 -23.20 31.28 18.21
CA THR C 51 -21.80 31.71 18.18
C THR C 51 -21.00 30.69 18.96
N LYS C 52 -21.65 30.03 19.91
CA LYS C 52 -21.01 28.99 20.68
C LYS C 52 -20.79 27.71 19.88
N ARG C 53 -21.70 27.37 18.95
CA ARG C 53 -21.47 26.12 18.19
C ARG C 53 -20.30 26.20 17.21
N TRP C 54 -20.05 27.37 16.64
CA TRP C 54 -18.95 27.54 15.69
C TRP C 54 -17.58 27.76 16.33
N GLY C 55 -16.56 27.24 15.68
CA GLY C 55 -15.20 27.40 16.17
C GLY C 55 -14.16 27.38 15.06
N PHE C 56 -13.01 27.97 15.35
CA PHE C 56 -11.93 28.14 14.39
C PHE C 56 -10.86 27.04 14.41
N ARG C 57 -10.36 26.66 13.24
CA ARG C 57 -9.36 25.61 13.11
C ARG C 57 -8.44 25.91 11.90
N ALA C 58 -7.17 25.57 12.06
CA ALA C 58 -6.14 25.72 11.02
C ALA C 58 -5.61 24.36 10.59
N GLY C 59 -4.72 24.37 9.61
CA GLY C 59 -4.10 23.15 9.12
C GLY C 59 -5.09 22.30 8.35
N VAL C 60 -6.33 22.80 8.28
CA VAL C 60 -7.40 22.09 7.61
C VAL C 60 -7.88 22.92 6.42
N PRO C 61 -7.73 22.36 5.21
CA PRO C 61 -8.16 23.03 3.98
C PRO C 61 -9.67 23.04 3.86
N PRO C 62 -10.22 24.08 3.20
CA PRO C 62 -11.67 24.10 3.05
C PRO C 62 -12.14 23.13 1.98
N LYS C 63 -13.35 22.61 2.14
CA LYS C 63 -13.90 21.70 1.16
C LYS C 63 -15.30 22.15 0.77
N VAL C 64 -15.65 22.02 -0.52
CA VAL C 64 -16.93 22.49 -1.03
C VAL C 64 -17.73 21.41 -1.77
N VAL C 65 -19.02 21.31 -1.46
CA VAL C 65 -19.90 20.35 -2.10
C VAL C 65 -21.18 21.02 -2.57
N ASN C 66 -21.69 20.66 -3.74
CA ASN C 66 -22.88 21.34 -4.24
C ASN C 66 -24.19 20.65 -3.87
N TYR C 67 -25.22 21.45 -3.64
CA TYR C 67 -26.52 20.87 -3.35
C TYR C 67 -27.53 21.64 -4.18
N GLU C 68 -28.39 20.90 -4.89
CA GLU C 68 -29.33 21.54 -5.79
C GLU C 68 -30.49 22.16 -5.01
N ALA C 69 -30.99 21.46 -4.00
CA ALA C 69 -32.17 21.92 -3.29
C ALA C 69 -31.83 22.32 -1.86
N GLY C 70 -32.56 23.30 -1.34
CA GLY C 70 -32.34 23.83 0.00
C GLY C 70 -33.64 24.24 0.66
N GLU C 71 -33.60 24.61 1.94
CA GLU C 71 -34.82 24.87 2.70
C GLU C 71 -34.88 26.31 3.22
N TRP C 72 -36.09 26.87 3.21
CA TRP C 72 -36.33 28.21 3.74
C TRP C 72 -35.97 28.28 5.22
N ALA C 73 -35.14 29.26 5.54
CA ALA C 73 -34.65 29.38 6.90
C ALA C 73 -35.36 30.54 7.53
N GLU C 74 -35.86 30.26 8.72
CA GLU C 74 -36.45 31.29 9.55
C GLU C 74 -35.33 32.22 10.01
N ASN C 75 -34.16 31.61 10.29
CA ASN C 75 -32.98 32.34 10.75
C ASN C 75 -31.73 32.16 9.86
N CYS C 76 -31.16 33.30 9.47
CA CYS C 76 -29.99 33.34 8.62
C CYS C 76 -28.94 34.22 9.27
N TYR C 77 -27.68 33.84 9.07
CA TYR C 77 -26.59 34.52 9.63
C TYR C 77 -25.61 35.10 8.63
N ASN C 78 -25.34 36.39 8.82
CA ASN C 78 -24.35 37.10 8.02
C ASN C 78 -23.29 37.63 8.99
N LEU C 79 -22.01 37.43 8.67
CA LEU C 79 -20.95 37.78 9.61
C LEU C 79 -19.98 38.85 9.13
N ASP C 80 -19.85 39.92 9.89
CA ASP C 80 -18.73 40.85 9.77
C ASP C 80 -17.93 40.92 11.08
N ILE C 81 -16.74 40.32 11.11
CA ILE C 81 -15.98 40.23 12.36
C ILE C 81 -14.51 40.61 12.18
N LYS C 82 -14.00 41.52 13.00
CA LYS C 82 -12.58 41.90 12.90
C LYS C 82 -11.86 41.80 14.26
N LYS C 83 -10.54 42.02 14.25
CA LYS C 83 -9.75 41.92 15.48
C LYS C 83 -9.44 43.33 15.99
N ALA C 84 -8.77 43.44 17.13
CA ALA C 84 -8.37 44.75 17.63
C ALA C 84 -7.42 45.51 16.70
N ASP C 85 -6.63 44.80 15.90
CA ASP C 85 -5.75 45.48 14.95
C ASP C 85 -6.47 45.79 13.65
N GLY C 86 -7.73 45.39 13.59
CA GLY C 86 -8.57 45.60 12.41
C GLY C 86 -8.50 44.54 11.33
N SER C 87 -7.65 43.52 11.47
CA SER C 87 -7.59 42.47 10.46
C SER C 87 -8.80 41.54 10.42
N GLU C 88 -9.07 40.97 9.25
CA GLU C 88 -10.26 40.15 9.00
C GLU C 88 -10.09 38.66 9.33
N CYS C 89 -10.99 38.15 10.17
CA CYS C 89 -10.98 36.76 10.62
C CYS C 89 -11.35 35.80 9.48
N LEU C 90 -12.33 36.17 8.68
CA LEU C 90 -12.84 35.30 7.61
C LEU C 90 -12.39 35.83 6.25
N PRO C 91 -12.24 34.91 5.28
CA PRO C 91 -11.80 35.30 3.93
C PRO C 91 -12.89 35.92 3.08
N GLU C 92 -12.49 36.65 2.05
CA GLU C 92 -13.45 37.24 1.15
C GLU C 92 -14.11 36.10 0.42
N ALA C 93 -15.37 36.28 0.05
CA ALA C 93 -16.10 35.22 -0.62
C ALA C 93 -15.52 34.91 -1.98
N PRO C 94 -15.29 33.62 -2.25
CA PRO C 94 -14.73 33.30 -3.56
C PRO C 94 -15.79 33.50 -4.63
N GLU C 95 -15.38 33.59 -5.87
CA GLU C 95 -16.31 33.75 -6.98
C GLU C 95 -17.25 32.56 -7.20
N GLY C 96 -18.48 32.86 -7.60
CA GLY C 96 -19.50 31.86 -7.81
C GLY C 96 -20.29 31.52 -6.56
N VAL C 97 -19.90 32.08 -5.43
CA VAL C 97 -20.59 31.81 -4.17
C VAL C 97 -21.42 33.00 -3.73
N ARG C 98 -22.67 32.74 -3.35
CA ARG C 98 -23.57 33.81 -2.94
C ARG C 98 -24.26 33.43 -1.62
N GLY C 99 -24.90 34.42 -1.00
CA GLY C 99 -25.60 34.23 0.25
C GLY C 99 -26.83 33.36 0.08
N PHE C 100 -27.41 32.95 1.21
CA PHE C 100 -28.60 32.10 1.17
C PHE C 100 -29.74 32.89 0.56
N PRO C 101 -30.44 32.30 -0.41
CA PRO C 101 -31.52 33.00 -1.14
C PRO C 101 -32.75 33.31 -0.30
N ARG C 102 -33.20 32.37 0.50
CA ARG C 102 -34.39 32.59 1.28
C ARG C 102 -34.13 32.70 2.75
N CYS C 103 -34.16 33.93 3.26
CA CYS C 103 -33.96 34.15 4.67
C CYS C 103 -35.00 35.10 5.24
N ARG C 104 -35.73 34.62 6.25
CA ARG C 104 -36.69 35.45 6.96
C ARG C 104 -36.02 36.49 7.88
N TYR C 105 -34.97 36.06 8.57
CA TYR C 105 -34.24 36.96 9.45
C TYR C 105 -32.76 36.85 9.20
N VAL C 106 -32.12 37.98 8.96
CA VAL C 106 -30.69 38.00 8.76
C VAL C 106 -30.11 38.73 9.95
N HIS C 107 -29.42 37.97 10.80
CA HIS C 107 -28.79 38.53 11.98
C HIS C 107 -27.39 38.99 11.63
N LYS C 108 -27.10 40.25 11.91
CA LYS C 108 -25.78 40.78 11.62
C LYS C 108 -25.07 41.00 12.96
N VAL C 109 -23.93 40.33 13.15
CA VAL C 109 -23.15 40.51 14.38
C VAL C 109 -21.78 41.11 14.06
N SER C 110 -21.56 42.35 14.49
CA SER C 110 -20.25 42.99 14.35
C SER C 110 -19.51 43.40 15.63
N GLY C 111 -18.43 42.71 15.98
CA GLY C 111 -17.72 43.03 17.22
C GLY C 111 -16.30 42.50 17.12
N THR C 112 -15.40 42.95 17.99
CA THR C 112 -14.04 42.39 17.94
C THR C 112 -13.74 41.16 18.80
N GLY C 113 -13.03 40.19 18.24
CA GLY C 113 -12.74 39.00 19.01
C GLY C 113 -11.41 38.39 18.61
N PRO C 114 -10.86 37.51 19.46
CA PRO C 114 -9.57 36.87 19.20
C PRO C 114 -9.68 35.93 17.99
N CYS C 115 -8.84 36.01 16.95
CA CYS C 115 -8.94 34.97 15.93
C CYS C 115 -7.91 33.96 16.40
N PRO C 116 -8.35 32.74 16.76
CA PRO C 116 -7.35 31.74 17.13
C PRO C 116 -6.86 30.88 15.97
N GLU C 117 -7.59 30.94 14.87
CA GLU C 117 -7.35 30.19 13.63
C GLU C 117 -7.62 30.90 12.33
N GLY C 118 -7.16 30.28 11.25
CA GLY C 118 -7.34 30.78 9.90
C GLY C 118 -8.77 30.49 9.44
N TYR C 119 -9.35 29.30 9.65
CA TYR C 119 -10.70 29.17 9.11
C TYR C 119 -11.76 28.77 10.15
N ALA C 120 -13.03 28.99 9.82
CA ALA C 120 -14.11 28.65 10.76
C ALA C 120 -14.95 27.44 10.38
N PHE C 121 -15.02 26.49 11.30
CA PHE C 121 -15.71 25.24 11.12
C PHE C 121 -16.78 25.10 12.17
N HIS C 122 -17.71 24.20 11.90
CA HIS C 122 -18.79 23.95 12.82
C HIS C 122 -18.30 22.84 13.74
N LYS C 123 -18.42 23.06 15.04
CA LYS C 123 -17.95 22.10 16.03
C LYS C 123 -18.75 20.81 15.92
N GLU C 124 -20.06 20.95 15.80
CA GLU C 124 -20.94 19.80 15.69
C GLU C 124 -20.75 19.14 14.33
N GLY C 125 -20.11 19.85 13.41
CA GLY C 125 -19.84 19.33 12.07
C GLY C 125 -20.85 19.70 11.00
N ALA C 126 -21.80 20.57 11.34
CA ALA C 126 -22.81 20.96 10.36
C ALA C 126 -22.21 21.87 9.29
N PHE C 127 -22.64 21.64 8.05
CA PHE C 127 -22.18 22.45 6.94
C PHE C 127 -22.84 23.82 6.99
N PHE C 128 -22.17 24.81 6.40
CA PHE C 128 -22.76 26.12 6.34
C PHE C 128 -23.42 26.24 4.96
N LEU C 129 -24.74 26.35 4.93
CA LEU C 129 -25.45 26.43 3.65
C LEU C 129 -25.21 27.80 3.03
N TYR C 130 -25.14 27.79 1.70
CA TYR C 130 -24.94 28.97 0.85
C TYR C 130 -25.77 28.73 -0.39
N ASP C 131 -25.50 29.46 -1.47
CA ASP C 131 -26.31 29.25 -2.64
C ASP C 131 -25.78 28.05 -3.41
N ARG C 132 -26.50 26.95 -3.21
CA ARG C 132 -26.25 25.65 -3.82
C ARG C 132 -24.84 25.12 -3.60
N LEU C 133 -24.10 25.79 -2.72
CA LEU C 133 -22.73 25.40 -2.41
C LEU C 133 -22.55 25.34 -0.90
N ALA C 134 -22.32 24.14 -0.39
CA ALA C 134 -22.01 23.88 1.01
C ALA C 134 -20.52 23.88 1.29
N SER C 135 -20.12 24.59 2.34
CA SER C 135 -18.72 24.74 2.73
C SER C 135 -18.62 24.42 4.22
N THR C 136 -17.49 23.88 4.64
CA THR C 136 -17.30 23.53 6.03
C THR C 136 -16.84 24.79 6.76
N ILE C 137 -16.43 25.78 5.97
CA ILE C 137 -15.94 27.03 6.52
C ILE C 137 -16.79 28.26 6.22
N ILE C 138 -16.78 29.19 7.16
CA ILE C 138 -17.52 30.42 7.00
C ILE C 138 -16.75 31.43 6.14
N TYR C 139 -17.52 32.24 5.44
CA TYR C 139 -17.05 33.32 4.58
C TYR C 139 -17.57 34.69 5.05
N ARG C 140 -16.76 35.74 4.89
CA ARG C 140 -17.10 37.08 5.38
C ARG C 140 -18.26 37.70 4.62
N SER C 141 -19.15 38.37 5.35
CA SER C 141 -20.24 39.14 4.74
C SER C 141 -21.18 38.32 3.85
N THR C 142 -21.39 37.06 4.20
CA THR C 142 -22.25 36.20 3.39
C THR C 142 -23.32 35.52 4.24
N THR C 143 -24.58 35.74 3.87
CA THR C 143 -25.68 35.13 4.59
C THR C 143 -25.68 33.63 4.34
N PHE C 144 -25.79 32.87 5.42
CA PHE C 144 -25.71 31.42 5.37
C PHE C 144 -26.69 30.84 6.36
N SER C 145 -26.98 29.55 6.25
CA SER C 145 -27.84 28.93 7.26
C SER C 145 -27.13 27.69 7.77
N GLU C 146 -27.43 27.23 8.98
CA GLU C 146 -26.74 26.03 9.41
C GLU C 146 -27.48 24.79 8.97
N GLY C 147 -26.81 23.94 8.20
CA GLY C 147 -27.44 22.76 7.65
C GLY C 147 -26.57 21.61 7.17
N VAL C 148 -27.21 20.51 6.79
CA VAL C 148 -26.53 19.30 6.31
C VAL C 148 -27.14 18.77 5.02
N VAL C 149 -26.37 18.03 4.24
CA VAL C 149 -26.78 17.63 2.89
C VAL C 149 -26.99 16.12 2.77
N ALA C 150 -27.99 15.69 2.00
CA ALA C 150 -28.27 14.27 1.74
C ALA C 150 -28.48 13.99 0.26
N PHE C 151 -28.32 12.73 -0.12
CA PHE C 151 -28.52 12.37 -1.52
C PHE C 151 -29.59 11.30 -1.64
N LEU C 152 -30.60 11.57 -2.46
CA LEU C 152 -31.73 10.66 -2.57
C LEU C 152 -32.13 10.35 -4.00
N ILE C 153 -32.79 9.21 -4.19
CA ILE C 153 -33.30 8.83 -5.50
C ILE C 153 -34.81 8.99 -5.56
N LEU C 154 -35.32 9.79 -6.50
CA LEU C 154 -36.76 10.00 -6.61
C LEU C 154 -37.45 9.20 -7.71
N PRO C 155 -38.50 8.45 -7.35
CA PRO C 155 -39.29 7.67 -8.31
C PRO C 155 -40.34 8.57 -8.94
N GLU C 156 -39.95 9.40 -9.91
CA GLU C 156 -40.86 10.40 -10.44
C GLU C 156 -41.82 9.81 -11.48
N THR C 157 -41.35 8.79 -12.19
CA THR C 157 -42.09 8.20 -13.31
C THR C 157 -42.06 6.66 -13.24
N LYS C 158 -43.24 6.05 -13.19
CA LYS C 158 -43.38 4.58 -13.19
C LYS C 158 -44.68 4.16 -13.88
N ALA D 8 -37.12 13.41 20.01
CA ALA D 8 -36.57 14.21 18.92
C ALA D 8 -37.61 15.12 18.30
N LYS D 9 -37.33 16.41 18.27
CA LYS D 9 -38.21 17.38 17.64
C LYS D 9 -38.03 17.39 16.12
N CYS D 10 -39.07 17.04 15.38
CA CYS D 10 -39.01 17.02 13.92
C CYS D 10 -40.02 17.97 13.29
N ASN D 11 -39.61 18.74 12.29
CA ASN D 11 -40.57 19.69 11.64
C ASN D 11 -41.22 18.90 10.51
N PRO D 12 -42.48 18.53 10.65
CA PRO D 12 -43.15 17.72 9.63
C PRO D 12 -43.38 18.48 8.33
N ASN D 13 -43.29 19.80 8.39
CA ASN D 13 -43.52 20.63 7.22
C ASN D 13 -42.20 20.85 6.51
N LEU D 14 -42.14 20.50 5.23
CA LEU D 14 -40.93 20.78 4.47
C LEU D 14 -41.13 21.82 3.36
N HIS D 15 -40.63 23.03 3.60
CA HIS D 15 -40.65 24.09 2.61
C HIS D 15 -39.30 24.28 1.93
N TYR D 16 -39.21 23.85 0.66
CA TYR D 16 -37.91 23.76 0.00
C TYR D 16 -37.83 24.69 -1.23
N TRP D 17 -36.72 25.39 -1.37
CA TRP D 17 -36.38 26.09 -2.61
C TRP D 17 -35.35 25.37 -3.50
N THR D 18 -35.61 25.29 -4.81
CA THR D 18 -34.69 24.57 -5.69
C THR D 18 -34.78 25.09 -7.12
N THR D 19 -33.92 24.56 -7.99
CA THR D 19 -33.91 24.95 -9.39
C THR D 19 -34.18 23.75 -10.28
N GLN D 20 -35.40 23.65 -10.79
CA GLN D 20 -35.76 22.54 -11.66
C GLN D 20 -34.95 22.57 -12.95
N ASP D 21 -34.55 21.40 -13.41
CA ASP D 21 -33.76 21.29 -14.64
C ASP D 21 -34.64 21.41 -15.87
N GLU D 22 -35.56 20.48 -16.04
CA GLU D 22 -36.47 20.48 -17.17
C GLU D 22 -37.83 20.74 -16.55
N GLY D 23 -37.84 20.90 -15.23
CA GLY D 23 -39.07 20.91 -14.47
C GLY D 23 -39.88 22.07 -15.05
N ALA D 24 -39.16 23.21 -15.16
CA ALA D 24 -39.64 24.51 -15.62
C ALA D 24 -38.92 25.01 -16.89
N ALA D 25 -39.11 24.32 -18.01
CA ALA D 25 -38.50 24.71 -19.27
C ALA D 25 -39.34 25.81 -19.93
N ILE D 26 -39.69 26.82 -19.15
CA ILE D 26 -40.48 27.94 -19.64
C ILE D 26 -39.78 28.73 -20.74
N GLY D 27 -38.49 28.93 -20.59
CA GLY D 27 -37.71 29.68 -21.57
C GLY D 27 -37.88 31.18 -21.42
N LEU D 28 -37.31 31.92 -22.37
CA LEU D 28 -37.40 33.37 -22.36
C LEU D 28 -36.45 34.01 -21.33
N ALA D 29 -35.73 33.17 -20.59
CA ALA D 29 -34.80 33.66 -19.59
C ALA D 29 -33.37 33.21 -19.85
N TRP D 30 -33.19 32.36 -20.87
CA TRP D 30 -31.87 31.87 -21.21
C TRP D 30 -30.97 33.02 -21.59
N ILE D 31 -31.53 33.98 -22.32
CA ILE D 31 -30.78 35.14 -22.75
C ILE D 31 -30.35 35.82 -21.47
N PRO D 32 -29.04 35.99 -21.34
CA PRO D 32 -28.42 36.56 -20.15
C PRO D 32 -28.74 38.01 -19.85
N TYR D 33 -29.00 38.79 -20.89
CA TYR D 33 -29.25 40.21 -20.72
C TYR D 33 -30.56 40.40 -19.97
N PHE D 34 -31.57 39.68 -20.45
CA PHE D 34 -32.91 39.64 -19.85
C PHE D 34 -33.17 38.51 -18.86
N GLY D 35 -32.18 37.69 -18.54
CA GLY D 35 -32.46 36.61 -17.63
C GLY D 35 -32.66 37.18 -16.24
N PRO D 36 -33.23 36.41 -15.34
CA PRO D 36 -33.48 36.93 -13.99
C PRO D 36 -32.21 37.14 -13.18
N ALA D 37 -32.38 37.81 -12.05
CA ALA D 37 -31.31 38.05 -11.11
C ALA D 37 -31.09 36.77 -10.30
N ALA D 38 -29.94 36.66 -9.66
CA ALA D 38 -29.62 35.46 -8.88
C ALA D 38 -30.66 35.14 -7.81
N GLU D 39 -31.28 36.16 -7.25
CA GLU D 39 -32.26 35.99 -6.18
C GLU D 39 -33.59 35.41 -6.66
N GLY D 40 -33.95 35.70 -7.91
CA GLY D 40 -35.24 35.33 -8.46
C GLY D 40 -35.32 34.06 -9.28
N ILE D 41 -34.19 33.42 -9.49
CA ILE D 41 -34.14 32.23 -10.31
C ILE D 41 -34.80 31.03 -9.64
N TYR D 42 -34.78 31.02 -8.31
CA TYR D 42 -35.27 29.87 -7.57
C TYR D 42 -36.77 29.72 -7.59
N THR D 43 -37.17 28.47 -7.44
CA THR D 43 -38.56 28.03 -7.38
C THR D 43 -38.89 27.45 -6.00
N GLU D 44 -40.15 27.59 -5.60
CA GLU D 44 -40.58 27.17 -4.26
C GLU D 44 -41.47 25.96 -4.40
N GLY D 45 -41.39 25.09 -3.40
CA GLY D 45 -42.24 23.91 -3.31
C GLY D 45 -42.41 23.46 -1.87
N ILE D 46 -43.49 22.73 -1.64
CA ILE D 46 -43.89 22.28 -0.31
C ILE D 46 -44.29 20.80 -0.25
N MET D 47 -43.67 20.10 0.68
CA MET D 47 -44.06 18.72 0.95
C MET D 47 -44.50 18.59 2.39
N HIS D 48 -45.69 18.02 2.54
CA HIS D 48 -46.36 17.94 3.83
C HIS D 48 -47.30 16.76 3.89
N ASN D 49 -47.93 16.62 5.04
CA ASN D 49 -48.94 15.61 5.33
C ASN D 49 -48.26 14.24 5.22
N GLN D 50 -46.95 14.20 5.44
CA GLN D 50 -46.22 12.94 5.48
C GLN D 50 -45.27 12.91 6.68
N ASN D 51 -45.47 11.98 7.60
CA ASN D 51 -44.64 11.90 8.81
C ASN D 51 -43.33 11.09 8.68
N GLY D 52 -43.31 10.13 7.77
CA GLY D 52 -42.16 9.27 7.57
C GLY D 52 -41.05 9.90 6.72
N LEU D 53 -41.46 10.40 5.56
CA LEU D 53 -40.54 11.00 4.60
C LEU D 53 -39.84 12.28 5.07
N ILE D 54 -40.61 13.27 5.51
CA ILE D 54 -40.01 14.53 5.93
C ILE D 54 -39.06 14.36 7.11
N CYS D 55 -39.48 13.60 8.12
CA CYS D 55 -38.62 13.35 9.27
C CYS D 55 -37.39 12.54 8.85
N GLY D 56 -37.62 11.57 7.98
CA GLY D 56 -36.56 10.71 7.48
C GLY D 56 -35.49 11.45 6.69
N LEU D 57 -35.92 12.41 5.88
CA LEU D 57 -34.99 13.18 5.06
C LEU D 57 -34.02 13.96 5.94
N ARG D 58 -34.54 14.54 7.02
CA ARG D 58 -33.72 15.31 7.95
C ARG D 58 -32.69 14.39 8.61
N GLN D 59 -33.11 13.18 8.95
CA GLN D 59 -32.24 12.21 9.60
C GLN D 59 -31.13 11.74 8.65
N LEU D 60 -31.50 11.38 7.44
CA LEU D 60 -30.53 10.84 6.50
C LEU D 60 -29.39 11.80 6.21
N ALA D 61 -29.70 13.09 6.11
CA ALA D 61 -28.65 14.08 5.81
C ALA D 61 -27.68 14.14 6.97
N ASN D 62 -28.30 14.02 8.13
CA ASN D 62 -27.63 13.95 9.40
C ASN D 62 -26.66 12.79 9.51
N GLU D 63 -27.03 11.62 9.00
CA GLU D 63 -26.10 10.49 9.02
C GLU D 63 -25.05 10.53 7.90
N THR D 64 -25.46 11.05 6.76
CA THR D 64 -24.62 11.21 5.56
C THR D 64 -23.45 12.16 5.80
N THR D 65 -23.63 13.09 6.73
CA THR D 65 -22.62 14.11 7.00
C THR D 65 -21.26 13.44 7.33
N GLN D 66 -21.29 12.30 8.03
CA GLN D 66 -20.08 11.56 8.38
C GLN D 66 -19.23 11.09 7.19
N ALA D 67 -19.84 10.29 6.32
CA ALA D 67 -19.14 9.76 5.16
C ALA D 67 -18.79 10.88 4.20
N LEU D 68 -19.67 11.88 4.13
CA LEU D 68 -19.42 13.02 3.26
C LEU D 68 -18.23 13.84 3.72
N GLN D 69 -18.11 14.03 5.03
CA GLN D 69 -16.98 14.77 5.58
C GLN D 69 -15.67 14.03 5.30
N LEU D 70 -15.67 12.71 5.50
CA LEU D 70 -14.45 11.96 5.25
C LEU D 70 -14.11 12.05 3.79
N PHE D 71 -15.16 12.13 2.96
CA PHE D 71 -14.93 12.26 1.54
C PHE D 71 -14.34 13.63 1.18
N LEU D 72 -14.86 14.70 1.78
CA LEU D 72 -14.34 16.02 1.46
C LEU D 72 -12.89 16.21 1.87
N ARG D 73 -12.55 15.63 3.01
CA ARG D 73 -11.17 15.71 3.49
C ARG D 73 -10.24 14.89 2.59
N ALA D 74 -10.75 13.77 2.08
CA ALA D 74 -9.94 12.86 1.26
C ALA D 74 -9.64 13.43 -0.13
N THR D 75 -10.62 14.09 -0.73
CA THR D 75 -10.46 14.67 -2.06
C THR D 75 -9.77 16.03 -1.89
N THR D 76 -8.81 16.30 -2.75
CA THR D 76 -8.12 17.59 -2.72
C THR D 76 -8.80 18.71 -3.50
N GLU D 77 -9.80 18.38 -4.30
CA GLU D 77 -10.53 19.41 -5.04
C GLU D 77 -11.20 20.34 -4.04
N LEU D 78 -11.09 21.64 -4.27
CA LEU D 78 -11.71 22.62 -3.39
C LEU D 78 -13.24 22.51 -3.43
N ARG D 79 -13.78 22.22 -4.61
CA ARG D 79 -15.22 22.11 -4.81
C ARG D 79 -15.57 20.82 -5.54
N THR D 80 -16.35 19.95 -4.89
CA THR D 80 -16.66 18.65 -5.49
C THR D 80 -18.12 18.58 -5.95
N PHE D 81 -18.29 18.61 -7.26
CA PHE D 81 -19.57 18.47 -7.92
C PHE D 81 -19.78 17.07 -8.48
N SER D 82 -18.78 16.21 -8.32
CA SER D 82 -18.81 14.87 -8.91
C SER D 82 -19.36 13.80 -7.97
N ILE D 83 -19.83 14.20 -6.80
CA ILE D 83 -20.37 13.27 -5.81
C ILE D 83 -21.60 12.49 -6.29
N LEU D 84 -22.52 13.20 -6.94
CA LEU D 84 -23.77 12.61 -7.39
C LEU D 84 -23.54 11.62 -8.52
N ASN D 85 -22.63 11.95 -9.42
CA ASN D 85 -22.35 11.09 -10.56
C ASN D 85 -21.70 9.73 -10.20
N ARG D 86 -20.91 9.73 -9.14
CA ARG D 86 -20.25 8.50 -8.72
C ARG D 86 -21.22 7.43 -8.27
N LYS D 87 -22.29 7.84 -7.62
CA LYS D 87 -23.26 6.87 -7.15
C LYS D 87 -23.91 6.14 -8.32
N ALA D 88 -24.21 6.87 -9.40
CA ALA D 88 -24.78 6.24 -10.58
C ALA D 88 -23.81 5.26 -11.21
N ILE D 89 -22.52 5.62 -11.15
CA ILE D 89 -21.54 4.69 -11.71
C ILE D 89 -21.51 3.40 -10.89
N ASP D 90 -21.51 3.53 -9.57
CA ASP D 90 -21.50 2.35 -8.71
C ASP D 90 -22.74 1.50 -8.91
N PHE D 91 -23.87 2.16 -9.11
CA PHE D 91 -25.13 1.47 -9.34
C PHE D 91 -25.04 0.59 -10.56
N LEU D 92 -24.56 1.15 -11.67
CA LEU D 92 -24.45 0.38 -12.91
C LEU D 92 -23.36 -0.70 -12.84
N LEU D 93 -22.25 -0.38 -12.18
CA LEU D 93 -21.14 -1.31 -12.06
C LEU D 93 -21.47 -2.53 -11.21
N GLN D 94 -22.34 -2.34 -10.20
CA GLN D 94 -22.65 -3.43 -9.28
C GLN D 94 -23.40 -4.54 -10.00
N ARG D 95 -24.28 -4.18 -10.93
CA ARG D 95 -25.02 -5.20 -11.67
C ARG D 95 -24.27 -5.62 -12.94
N TRP D 96 -24.12 -4.65 -13.83
CA TRP D 96 -23.48 -4.81 -15.14
C TRP D 96 -21.96 -5.11 -15.18
N GLY D 97 -21.21 -4.63 -14.20
CA GLY D 97 -19.76 -4.82 -14.19
C GLY D 97 -19.32 -6.27 -14.19
N GLY D 98 -19.98 -7.12 -13.41
CA GLY D 98 -19.67 -8.54 -13.38
C GLY D 98 -20.28 -9.24 -14.59
N THR D 99 -19.85 -10.46 -14.91
CA THR D 99 -20.42 -11.11 -16.09
C THR D 99 -21.86 -11.37 -15.70
N CYS D 100 -22.81 -10.96 -16.53
CA CYS D 100 -24.22 -11.17 -16.21
C CYS D 100 -24.68 -12.57 -16.58
N HIS D 101 -24.89 -13.41 -15.58
CA HIS D 101 -25.37 -14.76 -15.84
C HIS D 101 -26.89 -14.80 -15.76
N ILE D 102 -27.52 -15.41 -16.78
CA ILE D 102 -28.97 -15.48 -16.80
C ILE D 102 -29.48 -16.26 -15.60
N LEU D 103 -30.53 -15.74 -14.96
CA LEU D 103 -31.11 -16.34 -13.76
C LEU D 103 -30.11 -16.40 -12.61
N GLY D 104 -29.31 -15.32 -12.38
CA GLY D 104 -28.34 -15.17 -11.31
C GLY D 104 -28.72 -14.09 -10.32
N PRO D 105 -28.11 -14.14 -9.12
CA PRO D 105 -28.37 -13.17 -8.04
C PRO D 105 -27.92 -11.75 -8.36
N ASP D 106 -26.70 -11.57 -8.87
CA ASP D 106 -26.21 -10.23 -9.17
C ASP D 106 -26.81 -9.71 -10.48
N CYS D 107 -26.96 -10.62 -11.44
CA CYS D 107 -27.53 -10.31 -12.73
C CYS D 107 -29.02 -10.04 -12.59
N CYS D 108 -29.53 -9.10 -13.40
CA CYS D 108 -30.96 -8.76 -13.37
C CYS D 108 -31.78 -9.34 -14.53
N ILE D 109 -31.17 -10.16 -15.38
CA ILE D 109 -31.87 -10.77 -16.53
C ILE D 109 -32.96 -11.82 -16.15
N GLU D 110 -34.16 -11.65 -16.70
CA GLU D 110 -35.25 -12.61 -16.54
C GLU D 110 -35.78 -13.06 -17.91
N PRO D 111 -36.00 -14.37 -18.09
CA PRO D 111 -36.55 -14.89 -19.35
C PRO D 111 -38.08 -14.76 -19.42
N ILE E 1 -30.69 18.17 -21.60
CA ILE E 1 -29.85 18.80 -22.61
C ILE E 1 -29.93 17.97 -23.90
N PRO E 2 -30.17 18.64 -25.03
CA PRO E 2 -30.36 18.00 -26.34
C PRO E 2 -29.15 17.26 -26.90
N LEU E 3 -29.43 16.13 -27.54
CA LEU E 3 -28.39 15.31 -28.14
C LEU E 3 -28.81 14.89 -29.55
N GLY E 4 -28.09 15.38 -30.55
CA GLY E 4 -28.40 15.03 -31.93
C GLY E 4 -27.55 13.86 -32.39
N VAL E 5 -28.12 13.00 -33.23
CA VAL E 5 -27.38 11.84 -33.72
C VAL E 5 -27.26 11.74 -35.24
N VAL E 6 -26.09 11.26 -35.68
CA VAL E 6 -25.80 10.99 -37.09
C VAL E 6 -25.50 9.50 -37.19
N HIS E 7 -26.41 8.76 -37.80
CA HIS E 7 -26.22 7.33 -37.99
C HIS E 7 -25.90 6.96 -39.42
N ASN E 8 -26.89 7.22 -40.26
CA ASN E 8 -26.89 6.99 -41.69
C ASN E 8 -26.44 8.20 -42.53
N ASN E 9 -25.90 9.21 -41.84
CA ASN E 9 -25.60 10.56 -42.37
C ASN E 9 -26.83 11.42 -42.66
N THR E 10 -27.86 11.23 -41.85
CA THR E 10 -29.08 12.03 -41.88
C THR E 10 -29.55 12.24 -40.45
N LEU E 11 -29.78 13.48 -40.02
CA LEU E 11 -30.08 13.65 -38.61
C LEU E 11 -31.46 13.04 -38.34
N GLN E 12 -31.46 12.05 -37.46
CA GLN E 12 -32.64 11.45 -36.88
C GLN E 12 -32.72 11.92 -35.46
N VAL E 13 -33.92 11.95 -34.93
CA VAL E 13 -34.04 12.53 -33.64
C VAL E 13 -34.05 11.52 -32.53
N SER E 14 -33.27 11.83 -31.50
CA SER E 14 -33.21 10.98 -30.34
C SER E 14 -34.03 11.73 -29.31
N ASP E 15 -35.19 11.22 -28.98
CA ASP E 15 -36.00 11.85 -27.96
C ASP E 15 -35.52 11.29 -26.64
N ILE E 16 -35.66 12.06 -25.58
CA ILE E 16 -35.18 11.62 -24.28
C ILE E 16 -35.93 10.34 -23.87
N ASP E 17 -37.24 10.33 -24.08
CA ASP E 17 -38.05 9.17 -23.75
C ASP E 17 -37.69 7.96 -24.64
N LYS E 18 -37.45 8.21 -25.93
CA LYS E 18 -37.13 7.13 -26.87
C LYS E 18 -35.88 6.36 -26.55
N LEU E 19 -35.89 5.11 -26.95
CA LEU E 19 -34.78 4.22 -26.75
C LEU E 19 -34.56 3.42 -28.01
N VAL E 20 -33.42 3.67 -28.63
CA VAL E 20 -33.05 3.00 -29.85
C VAL E 20 -31.97 2.04 -29.39
N CYS E 21 -32.22 0.76 -29.61
CA CYS E 21 -31.28 -0.28 -29.23
C CYS E 21 -30.18 -0.42 -30.26
N ARG E 22 -30.48 -0.01 -31.47
CA ARG E 22 -29.58 -0.18 -32.63
C ARG E 22 -28.31 0.67 -32.50
N ASP E 23 -28.44 1.87 -31.90
CA ASP E 23 -27.28 2.74 -31.67
C ASP E 23 -26.22 2.14 -30.71
N LYS E 24 -24.94 2.31 -31.10
CA LYS E 24 -23.82 1.74 -30.35
C LYS E 24 -22.85 2.81 -29.85
N LEU E 25 -22.58 2.79 -28.55
CA LEU E 25 -21.58 3.67 -27.95
C LEU E 25 -20.39 2.85 -27.48
N SER E 26 -19.30 2.91 -28.24
CA SER E 26 -18.14 2.11 -27.92
C SER E 26 -17.29 2.83 -26.88
N SER E 27 -17.19 4.15 -26.99
CA SER E 27 -16.30 4.88 -26.12
C SER E 27 -16.73 6.34 -25.93
N THR E 28 -16.12 6.99 -24.95
CA THR E 28 -16.38 8.38 -24.66
C THR E 28 -15.84 9.30 -25.76
N SER E 29 -14.86 8.80 -26.52
CA SER E 29 -14.29 9.60 -27.60
C SER E 29 -15.32 9.87 -28.67
N GLN E 30 -16.32 8.99 -28.76
CA GLN E 30 -17.39 9.16 -29.73
C GLN E 30 -18.13 10.45 -29.44
N LEU E 31 -18.36 10.70 -28.15
CA LEU E 31 -19.05 11.92 -27.72
C LEU E 31 -18.19 13.18 -27.88
N ALA E 32 -18.77 14.26 -28.39
CA ALA E 32 -18.00 15.48 -28.58
C ALA E 32 -18.82 16.77 -28.47
N SER E 33 -18.15 17.83 -28.04
CA SER E 33 -18.78 19.14 -27.91
C SER E 33 -18.18 20.05 -28.97
N VAL E 34 -19.06 20.59 -29.80
CA VAL E 34 -18.70 21.42 -30.95
C VAL E 34 -19.28 22.83 -31.00
N GLY E 35 -18.41 23.83 -31.08
CA GLY E 35 -18.85 25.20 -31.33
C GLY E 35 -18.99 25.57 -32.82
N LEU E 36 -19.98 26.41 -33.13
CA LEU E 36 -20.25 26.93 -34.48
C LEU E 36 -20.40 28.44 -34.45
N ASN E 37 -19.67 29.15 -35.31
CA ASN E 37 -19.70 30.60 -35.27
C ASN E 37 -20.98 31.15 -35.91
N LEU E 38 -21.38 32.34 -35.46
CA LEU E 38 -22.58 33.03 -35.99
C LEU E 38 -22.38 33.46 -37.43
N GLU E 39 -21.11 33.50 -37.85
CA GLU E 39 -20.76 33.87 -39.21
C GLU E 39 -21.48 32.96 -40.21
N GLY E 40 -21.62 31.69 -39.86
CA GLY E 40 -22.33 30.72 -40.67
C GLY E 40 -23.82 31.00 -40.88
N ASN E 41 -24.42 31.76 -39.97
CA ASN E 41 -25.87 31.99 -40.03
C ASN E 41 -26.24 33.22 -40.84
N GLY E 42 -25.25 33.82 -41.48
CA GLY E 42 -25.50 34.92 -42.40
C GLY E 42 -25.78 36.27 -41.75
N VAL E 43 -25.44 36.42 -40.47
CA VAL E 43 -25.59 37.71 -39.79
C VAL E 43 -24.50 38.66 -40.27
N ALA E 44 -24.72 39.97 -40.12
CA ALA E 44 -23.73 40.94 -40.58
C ALA E 44 -22.45 40.91 -39.76
N THR E 45 -21.32 40.80 -40.47
CA THR E 45 -20.02 40.66 -39.82
C THR E 45 -19.23 41.97 -39.68
N ASP E 46 -19.88 43.03 -39.19
CA ASP E 46 -19.19 44.32 -39.04
C ASP E 46 -19.30 44.83 -37.61
N VAL E 47 -18.29 45.58 -37.17
CA VAL E 47 -18.22 46.09 -35.79
C VAL E 47 -19.43 46.91 -35.28
N PRO E 48 -19.94 47.88 -36.08
CA PRO E 48 -21.05 48.69 -35.57
C PRO E 48 -22.27 47.87 -35.15
N THR E 49 -22.54 46.79 -35.88
CA THR E 49 -23.67 45.90 -35.59
C THR E 49 -23.39 45.02 -34.37
N ALA E 50 -22.11 44.66 -34.21
CA ALA E 50 -21.66 43.80 -33.13
C ALA E 50 -21.74 44.49 -31.77
N THR E 51 -21.36 45.78 -31.72
CA THR E 51 -21.39 46.50 -30.45
C THR E 51 -22.81 46.74 -29.95
N LYS E 52 -23.79 46.78 -30.85
CA LYS E 52 -25.18 46.96 -30.43
C LYS E 52 -25.81 45.73 -29.75
N ARG E 53 -25.44 44.52 -30.19
CA ARG E 53 -26.02 43.31 -29.59
C ARG E 53 -25.54 43.10 -28.16
N TRP E 54 -24.32 43.50 -27.85
CA TRP E 54 -23.84 43.32 -26.50
C TRP E 54 -24.41 44.46 -25.66
N GLY E 55 -24.68 44.16 -24.41
CA GLY E 55 -25.21 45.14 -23.50
C GLY E 55 -24.75 44.68 -22.16
N PHE E 56 -24.66 45.61 -21.23
CA PHE E 56 -24.13 45.32 -19.92
C PHE E 56 -25.22 44.96 -18.92
N ARG E 57 -24.91 44.01 -18.05
CA ARG E 57 -25.83 43.50 -17.05
C ARG E 57 -25.09 43.04 -15.78
N ALA E 58 -25.77 43.29 -14.66
CA ALA E 58 -25.36 42.90 -13.33
C ALA E 58 -26.35 41.91 -12.74
N GLY E 59 -26.06 41.42 -11.54
CA GLY E 59 -26.92 40.49 -10.83
C GLY E 59 -26.94 39.10 -11.42
N VAL E 60 -26.20 38.91 -12.50
CA VAL E 60 -26.14 37.63 -13.20
C VAL E 60 -24.71 37.09 -13.13
N PRO E 61 -24.53 35.93 -12.49
CA PRO E 61 -23.21 35.33 -12.39
C PRO E 61 -22.75 34.71 -13.71
N PRO E 62 -21.43 34.72 -13.97
CA PRO E 62 -20.95 34.12 -15.20
C PRO E 62 -20.93 32.61 -15.15
N LYS E 63 -21.10 31.99 -16.31
CA LYS E 63 -21.06 30.54 -16.41
C LYS E 63 -20.12 30.15 -17.54
N VAL E 64 -19.34 29.08 -17.35
CA VAL E 64 -18.35 28.65 -18.32
C VAL E 64 -18.54 27.18 -18.74
N VAL E 65 -18.50 26.91 -20.03
CA VAL E 65 -18.65 25.53 -20.53
C VAL E 65 -17.57 25.17 -21.55
N ASN E 66 -17.06 23.94 -21.53
CA ASN E 66 -15.97 23.59 -22.45
C ASN E 66 -16.45 22.97 -23.74
N TYR E 67 -15.74 23.28 -24.82
CA TYR E 67 -16.04 22.71 -26.11
C TYR E 67 -14.74 22.27 -26.74
N GLU E 68 -14.72 21.04 -27.22
CA GLU E 68 -13.50 20.47 -27.75
C GLU E 68 -13.21 21.02 -29.14
N ALA E 69 -14.23 21.17 -29.97
CA ALA E 69 -14.01 21.56 -31.36
C ALA E 69 -14.56 22.96 -31.70
N GLY E 70 -13.90 23.65 -32.64
CA GLY E 70 -14.28 25.00 -33.03
C GLY E 70 -14.04 25.30 -34.51
N GLU E 71 -14.49 26.45 -34.97
CA GLU E 71 -14.46 26.78 -36.40
C GLU E 71 -13.63 28.03 -36.71
N TRP E 72 -12.93 27.99 -37.82
CA TRP E 72 -12.15 29.14 -38.28
C TRP E 72 -13.06 30.34 -38.51
N ALA E 73 -12.69 31.45 -37.89
CA ALA E 73 -13.50 32.65 -37.94
C ALA E 73 -12.82 33.65 -38.86
N GLU E 74 -13.59 34.23 -39.76
CA GLU E 74 -13.07 35.28 -40.62
C GLU E 74 -12.88 36.54 -39.80
N ASN E 75 -13.82 36.81 -38.90
CA ASN E 75 -13.74 38.01 -38.08
C ASN E 75 -13.74 37.64 -36.61
N CYS E 76 -12.84 38.27 -35.87
CA CYS E 76 -12.76 38.09 -34.43
C CYS E 76 -12.61 39.45 -33.76
N TYR E 77 -13.05 39.53 -32.50
CA TYR E 77 -13.12 40.81 -31.81
C TYR E 77 -12.34 40.86 -30.50
N ASN E 78 -11.53 41.90 -30.35
CA ASN E 78 -10.84 42.20 -29.10
C ASN E 78 -11.27 43.56 -28.55
N LEU E 79 -11.56 43.62 -27.25
CA LEU E 79 -12.14 44.82 -26.64
C LEU E 79 -11.24 45.44 -25.57
N ASP E 80 -10.92 46.71 -25.76
CA ASP E 80 -10.40 47.55 -24.69
C ASP E 80 -11.34 48.71 -24.44
N ILE E 81 -12.05 48.64 -23.33
CA ILE E 81 -13.07 49.62 -23.07
C ILE E 81 -12.93 50.11 -21.66
N LYS E 82 -12.88 51.43 -21.55
CA LYS E 82 -12.77 52.06 -20.26
C LYS E 82 -13.87 53.09 -20.14
N LYS E 83 -13.96 53.68 -18.96
CA LYS E 83 -15.00 54.66 -18.67
C LYS E 83 -14.35 56.03 -18.78
N ALA E 84 -15.12 57.09 -18.60
CA ALA E 84 -14.56 58.43 -18.63
C ALA E 84 -13.50 58.66 -17.53
N ASP E 85 -13.61 57.92 -16.43
CA ASP E 85 -12.62 58.05 -15.37
C ASP E 85 -11.41 57.18 -15.62
N GLY E 86 -11.43 56.45 -16.73
CA GLY E 86 -10.32 55.56 -17.07
C GLY E 86 -10.46 54.17 -16.48
N SER E 87 -11.51 53.94 -15.69
CA SER E 87 -11.72 52.61 -15.10
C SER E 87 -12.12 51.60 -16.16
N GLU E 88 -11.82 50.33 -15.90
CA GLU E 88 -12.03 49.27 -16.89
C GLU E 88 -13.46 48.71 -16.80
N CYS E 89 -14.15 48.74 -17.93
CA CYS E 89 -15.51 48.25 -17.98
C CYS E 89 -15.60 46.75 -17.77
N LEU E 90 -14.70 46.01 -18.39
CA LEU E 90 -14.75 44.57 -18.33
C LEU E 90 -13.64 44.05 -17.43
N PRO E 91 -13.88 42.90 -16.78
CA PRO E 91 -12.85 42.33 -15.91
C PRO E 91 -11.75 41.62 -16.70
N GLU E 92 -10.59 41.43 -16.09
CA GLU E 92 -9.49 40.73 -16.75
C GLU E 92 -9.79 39.24 -16.95
N ALA E 93 -9.23 38.66 -18.02
CA ALA E 93 -9.42 37.25 -18.38
C ALA E 93 -8.81 36.27 -17.37
N PRO E 94 -9.57 35.24 -16.97
CA PRO E 94 -9.10 34.24 -16.00
C PRO E 94 -8.04 33.27 -16.56
N GLU E 95 -7.36 32.56 -15.66
CA GLU E 95 -6.31 31.58 -15.99
C GLU E 95 -6.83 30.36 -16.76
N GLY E 96 -6.04 29.85 -17.68
CA GLY E 96 -6.46 28.72 -18.48
C GLY E 96 -7.24 29.15 -19.70
N VAL E 97 -7.52 30.45 -19.79
CA VAL E 97 -8.27 30.99 -20.90
C VAL E 97 -7.36 31.75 -21.84
N ARG E 98 -7.48 31.45 -23.14
CA ARG E 98 -6.65 32.07 -24.17
C ARG E 98 -7.51 32.57 -25.31
N GLY E 99 -6.92 33.38 -26.18
CA GLY E 99 -7.66 33.92 -27.31
C GLY E 99 -8.00 32.85 -28.33
N PHE E 100 -8.87 33.21 -29.26
CA PHE E 100 -9.30 32.27 -30.29
C PHE E 100 -8.11 31.93 -31.16
N PRO E 101 -7.89 30.63 -31.40
CA PRO E 101 -6.72 30.19 -32.17
C PRO E 101 -6.74 30.61 -33.64
N ARG E 102 -7.89 30.52 -34.29
CA ARG E 102 -7.95 30.78 -35.72
C ARG E 102 -8.82 32.01 -35.98
N CYS E 103 -8.15 33.11 -36.35
CA CYS E 103 -8.85 34.33 -36.72
C CYS E 103 -8.19 35.00 -37.93
N ARG E 104 -8.98 35.20 -38.99
CA ARG E 104 -8.47 35.87 -40.19
C ARG E 104 -8.36 37.38 -39.99
N TYR E 105 -9.35 37.97 -39.31
CA TYR E 105 -9.32 39.40 -38.99
C TYR E 105 -9.67 39.67 -37.53
N VAL E 106 -8.82 40.45 -36.86
CA VAL E 106 -9.09 40.80 -35.48
C VAL E 106 -9.40 42.29 -35.38
N HIS E 107 -10.66 42.60 -35.08
CA HIS E 107 -11.10 43.98 -34.92
C HIS E 107 -10.89 44.41 -33.48
N LYS E 108 -10.17 45.50 -33.31
CA LYS E 108 -9.87 46.06 -32.00
C LYS E 108 -10.64 47.36 -31.76
N VAL E 109 -11.45 47.39 -30.70
CA VAL E 109 -12.21 48.60 -30.36
C VAL E 109 -11.81 49.18 -29.01
N SER E 110 -11.18 50.36 -29.04
CA SER E 110 -10.84 51.09 -27.83
C SER E 110 -11.54 52.43 -27.74
N GLY E 111 -12.49 52.54 -26.82
CA GLY E 111 -13.26 53.76 -26.72
C GLY E 111 -13.88 53.89 -25.35
N THR E 112 -14.38 55.08 -25.05
CA THR E 112 -15.08 55.31 -23.78
C THR E 112 -16.54 54.99 -24.01
N GLY E 113 -17.15 54.31 -23.04
CA GLY E 113 -18.54 53.87 -23.14
C GLY E 113 -19.17 53.93 -21.76
N PRO E 114 -20.49 53.81 -21.70
CA PRO E 114 -21.23 53.85 -20.43
C PRO E 114 -20.69 52.89 -19.36
N CYS E 115 -20.76 51.60 -19.62
CA CYS E 115 -20.27 50.55 -18.70
C CYS E 115 -20.88 50.61 -17.30
N PRO E 116 -22.18 50.86 -17.22
CA PRO E 116 -22.86 50.96 -15.92
C PRO E 116 -22.85 49.65 -15.12
N GLU E 117 -23.03 48.52 -15.79
CA GLU E 117 -23.09 47.22 -15.10
C GLU E 117 -21.74 46.56 -14.82
N GLY E 118 -21.79 45.44 -14.09
CA GLY E 118 -20.63 44.65 -13.71
C GLY E 118 -20.06 43.80 -14.82
N TYR E 119 -20.93 43.13 -15.58
CA TYR E 119 -20.48 42.32 -16.71
C TYR E 119 -21.19 42.62 -18.04
N ALA E 120 -20.60 42.18 -19.15
CA ALA E 120 -21.20 42.40 -20.45
C ALA E 120 -21.75 41.12 -21.04
N PHE E 121 -23.03 41.16 -21.41
CA PHE E 121 -23.73 40.00 -21.91
C PHE E 121 -24.29 40.25 -23.30
N HIS E 122 -24.59 39.16 -23.99
CA HIS E 122 -25.14 39.19 -25.34
C HIS E 122 -26.65 39.20 -25.32
N LYS E 123 -27.26 40.13 -26.06
CA LYS E 123 -28.71 40.24 -26.09
C LYS E 123 -29.37 39.01 -26.73
N GLU E 124 -28.84 38.56 -27.86
CA GLU E 124 -29.44 37.39 -28.51
C GLU E 124 -29.19 36.11 -27.72
N GLY E 125 -28.23 36.14 -26.81
CA GLY E 125 -27.93 34.98 -26.01
C GLY E 125 -26.81 34.12 -26.54
N ALA E 126 -26.14 34.57 -27.60
CA ALA E 126 -25.04 33.81 -28.19
C ALA E 126 -23.81 33.81 -27.28
N PHE E 127 -23.14 32.67 -27.18
CA PHE E 127 -21.92 32.57 -26.36
C PHE E 127 -20.69 33.22 -26.98
N PHE E 128 -19.75 33.62 -26.12
CA PHE E 128 -18.51 34.19 -26.62
C PHE E 128 -17.44 33.08 -26.67
N LEU E 129 -16.99 32.73 -27.87
CA LEU E 129 -15.99 31.70 -28.06
C LEU E 129 -14.64 32.21 -27.63
N TYR E 130 -13.87 31.29 -27.06
CA TYR E 130 -12.52 31.51 -26.57
C TYR E 130 -11.78 30.22 -26.89
N ASP E 131 -10.64 29.97 -26.26
CA ASP E 131 -9.92 28.75 -26.58
C ASP E 131 -10.55 27.61 -25.78
N ARG E 132 -11.37 26.84 -26.48
CA ARG E 132 -12.08 25.65 -25.97
C ARG E 132 -12.86 25.94 -24.70
N LEU E 133 -13.19 27.21 -24.48
CA LEU E 133 -14.02 27.62 -23.35
C LEU E 133 -15.00 28.70 -23.75
N ALA E 134 -16.28 28.36 -23.71
CA ALA E 134 -17.35 29.31 -23.96
C ALA E 134 -17.84 30.01 -22.69
N SER E 135 -17.95 31.34 -22.78
CA SER E 135 -18.36 32.21 -21.68
C SER E 135 -19.47 33.15 -22.12
N THR E 136 -20.36 33.49 -21.19
CA THR E 136 -21.49 34.37 -21.47
C THR E 136 -21.11 35.85 -21.39
N ILE E 137 -19.96 36.11 -20.77
CA ILE E 137 -19.49 37.47 -20.57
C ILE E 137 -18.21 37.79 -21.34
N ILE E 138 -18.05 39.05 -21.74
CA ILE E 138 -16.86 39.45 -22.46
C ILE E 138 -15.73 39.69 -21.47
N TYR E 139 -14.52 39.42 -21.93
CA TYR E 139 -13.31 39.64 -21.14
C TYR E 139 -12.39 40.63 -21.81
N ARG E 140 -11.71 41.44 -21.01
CA ARG E 140 -10.87 42.52 -21.52
C ARG E 140 -9.65 41.96 -22.23
N SER E 141 -9.30 42.58 -23.35
CA SER E 141 -8.07 42.28 -24.10
C SER E 141 -8.00 40.85 -24.60
N THR E 142 -9.14 40.26 -24.91
CA THR E 142 -9.13 38.89 -25.36
C THR E 142 -9.89 38.71 -26.65
N THR E 143 -9.21 38.19 -27.67
CA THR E 143 -9.86 37.96 -28.93
C THR E 143 -10.87 36.83 -28.76
N PHE E 144 -12.09 37.05 -29.24
CA PHE E 144 -13.18 36.10 -29.06
C PHE E 144 -14.05 36.06 -30.31
N SER E 145 -14.90 35.04 -30.45
CA SER E 145 -15.83 35.02 -31.60
C SER E 145 -17.27 34.75 -31.15
N GLU E 146 -18.27 35.18 -31.90
CA GLU E 146 -19.65 34.88 -31.49
C GLU E 146 -20.18 33.55 -32.02
N GLY E 147 -20.61 32.67 -31.11
CA GLY E 147 -21.04 31.33 -31.51
C GLY E 147 -21.95 30.55 -30.57
N VAL E 148 -22.39 29.38 -31.04
CA VAL E 148 -23.28 28.48 -30.27
C VAL E 148 -22.78 27.03 -30.27
N VAL E 149 -23.17 26.26 -29.25
CA VAL E 149 -22.63 24.91 -28.99
C VAL E 149 -23.58 23.70 -29.11
N ALA E 150 -23.07 22.58 -29.64
CA ALA E 150 -23.83 21.33 -29.75
C ALA E 150 -23.05 20.11 -29.25
N PHE E 151 -23.79 19.03 -29.00
CA PHE E 151 -23.21 17.76 -28.56
C PHE E 151 -23.62 16.69 -29.55
N LEU E 152 -22.63 16.02 -30.15
CA LEU E 152 -22.91 14.99 -31.14
C LEU E 152 -22.15 13.68 -30.91
N ILE E 153 -22.73 12.58 -31.38
CA ILE E 153 -22.11 11.26 -31.25
C ILE E 153 -21.53 10.80 -32.58
N LEU E 154 -20.34 10.20 -32.53
CA LEU E 154 -19.65 9.71 -33.73
C LEU E 154 -19.60 8.19 -33.83
N PRO E 155 -20.03 7.63 -34.98
CA PRO E 155 -19.99 6.17 -35.17
C PRO E 155 -18.61 5.70 -35.64
N LYS F 9 -29.29 31.02 -46.35
CA LYS F 9 -28.19 31.74 -45.72
C LYS F 9 -27.37 30.80 -44.87
N CYS F 10 -27.05 29.63 -45.42
CA CYS F 10 -26.27 28.62 -44.69
C CYS F 10 -24.90 28.42 -45.32
N ASN F 11 -23.88 28.21 -44.49
CA ASN F 11 -22.53 28.02 -45.00
C ASN F 11 -22.22 26.52 -45.00
N PRO F 12 -22.14 25.91 -46.20
CA PRO F 12 -21.87 24.48 -46.36
C PRO F 12 -20.46 24.08 -45.95
N ASN F 13 -19.59 25.07 -45.82
CA ASN F 13 -18.19 24.82 -45.49
C ASN F 13 -17.88 24.82 -44.00
N LEU F 14 -17.29 23.72 -43.54
CA LEU F 14 -16.84 23.67 -42.17
C LEU F 14 -15.32 23.59 -42.15
N HIS F 15 -14.70 24.72 -41.81
CA HIS F 15 -13.26 24.79 -41.68
C HIS F 15 -12.95 24.73 -40.18
N TYR F 16 -12.43 23.60 -39.70
CA TYR F 16 -12.34 23.38 -38.25
C TYR F 16 -10.94 23.23 -37.66
N TRP F 17 -10.74 23.90 -36.52
CA TRP F 17 -9.60 23.68 -35.63
C TRP F 17 -10.05 22.81 -34.46
N THR F 18 -9.27 21.81 -34.08
CA THR F 18 -9.69 20.89 -33.01
C THR F 18 -8.52 20.25 -32.28
N THR F 19 -8.81 19.49 -31.23
CA THR F 19 -7.75 18.74 -30.59
C THR F 19 -7.89 17.30 -31.05
N GLN F 20 -6.74 16.66 -31.28
CA GLN F 20 -6.72 15.30 -31.81
C GLN F 20 -6.27 14.35 -30.68
N ASP F 21 -7.15 13.41 -30.33
CA ASP F 21 -6.91 12.53 -29.17
C ASP F 21 -5.92 11.40 -29.40
N GLU F 22 -6.32 10.37 -30.13
CA GLU F 22 -5.43 9.23 -30.36
C GLU F 22 -4.81 9.33 -31.75
N GLY F 23 -5.11 10.43 -32.43
CA GLY F 23 -4.85 10.55 -33.86
C GLY F 23 -3.41 10.32 -34.26
N ALA F 24 -2.45 10.93 -33.55
CA ALA F 24 -1.06 10.77 -33.96
C ALA F 24 -0.28 10.08 -32.85
N ALA F 25 0.06 10.83 -31.81
CA ALA F 25 0.79 10.31 -30.64
C ALA F 25 1.95 9.36 -30.96
N ILE F 26 2.88 9.81 -31.79
CA ILE F 26 4.04 9.01 -32.17
C ILE F 26 4.93 8.70 -30.97
N GLY F 27 5.05 9.68 -30.08
CA GLY F 27 5.86 9.55 -28.88
C GLY F 27 7.07 10.45 -28.90
N LEU F 28 7.53 10.84 -27.70
CA LEU F 28 8.67 11.76 -27.45
C LEU F 28 8.40 13.23 -27.82
N ALA F 29 7.14 13.57 -28.04
CA ALA F 29 6.75 14.94 -28.34
C ALA F 29 5.66 15.46 -27.39
N TRP F 30 5.13 14.57 -26.56
CA TRP F 30 4.09 14.93 -25.60
C TRP F 30 4.64 15.75 -24.45
N ILE F 31 5.93 15.57 -24.18
CA ILE F 31 6.57 16.31 -23.10
C ILE F 31 6.42 17.80 -23.37
N PRO F 32 5.99 18.53 -22.33
CA PRO F 32 5.69 19.95 -22.50
C PRO F 32 6.91 20.85 -22.80
N TYR F 33 8.09 20.46 -22.34
CA TYR F 33 9.28 21.30 -22.52
C TYR F 33 9.65 21.41 -24.00
N PHE F 34 9.70 20.27 -24.69
CA PHE F 34 9.95 20.22 -26.12
C PHE F 34 8.66 20.21 -26.93
N GLY F 35 7.53 20.30 -26.24
CA GLY F 35 6.24 20.27 -26.90
C GLY F 35 5.98 21.58 -27.63
N PRO F 36 4.94 21.58 -28.49
CA PRO F 36 4.56 22.72 -29.31
C PRO F 36 3.87 23.84 -28.54
N ALA F 37 3.87 25.03 -29.14
CA ALA F 37 3.23 26.20 -28.55
C ALA F 37 1.73 26.06 -28.60
N ALA F 38 1.03 26.85 -27.80
CA ALA F 38 -0.43 26.78 -27.73
C ALA F 38 -1.10 26.97 -29.08
N GLU F 39 -0.49 27.77 -29.95
CA GLU F 39 -1.09 28.04 -31.26
C GLU F 39 -1.05 26.85 -32.21
N GLY F 40 -0.02 26.03 -32.06
CA GLY F 40 0.23 24.93 -32.98
C GLY F 40 -0.26 23.56 -32.57
N ILE F 41 -0.80 23.44 -31.37
CA ILE F 41 -1.23 22.13 -30.88
C ILE F 41 -2.46 21.65 -31.64
N TYR F 42 -3.26 22.61 -32.12
CA TYR F 42 -4.51 22.27 -32.76
C TYR F 42 -4.27 21.68 -34.13
N THR F 43 -5.22 20.87 -34.57
CA THR F 43 -5.15 20.26 -35.89
C THR F 43 -6.29 20.82 -36.71
N GLU F 44 -6.06 20.96 -38.01
CA GLU F 44 -7.05 21.56 -38.88
C GLU F 44 -7.59 20.50 -39.83
N GLY F 45 -8.87 20.61 -40.15
CA GLY F 45 -9.46 19.74 -41.14
C GLY F 45 -10.67 20.44 -41.71
N ILE F 46 -11.08 20.06 -42.92
CA ILE F 46 -12.20 20.74 -43.56
C ILE F 46 -13.19 19.76 -44.16
N MET F 47 -14.45 19.88 -43.76
CA MET F 47 -15.51 19.08 -44.39
C MET F 47 -16.62 19.98 -44.96
N HIS F 48 -16.97 19.75 -46.22
CA HIS F 48 -17.89 20.61 -46.94
C HIS F 48 -18.63 19.87 -48.04
N ASN F 49 -19.48 20.61 -48.75
CA ASN F 49 -20.24 20.11 -49.89
C ASN F 49 -21.27 19.06 -49.49
N GLN F 50 -21.72 19.13 -48.25
CA GLN F 50 -22.81 18.27 -47.78
C GLN F 50 -23.69 19.28 -47.09
N ASN F 51 -24.89 19.45 -47.63
CA ASN F 51 -25.84 20.44 -47.10
C ASN F 51 -26.78 19.98 -45.99
N GLY F 52 -27.05 18.68 -45.90
CA GLY F 52 -27.96 18.18 -44.88
C GLY F 52 -27.30 18.12 -43.52
N LEU F 53 -26.12 17.52 -43.51
CA LEU F 53 -25.42 17.29 -42.26
C LEU F 53 -24.92 18.62 -41.69
N ILE F 54 -24.32 19.44 -42.54
CA ILE F 54 -23.76 20.73 -42.13
C ILE F 54 -24.80 21.73 -41.64
N CYS F 55 -25.76 22.07 -42.49
CA CYS F 55 -26.80 23.02 -42.11
C CYS F 55 -27.63 22.50 -40.95
N GLY F 56 -27.93 21.21 -40.96
CA GLY F 56 -28.71 20.61 -39.90
C GLY F 56 -27.99 20.72 -38.56
N LEU F 57 -26.68 20.51 -38.58
CA LEU F 57 -25.89 20.60 -37.36
C LEU F 57 -25.92 22.04 -36.82
N ARG F 58 -25.83 22.99 -37.73
CA ARG F 58 -25.85 24.40 -37.36
C ARG F 58 -27.17 24.75 -36.69
N GLN F 59 -28.27 24.23 -37.23
CA GLN F 59 -29.58 24.47 -36.66
C GLN F 59 -29.69 23.82 -35.30
N LEU F 60 -29.09 22.65 -35.15
CA LEU F 60 -29.15 21.91 -33.89
C LEU F 60 -28.44 22.58 -32.70
N ALA F 61 -27.25 23.13 -32.93
CA ALA F 61 -26.48 23.76 -31.84
C ALA F 61 -27.21 24.99 -31.34
N ASN F 62 -27.76 25.61 -32.36
CA ASN F 62 -28.61 26.75 -32.30
C ASN F 62 -29.84 26.53 -31.43
N GLU F 63 -30.47 25.36 -31.55
CA GLU F 63 -31.63 25.01 -30.71
C GLU F 63 -31.22 24.56 -29.28
N THR F 64 -30.05 23.91 -29.17
CA THR F 64 -29.50 23.42 -27.90
C THR F 64 -29.16 24.54 -26.88
N THR F 65 -28.89 25.74 -27.40
CA THR F 65 -28.47 26.84 -26.49
C THR F 65 -29.49 27.17 -25.37
N GLN F 66 -30.79 27.03 -25.63
CA GLN F 66 -31.79 27.33 -24.61
C GLN F 66 -31.70 26.43 -23.36
N ALA F 67 -31.79 25.13 -23.56
CA ALA F 67 -31.75 24.16 -22.49
C ALA F 67 -30.38 24.15 -21.84
N LEU F 68 -29.35 24.42 -22.65
CA LEU F 68 -28.01 24.45 -22.09
C LEU F 68 -27.89 25.64 -21.15
N GLN F 69 -28.47 26.78 -21.54
CA GLN F 69 -28.43 27.98 -20.71
C GLN F 69 -29.06 27.70 -19.35
N LEU F 70 -30.19 27.00 -19.37
CA LEU F 70 -30.91 26.67 -18.14
C LEU F 70 -30.05 25.78 -17.25
N PHE F 71 -29.36 24.83 -17.87
CA PHE F 71 -28.50 23.90 -17.14
C PHE F 71 -27.37 24.65 -16.45
N LEU F 72 -26.79 25.63 -17.14
CA LEU F 72 -25.71 26.42 -16.58
C LEU F 72 -26.16 27.18 -15.34
N ARG F 73 -27.37 27.72 -15.40
CA ARG F 73 -27.92 28.47 -14.28
C ARG F 73 -28.08 27.57 -13.05
N ALA F 74 -28.54 26.34 -13.29
CA ALA F 74 -28.75 25.37 -12.21
C ALA F 74 -27.46 25.00 -11.50
N THR F 75 -26.39 24.82 -12.26
CA THR F 75 -25.10 24.44 -11.69
C THR F 75 -24.28 25.64 -11.21
N THR F 76 -24.20 25.80 -9.89
CA THR F 76 -23.45 26.89 -9.29
C THR F 76 -21.97 26.84 -9.65
N GLU F 77 -21.53 25.72 -10.21
CA GLU F 77 -20.13 25.59 -10.61
C GLU F 77 -19.81 26.64 -11.67
N LEU F 78 -18.69 27.32 -11.51
CA LEU F 78 -18.27 28.32 -12.47
C LEU F 78 -17.97 27.66 -13.83
N ARG F 79 -17.37 26.47 -13.79
CA ARG F 79 -17.02 25.75 -15.01
C ARG F 79 -17.45 24.28 -15.00
N THR F 80 -18.32 23.89 -15.94
CA THR F 80 -18.84 22.53 -15.98
C THR F 80 -18.28 21.75 -17.17
N PHE F 81 -17.39 20.80 -16.91
CA PHE F 81 -16.87 19.95 -17.97
C PHE F 81 -17.52 18.57 -18.01
N SER F 82 -18.43 18.32 -17.07
CA SER F 82 -19.05 17.00 -16.95
C SER F 82 -20.38 16.80 -17.69
N ILE F 83 -20.82 17.80 -18.43
CA ILE F 83 -22.09 17.74 -19.17
C ILE F 83 -22.11 16.63 -20.22
N LEU F 84 -21.01 16.59 -20.96
CA LEU F 84 -20.83 15.68 -22.06
C LEU F 84 -20.74 14.32 -21.42
N ASN F 85 -20.04 14.28 -20.30
CA ASN F 85 -19.89 13.04 -19.58
C ASN F 85 -21.23 12.56 -19.00
N ARG F 86 -22.07 13.50 -18.60
CA ARG F 86 -23.40 13.18 -18.02
C ARG F 86 -24.32 12.49 -19.01
N LYS F 87 -24.24 12.90 -20.27
CA LYS F 87 -25.14 12.29 -21.25
C LYS F 87 -24.97 10.78 -21.41
N ALA F 88 -23.73 10.29 -21.37
CA ALA F 88 -23.48 8.86 -21.47
C ALA F 88 -24.10 8.12 -20.29
N ILE F 89 -24.09 8.77 -19.14
CA ILE F 89 -24.67 8.18 -17.96
C ILE F 89 -26.15 8.02 -18.21
N ASP F 90 -26.74 9.05 -18.79
CA ASP F 90 -28.16 8.97 -19.10
C ASP F 90 -28.40 7.81 -20.08
N PHE F 91 -27.47 7.63 -21.02
CA PHE F 91 -27.57 6.54 -21.99
C PHE F 91 -27.63 5.14 -21.35
N LEU F 92 -26.73 4.86 -20.43
CA LEU F 92 -26.73 3.54 -19.80
C LEU F 92 -27.93 3.33 -18.88
N LEU F 93 -28.28 4.40 -18.18
CA LEU F 93 -29.38 4.32 -17.24
C LEU F 93 -30.69 4.09 -17.99
N GLN F 94 -30.78 4.60 -19.20
CA GLN F 94 -32.03 4.48 -19.94
C GLN F 94 -32.34 3.02 -20.30
N ARG F 95 -31.32 2.27 -20.66
CA ARG F 95 -31.51 0.87 -21.02
C ARG F 95 -31.44 -0.07 -19.84
N TRP F 96 -30.23 -0.21 -19.31
CA TRP F 96 -29.96 -1.12 -18.21
C TRP F 96 -30.24 -0.56 -16.82
N GLY F 97 -30.83 0.63 -16.78
CA GLY F 97 -31.15 1.25 -15.51
C GLY F 97 -32.22 0.49 -14.78
N GLY F 98 -33.29 0.13 -15.49
CA GLY F 98 -34.34 -0.66 -14.88
C GLY F 98 -34.13 -2.12 -15.19
N THR F 99 -35.07 -2.95 -14.76
CA THR F 99 -34.99 -4.39 -15.05
C THR F 99 -35.07 -4.62 -16.55
N CYS F 100 -34.08 -5.33 -17.09
CA CYS F 100 -34.03 -5.58 -18.52
C CYS F 100 -34.63 -6.95 -18.88
N HIS F 101 -35.79 -6.93 -19.54
CA HIS F 101 -36.50 -8.16 -19.91
C HIS F 101 -36.20 -8.61 -21.35
N ILE F 102 -35.90 -9.90 -21.53
CA ILE F 102 -35.56 -10.45 -22.85
C ILE F 102 -36.74 -10.30 -23.81
N LEU F 103 -36.44 -9.88 -25.04
CA LEU F 103 -37.43 -9.63 -26.09
C LEU F 103 -38.37 -8.54 -25.59
N GLY F 104 -37.83 -7.61 -24.82
CA GLY F 104 -38.59 -6.46 -24.35
C GLY F 104 -38.34 -5.18 -25.12
N PRO F 105 -39.26 -4.21 -25.00
CA PRO F 105 -39.14 -2.94 -25.71
C PRO F 105 -37.97 -2.07 -25.22
N ASP F 106 -37.90 -1.80 -23.93
CA ASP F 106 -36.83 -0.94 -23.45
C ASP F 106 -35.51 -1.64 -23.62
N CYS F 107 -35.52 -2.91 -23.26
CA CYS F 107 -34.33 -3.74 -23.31
C CYS F 107 -33.82 -3.97 -24.72
N CYS F 108 -32.52 -4.16 -24.85
CA CYS F 108 -31.93 -4.40 -26.16
C CYS F 108 -31.36 -5.81 -26.35
N ILE F 109 -31.62 -6.71 -25.41
CA ILE F 109 -31.13 -8.08 -25.47
C ILE F 109 -31.80 -8.91 -26.56
N GLU F 110 -31.01 -9.68 -27.31
CA GLU F 110 -31.55 -10.49 -28.38
C GLU F 110 -31.06 -11.92 -28.26
N PRO F 111 -31.90 -12.82 -27.76
CA PRO F 111 -31.44 -14.21 -27.67
C PRO F 111 -31.02 -14.79 -29.02
N VAL G 2 19.90 -10.39 -27.28
CA VAL G 2 20.59 -9.43 -28.12
C VAL G 2 20.31 -9.78 -29.58
N GLN G 3 19.62 -10.89 -29.78
CA GLN G 3 19.30 -11.35 -31.13
C GLN G 3 17.84 -11.67 -31.35
N LEU G 4 17.39 -11.26 -32.53
CA LEU G 4 16.03 -11.43 -32.99
C LEU G 4 16.00 -12.33 -34.21
N VAL G 5 15.13 -13.34 -34.18
CA VAL G 5 14.99 -14.32 -35.26
C VAL G 5 13.56 -14.31 -35.82
N GLN G 6 13.38 -13.79 -37.03
CA GLN G 6 12.05 -13.73 -37.61
C GLN G 6 11.68 -14.95 -38.45
N SER G 7 10.43 -15.02 -38.89
CA SER G 7 9.96 -16.12 -39.71
C SER G 7 10.67 -16.03 -41.05
N GLY G 8 11.05 -17.17 -41.60
CA GLY G 8 11.85 -17.17 -42.81
C GLY G 8 11.11 -16.64 -44.03
N VAL G 9 10.06 -17.35 -44.44
CA VAL G 9 9.34 -17.00 -45.66
C VAL G 9 7.84 -17.24 -45.52
N THR G 10 7.06 -16.41 -46.21
CA THR G 10 5.59 -16.48 -46.17
C THR G 10 4.99 -16.01 -47.49
N LEU G 11 3.84 -16.57 -47.85
CA LEU G 11 3.17 -16.26 -49.11
C LEU G 11 1.66 -16.19 -49.01
N VAL G 12 1.08 -15.20 -49.69
CA VAL G 12 -0.36 -15.01 -49.66
C VAL G 12 -0.91 -14.62 -51.03
N GLN G 13 -2.18 -14.27 -51.04
CA GLN G 13 -2.89 -13.89 -52.25
C GLN G 13 -3.49 -12.53 -51.90
N PRO G 14 -4.14 -11.82 -52.85
CA PRO G 14 -4.59 -10.51 -52.38
C PRO G 14 -5.71 -10.58 -51.34
N GLY G 15 -5.55 -9.83 -50.25
CA GLY G 15 -6.50 -9.80 -49.15
C GLY G 15 -6.40 -10.96 -48.18
N GLY G 16 -5.35 -11.76 -48.32
CA GLY G 16 -5.15 -12.93 -47.49
C GLY G 16 -4.74 -12.58 -46.07
N SER G 17 -4.74 -13.58 -45.18
CA SER G 17 -4.34 -13.37 -43.81
C SER G 17 -3.00 -14.06 -43.56
N LEU G 18 -2.10 -13.38 -42.86
CA LEU G 18 -0.78 -13.93 -42.56
C LEU G 18 -0.23 -13.39 -41.25
N ARG G 19 0.47 -14.26 -40.51
CA ARG G 19 1.06 -13.87 -39.24
C ARG G 19 2.58 -13.99 -39.26
N VAL G 20 3.26 -12.92 -38.84
CA VAL G 20 4.71 -12.89 -38.78
C VAL G 20 5.17 -13.05 -37.34
N SER G 21 6.28 -13.75 -37.13
CA SER G 21 6.77 -13.97 -35.78
C SER G 21 8.20 -13.47 -35.66
N CYS G 22 8.43 -12.55 -34.72
CA CYS G 22 9.76 -12.02 -34.44
C CYS G 22 10.19 -12.58 -33.09
N ALA G 23 11.15 -13.50 -33.12
CA ALA G 23 11.64 -14.14 -31.91
C ALA G 23 12.77 -13.33 -31.28
N ALA G 24 12.78 -13.29 -29.96
CA ALA G 24 13.79 -12.53 -29.22
C ALA G 24 14.29 -13.37 -28.06
N SER G 25 15.60 -13.48 -27.93
CA SER G 25 16.21 -14.27 -26.87
C SER G 25 17.63 -13.79 -26.61
N GLY G 26 18.11 -14.05 -25.40
CA GLY G 26 19.44 -13.63 -24.99
C GLY G 26 19.50 -12.21 -24.46
N PHE G 27 18.33 -11.58 -24.36
CA PHE G 27 18.20 -10.21 -23.87
C PHE G 27 16.72 -9.98 -23.55
N THR G 28 16.48 -9.35 -22.41
CA THR G 28 15.15 -9.03 -21.92
C THR G 28 14.28 -8.40 -22.99
N PHE G 29 13.09 -8.95 -23.14
CA PHE G 29 12.15 -8.48 -24.14
C PHE G 29 11.26 -7.38 -23.57
N SER G 30 10.49 -7.72 -22.53
CA SER G 30 9.52 -6.82 -21.92
C SER G 30 10.02 -5.45 -21.50
N SER G 31 11.32 -5.31 -21.25
CA SER G 31 11.85 -4.05 -20.74
C SER G 31 11.71 -2.89 -21.72
N TYR G 32 11.84 -3.17 -23.01
CA TYR G 32 11.78 -2.13 -24.03
C TYR G 32 10.51 -2.24 -24.88
N ALA G 33 10.26 -1.19 -25.67
CA ALA G 33 9.10 -1.14 -26.56
C ALA G 33 9.51 -1.39 -28.01
N MET G 34 8.81 -2.29 -28.69
CA MET G 34 9.22 -2.74 -30.04
C MET G 34 8.41 -2.18 -31.23
N SER G 35 9.01 -2.19 -32.41
CA SER G 35 8.33 -1.70 -33.62
C SER G 35 8.79 -2.40 -34.90
N TRP G 36 7.90 -2.34 -35.88
CA TRP G 36 8.10 -2.91 -37.22
C TRP G 36 8.37 -1.82 -38.25
N VAL G 37 9.29 -2.10 -39.17
CA VAL G 37 9.57 -1.19 -40.28
C VAL G 37 9.76 -1.96 -41.59
N ARG G 38 9.00 -1.60 -42.62
CA ARG G 38 9.07 -2.32 -43.89
C ARG G 38 9.83 -1.59 -45.00
N GLN G 39 10.52 -2.37 -45.83
CA GLN G 39 11.26 -1.83 -46.95
C GLN G 39 10.72 -2.40 -48.24
N ALA G 40 10.10 -1.54 -49.02
CA ALA G 40 9.68 -1.92 -50.36
C ALA G 40 10.90 -1.92 -51.25
N PRO G 41 10.94 -2.83 -52.24
CA PRO G 41 12.06 -2.94 -53.18
C PRO G 41 12.35 -1.64 -53.93
N GLY G 42 13.60 -1.18 -53.86
CA GLY G 42 14.00 0.04 -54.53
C GLY G 42 13.33 1.25 -53.90
N LYS G 43 12.87 1.06 -52.66
CA LYS G 43 12.19 2.11 -51.94
C LYS G 43 12.82 2.27 -50.57
N GLY G 44 12.61 3.42 -49.95
CA GLY G 44 13.11 3.65 -48.61
C GLY G 44 12.35 2.82 -47.60
N LEU G 45 12.88 2.75 -46.39
CA LEU G 45 12.21 2.05 -45.30
C LEU G 45 10.95 2.84 -44.93
N GLU G 46 9.93 2.14 -44.46
CA GLU G 46 8.70 2.80 -44.03
C GLU G 46 8.21 2.26 -42.68
N TRP G 47 7.86 3.18 -41.77
CA TRP G 47 7.38 2.79 -40.45
C TRP G 47 5.96 2.24 -40.51
N VAL G 48 5.77 1.05 -39.94
CA VAL G 48 4.49 0.39 -39.97
C VAL G 48 3.72 0.53 -38.67
N SER G 49 4.15 -0.20 -37.66
CA SER G 49 3.45 -0.19 -36.38
C SER G 49 4.42 -0.31 -35.21
N ALA G 50 3.93 0.03 -34.02
CA ALA G 50 4.73 0.00 -32.80
C ALA G 50 3.89 -0.49 -31.63
N ILE G 51 4.55 -1.11 -30.65
CA ILE G 51 3.86 -1.52 -29.43
C ILE G 51 4.74 -1.19 -28.22
N SER G 52 4.06 -0.70 -27.18
CA SER G 52 4.68 -0.24 -25.94
C SER G 52 5.29 -1.39 -25.17
N GLY G 53 6.21 -1.07 -24.25
CA GLY G 53 6.91 -2.08 -23.48
C GLY G 53 6.01 -3.03 -22.71
N LEU G 54 4.88 -2.51 -22.23
CA LEU G 54 3.90 -3.34 -21.53
C LEU G 54 2.93 -4.02 -22.48
N GLY G 55 2.52 -3.31 -23.52
CA GLY G 55 1.55 -3.82 -24.46
C GLY G 55 0.18 -3.21 -24.27
N GLY G 56 0.05 -2.32 -23.29
CA GLY G 56 -1.21 -1.66 -23.04
C GLY G 56 -1.53 -0.65 -24.12
N SER G 57 -0.48 0.05 -24.57
CA SER G 57 -0.62 1.05 -25.62
C SER G 57 -0.08 0.52 -26.95
N THR G 58 -0.89 0.58 -28.00
CA THR G 58 -0.45 0.18 -29.33
C THR G 58 -0.49 1.38 -30.28
N TYR G 59 0.39 1.40 -31.28
CA TYR G 59 0.50 2.51 -32.23
C TYR G 59 0.57 2.01 -33.68
N TYR G 60 -0.12 2.70 -34.59
CA TYR G 60 -0.17 2.30 -36.00
C TYR G 60 0.05 3.49 -36.93
N ALA G 61 0.45 3.21 -38.17
CA ALA G 61 0.56 4.24 -39.20
C ALA G 61 -0.77 4.47 -39.89
N ASP G 62 -0.93 5.64 -40.50
CA ASP G 62 -2.20 6.04 -41.12
C ASP G 62 -2.67 5.06 -42.17
N SER G 63 -1.75 4.60 -42.99
CA SER G 63 -2.07 3.68 -44.08
C SER G 63 -2.40 2.28 -43.57
N VAL G 64 -1.77 1.89 -42.47
CA VAL G 64 -1.82 0.51 -42.03
C VAL G 64 -2.78 0.22 -40.87
N LYS G 65 -3.33 1.27 -40.26
CA LYS G 65 -4.09 1.09 -39.02
C LYS G 65 -5.30 0.17 -39.17
N GLY G 66 -5.90 0.21 -40.36
CA GLY G 66 -7.12 -0.53 -40.62
C GLY G 66 -6.91 -2.03 -40.63
N ARG G 67 -5.94 -2.47 -41.42
CA ARG G 67 -5.82 -3.89 -41.74
C ARG G 67 -4.69 -4.57 -40.99
N PHE G 68 -4.03 -3.84 -40.09
CA PHE G 68 -2.95 -4.44 -39.32
C PHE G 68 -3.26 -4.51 -37.83
N THR G 69 -2.69 -5.51 -37.18
CA THR G 69 -2.81 -5.61 -35.72
C THR G 69 -1.49 -6.16 -35.17
N ILE G 70 -0.93 -5.43 -34.20
CA ILE G 70 0.36 -5.76 -33.58
C ILE G 70 0.20 -6.19 -32.13
N SER G 71 0.95 -7.22 -31.74
CA SER G 71 0.87 -7.70 -30.36
C SER G 71 2.18 -8.34 -29.94
N ARG G 72 2.42 -8.37 -28.64
CA ARG G 72 3.66 -8.93 -28.12
C ARG G 72 3.37 -9.77 -26.89
N ASP G 73 4.16 -10.81 -26.70
CA ASP G 73 4.06 -11.59 -25.47
C ASP G 73 5.40 -11.57 -24.76
N ASN G 74 5.39 -10.95 -23.59
CA ASN G 74 6.56 -10.84 -22.73
C ASN G 74 6.92 -12.18 -22.09
N SER G 75 5.97 -13.10 -22.09
CA SER G 75 6.17 -14.42 -21.49
C SER G 75 7.02 -15.28 -22.43
N LYS G 76 6.68 -15.27 -23.72
CA LYS G 76 7.41 -16.05 -24.72
C LYS G 76 8.56 -15.25 -25.34
N ASN G 77 8.66 -13.97 -24.95
CA ASN G 77 9.63 -13.03 -25.53
C ASN G 77 9.47 -12.96 -27.04
N THR G 78 8.23 -12.94 -27.52
CA THR G 78 8.00 -12.98 -28.96
C THR G 78 7.09 -11.85 -29.42
N LEU G 79 7.41 -11.27 -30.58
CA LEU G 79 6.59 -10.20 -31.14
C LEU G 79 5.86 -10.70 -32.39
N TYR G 80 4.54 -10.67 -32.36
CA TYR G 80 3.72 -11.14 -33.47
C TYR G 80 3.02 -9.99 -34.18
N LEU G 81 3.13 -9.99 -35.51
CA LEU G 81 2.37 -9.07 -36.32
C LEU G 81 1.33 -9.81 -37.17
N GLN G 82 0.06 -9.64 -36.82
CA GLN G 82 -1.04 -10.21 -37.59
C GLN G 82 -1.57 -9.27 -38.65
N MET G 83 -1.47 -9.72 -39.89
CA MET G 83 -1.88 -8.94 -41.05
C MET G 83 -3.06 -9.56 -41.75
N ASN G 84 -4.13 -8.78 -41.90
CA ASN G 84 -5.31 -9.24 -42.61
C ASN G 84 -5.55 -8.31 -43.78
N SER G 85 -6.27 -8.80 -44.79
CA SER G 85 -6.62 -8.01 -45.97
C SER G 85 -5.42 -7.31 -46.62
N LEU G 86 -4.40 -8.09 -46.94
CA LEU G 86 -3.14 -7.58 -47.48
C LEU G 86 -3.27 -7.07 -48.92
N ARG G 87 -2.40 -6.13 -49.33
CA ARG G 87 -2.46 -5.59 -50.68
C ARG G 87 -1.14 -5.74 -51.42
N ALA G 88 -1.18 -5.50 -52.73
CA ALA G 88 0.00 -5.61 -53.59
C ALA G 88 1.05 -4.53 -53.32
N GLU G 89 0.60 -3.32 -53.01
CA GLU G 89 1.51 -2.22 -52.70
C GLU G 89 2.26 -2.51 -51.40
N ASP G 90 1.71 -3.42 -50.60
CA ASP G 90 2.30 -3.77 -49.30
C ASP G 90 3.37 -4.85 -49.38
N THR G 91 3.78 -5.23 -50.59
CA THR G 91 4.80 -6.26 -50.74
C THR G 91 6.19 -5.73 -50.43
N ALA G 92 6.74 -6.23 -49.32
CA ALA G 92 8.01 -5.74 -48.82
C ALA G 92 8.67 -6.72 -47.85
N VAL G 93 9.69 -6.22 -47.16
CA VAL G 93 10.42 -6.99 -46.16
C VAL G 93 10.29 -6.27 -44.83
N TYR G 94 9.95 -6.99 -43.78
CA TYR G 94 9.76 -6.38 -42.46
C TYR G 94 10.93 -6.65 -41.50
N TYR G 95 11.40 -5.58 -40.86
CA TYR G 95 12.51 -5.67 -39.92
C TYR G 95 12.12 -5.23 -38.51
N CYS G 96 12.05 -6.21 -37.60
CA CYS G 96 11.73 -5.96 -36.20
C CYS G 96 13.00 -5.62 -35.43
N ALA G 97 12.92 -4.56 -34.62
CA ALA G 97 14.04 -4.03 -33.84
C ALA G 97 13.68 -3.57 -32.43
N LYS G 98 14.69 -3.37 -31.59
CA LYS G 98 14.51 -2.95 -30.19
C LYS G 98 15.23 -1.64 -29.84
N ASP G 99 14.81 -1.05 -28.72
CA ASP G 99 15.36 0.22 -28.23
C ASP G 99 16.86 0.19 -27.93
N HIS G 100 17.48 1.36 -28.06
CA HIS G 100 18.91 1.53 -27.76
C HIS G 100 19.20 2.02 -26.34
N ARG G 101 18.65 3.18 -25.99
CA ARG G 101 18.91 3.84 -24.70
C ARG G 101 17.63 4.05 -23.90
N VAL G 102 16.67 4.68 -24.54
CA VAL G 102 15.39 4.97 -23.94
C VAL G 102 14.75 3.69 -23.40
N TRP G 103 14.20 3.77 -22.18
CA TRP G 103 13.59 2.63 -21.55
C TRP G 103 12.08 2.68 -21.65
N ALA G 104 11.56 1.95 -22.64
CA ALA G 104 10.13 1.90 -22.90
C ALA G 104 9.51 3.29 -23.07
N ALA G 105 10.31 4.27 -23.46
CA ALA G 105 9.81 5.62 -23.68
C ALA G 105 10.05 6.08 -25.12
N GLY G 106 11.33 6.25 -25.45
CA GLY G 106 11.79 6.69 -26.76
C GLY G 106 11.70 5.66 -27.87
N TYR G 107 11.73 6.13 -29.11
CA TYR G 107 11.64 5.26 -30.28
C TYR G 107 12.93 4.90 -31.04
N HIS G 108 14.09 5.01 -30.39
CA HIS G 108 15.34 4.63 -31.04
C HIS G 108 15.45 3.11 -31.27
N PHE G 109 16.24 2.70 -32.27
CA PHE G 109 16.50 1.28 -32.60
C PHE G 109 17.98 0.95 -32.87
N ASP G 110 18.57 0.03 -32.11
CA ASP G 110 19.96 -0.38 -32.38
C ASP G 110 20.10 -1.69 -33.17
N TYR G 111 19.37 -2.72 -32.76
CA TYR G 111 19.57 -4.07 -33.29
C TYR G 111 18.40 -4.55 -34.13
N TRP G 112 18.67 -4.88 -35.39
CA TRP G 112 17.63 -5.30 -36.31
C TRP G 112 17.71 -6.78 -36.68
N GLY G 113 16.54 -7.36 -36.93
CA GLY G 113 16.46 -8.73 -37.41
C GLY G 113 16.86 -8.79 -38.87
N GLN G 114 17.03 -10.00 -39.38
CA GLN G 114 17.48 -10.22 -40.75
C GLN G 114 16.42 -9.80 -41.75
N GLY G 115 15.17 -9.78 -41.30
CA GLY G 115 14.06 -9.38 -42.15
C GLY G 115 13.29 -10.52 -42.79
N ALA G 116 11.97 -10.47 -42.69
CA ALA G 116 11.10 -11.49 -43.27
C ALA G 116 10.49 -10.94 -44.56
N LEU G 117 10.44 -11.78 -45.59
CA LEU G 117 9.90 -11.34 -46.87
C LEU G 117 8.42 -11.65 -47.01
N VAL G 118 7.65 -10.64 -47.39
CA VAL G 118 6.21 -10.80 -47.57
C VAL G 118 5.76 -10.27 -48.94
N THR G 119 5.22 -11.15 -49.76
CA THR G 119 4.76 -10.77 -51.09
C THR G 119 3.29 -11.16 -51.24
N VAL G 120 2.44 -10.17 -51.47
CA VAL G 120 1.01 -10.43 -51.54
C VAL G 120 0.47 -10.35 -52.98
N SER G 121 1.36 -10.32 -53.95
CA SER G 121 0.91 -10.23 -55.34
C SER G 121 0.08 -11.46 -55.71
N SER G 122 -0.93 -11.24 -56.54
CA SER G 122 -1.86 -12.30 -56.93
C SER G 122 -1.37 -13.18 -58.08
N ALA G 123 -0.26 -13.88 -57.88
CA ALA G 123 0.17 -14.79 -58.93
C ALA G 123 0.36 -16.23 -58.44
N SER G 124 -0.09 -17.16 -59.29
CA SER G 124 0.07 -18.58 -59.05
C SER G 124 1.55 -18.95 -59.23
N THR G 125 2.07 -19.80 -58.34
CA THR G 125 3.48 -20.15 -58.38
C THR G 125 3.83 -21.12 -59.51
N LYS G 126 4.66 -20.66 -60.45
CA LYS G 126 5.07 -21.46 -61.60
C LYS G 126 6.53 -21.24 -61.99
N GLY G 127 7.12 -22.27 -62.59
CA GLY G 127 8.51 -22.23 -63.02
C GLY G 127 8.83 -21.24 -64.14
N PRO G 128 10.01 -20.60 -64.06
CA PRO G 128 10.55 -19.64 -65.02
C PRO G 128 10.99 -20.23 -66.36
N SER G 129 10.79 -19.47 -67.44
CA SER G 129 11.29 -19.87 -68.75
C SER G 129 12.64 -19.22 -69.08
N VAL G 130 13.61 -20.04 -69.45
CA VAL G 130 14.97 -19.60 -69.75
C VAL G 130 15.26 -19.50 -71.26
N PHE G 131 15.60 -18.30 -71.73
CA PHE G 131 15.90 -18.05 -73.14
C PHE G 131 17.32 -17.54 -73.37
N PRO G 132 18.08 -18.26 -74.21
CA PRO G 132 19.47 -17.83 -74.46
C PRO G 132 19.55 -16.61 -75.36
N LEU G 133 20.56 -15.77 -75.12
CA LEU G 133 20.82 -14.61 -75.96
C LEU G 133 22.05 -14.88 -76.80
N ALA G 134 21.86 -15.04 -78.11
CA ALA G 134 22.97 -15.43 -78.99
C ALA G 134 24.03 -14.35 -79.14
N PRO G 135 25.31 -14.76 -79.16
CA PRO G 135 26.45 -13.87 -79.40
C PRO G 135 26.49 -13.37 -80.85
N THR G 144 35.48 -8.90 -78.52
CA THR G 144 34.64 -9.26 -77.38
C THR G 144 33.23 -9.65 -77.82
N ALA G 145 32.77 -10.81 -77.37
CA ALA G 145 31.40 -11.22 -77.62
C ALA G 145 30.66 -11.29 -76.29
N ALA G 146 29.39 -10.92 -76.31
CA ALA G 146 28.58 -10.96 -75.10
C ALA G 146 27.47 -11.99 -75.26
N LEU G 147 27.22 -12.76 -74.21
CA LEU G 147 26.07 -13.66 -74.22
C LEU G 147 25.41 -13.73 -72.85
N GLY G 148 24.14 -14.09 -72.82
CA GLY G 148 23.39 -14.11 -71.59
C GLY G 148 22.22 -15.06 -71.60
N CYS G 149 21.49 -15.06 -70.48
CA CYS G 149 20.30 -15.89 -70.31
C CYS G 149 19.18 -15.04 -69.71
N LEU G 150 17.99 -15.17 -70.26
CA LEU G 150 16.84 -14.41 -69.81
C LEU G 150 15.85 -15.34 -69.10
N VAL G 151 15.59 -15.01 -67.84
CA VAL G 151 14.60 -15.71 -67.04
C VAL G 151 13.31 -14.92 -67.08
N LYS G 152 12.22 -15.56 -67.49
CA LYS G 152 10.96 -14.83 -67.65
C LYS G 152 9.82 -15.53 -66.93
N ASP G 153 8.93 -14.70 -66.40
CA ASP G 153 7.69 -15.15 -65.77
C ASP G 153 7.92 -16.14 -64.64
N TYR G 154 8.76 -15.77 -63.68
CA TYR G 154 8.94 -16.60 -62.51
C TYR G 154 8.26 -15.93 -61.34
N PHE G 155 7.68 -16.75 -60.47
CA PHE G 155 7.05 -16.24 -59.27
C PHE G 155 6.91 -17.36 -58.26
N PRO G 156 7.25 -17.08 -57.01
CA PRO G 156 7.91 -15.82 -56.62
C PRO G 156 9.43 -15.97 -56.60
N GLU G 157 10.13 -14.98 -56.06
CA GLU G 157 11.56 -15.08 -55.84
C GLU G 157 11.88 -16.24 -54.88
N PRO G 158 13.11 -16.75 -54.90
CA PRO G 158 14.23 -16.29 -55.73
C PRO G 158 14.46 -17.04 -57.02
N VAL G 159 15.43 -16.54 -57.77
CA VAL G 159 15.98 -17.23 -58.92
C VAL G 159 17.48 -17.11 -58.82
N THR G 160 18.17 -18.24 -58.78
CA THR G 160 19.62 -18.19 -58.72
C THR G 160 20.23 -18.53 -60.07
N VAL G 161 21.18 -17.71 -60.50
CA VAL G 161 21.81 -17.87 -61.79
C VAL G 161 23.30 -18.10 -61.63
N SER G 162 23.82 -19.17 -62.24
CA SER G 162 25.25 -19.44 -62.14
C SER G 162 25.84 -19.90 -63.49
N TRP G 163 27.11 -19.58 -63.73
CA TRP G 163 27.74 -19.93 -65.00
C TRP G 163 28.72 -21.10 -64.85
N ASN G 164 28.43 -22.19 -65.55
CA ASN G 164 29.24 -23.40 -65.51
C ASN G 164 29.41 -23.93 -64.08
N SER G 165 28.31 -23.96 -63.32
CA SER G 165 28.35 -24.37 -61.92
C SER G 165 29.34 -23.54 -61.10
N GLY G 166 29.43 -22.25 -61.41
CA GLY G 166 30.26 -21.32 -60.65
C GLY G 166 31.70 -21.17 -61.12
N ALA G 167 32.04 -21.83 -62.22
CA ALA G 167 33.40 -21.80 -62.73
C ALA G 167 33.79 -20.39 -63.18
N LEU G 168 32.82 -19.67 -63.71
CA LEU G 168 33.06 -18.32 -64.15
C LEU G 168 32.57 -17.34 -63.10
N THR G 169 33.49 -16.94 -62.23
CA THR G 169 33.18 -16.04 -61.14
C THR G 169 33.38 -14.63 -61.62
N SER G 170 34.29 -14.49 -62.56
CA SER G 170 34.67 -13.19 -63.08
C SER G 170 33.79 -12.80 -64.25
N GLY G 171 33.66 -11.50 -64.48
CA GLY G 171 32.92 -10.97 -65.60
C GLY G 171 31.46 -11.40 -65.69
N VAL G 172 30.84 -11.63 -64.53
CA VAL G 172 29.44 -12.04 -64.50
C VAL G 172 28.56 -10.96 -63.88
N HIS G 173 27.51 -10.57 -64.59
CA HIS G 173 26.58 -9.58 -64.04
C HIS G 173 25.16 -10.13 -63.99
N THR G 174 24.61 -10.21 -62.78
CA THR G 174 23.24 -10.66 -62.57
C THR G 174 22.30 -9.49 -62.26
N PHE G 175 21.40 -9.20 -63.20
CA PHE G 175 20.49 -8.06 -63.07
C PHE G 175 19.28 -8.36 -62.17
N PRO G 176 18.77 -7.33 -61.48
CA PRO G 176 17.59 -7.39 -60.61
C PRO G 176 16.28 -7.78 -61.33
N ALA G 177 15.33 -8.33 -60.57
CA ALA G 177 14.02 -8.71 -61.09
C ALA G 177 13.20 -7.47 -61.45
N VAL G 178 12.25 -7.63 -62.38
CA VAL G 178 11.42 -6.52 -62.83
C VAL G 178 9.93 -6.76 -62.64
N LEU G 179 9.19 -5.69 -62.31
CA LEU G 179 7.74 -5.76 -62.17
C LEU G 179 7.06 -5.69 -63.53
N GLN G 180 6.24 -6.69 -63.84
CA GLN G 180 5.50 -6.72 -65.10
C GLN G 180 4.01 -6.47 -64.94
N SER G 181 3.34 -6.30 -66.07
CA SER G 181 1.89 -6.11 -66.09
C SER G 181 1.16 -7.38 -65.68
N SER G 182 1.71 -8.51 -66.12
CA SER G 182 1.12 -9.81 -65.80
C SER G 182 1.37 -10.19 -64.34
N GLY G 183 2.16 -9.37 -63.65
CA GLY G 183 2.49 -9.61 -62.25
C GLY G 183 3.54 -10.68 -62.08
N LEU G 184 4.22 -11.02 -63.17
CA LEU G 184 5.23 -12.06 -63.14
C LEU G 184 6.64 -11.47 -63.29
N TYR G 185 7.51 -11.80 -62.34
CA TYR G 185 8.85 -11.24 -62.34
C TYR G 185 9.68 -11.81 -63.48
N SER G 186 10.70 -11.04 -63.87
CA SER G 186 11.63 -11.47 -64.89
C SER G 186 13.02 -10.98 -64.51
N LEU G 187 14.01 -11.83 -64.68
CA LEU G 187 15.37 -11.51 -64.29
C LEU G 187 16.28 -11.78 -65.48
N SER G 188 17.38 -11.05 -65.58
CA SER G 188 18.30 -11.21 -66.70
C SER G 188 19.74 -11.33 -66.23
N SER G 189 20.49 -12.28 -66.79
CA SER G 189 21.90 -12.45 -66.39
C SER G 189 22.82 -12.50 -67.60
N VAL G 190 23.91 -11.73 -67.56
CA VAL G 190 24.81 -11.67 -68.71
C VAL G 190 26.28 -11.90 -68.34
N VAL G 191 27.05 -12.23 -69.37
CA VAL G 191 28.49 -12.46 -69.25
C VAL G 191 29.19 -12.05 -70.54
N THR G 192 30.41 -11.54 -70.40
CA THR G 192 31.22 -11.11 -71.53
C THR G 192 32.47 -11.99 -71.68
N VAL G 193 32.64 -12.61 -72.85
CA VAL G 193 33.78 -13.51 -73.10
C VAL G 193 34.39 -13.25 -74.49
N PRO G 194 35.68 -13.59 -74.67
CA PRO G 194 36.34 -13.37 -75.98
C PRO G 194 35.60 -14.07 -77.12
N SER G 195 35.70 -13.51 -78.31
CA SER G 195 34.97 -14.05 -79.46
C SER G 195 35.51 -15.43 -79.82
N SER G 196 36.81 -15.61 -79.63
CA SER G 196 37.48 -16.88 -79.93
C SER G 196 37.06 -18.00 -78.96
N SER G 197 36.86 -17.62 -77.70
CA SER G 197 36.57 -18.60 -76.65
C SER G 197 35.20 -19.24 -76.88
N LEU G 198 34.44 -18.68 -77.81
CA LEU G 198 33.14 -19.23 -78.16
C LEU G 198 33.35 -20.62 -78.75
N GLY G 199 34.39 -20.78 -79.57
CA GLY G 199 34.62 -22.05 -80.23
C GLY G 199 35.16 -23.16 -79.34
N THR G 200 36.10 -22.82 -78.47
CA THR G 200 36.79 -23.84 -77.67
C THR G 200 36.09 -24.13 -76.35
N GLN G 201 35.23 -23.22 -75.90
CA GLN G 201 34.54 -23.38 -74.63
C GLN G 201 33.01 -23.41 -74.84
N THR G 202 32.31 -24.12 -73.96
CA THR G 202 30.86 -24.21 -74.01
C THR G 202 30.26 -23.49 -72.80
N TYR G 203 29.24 -22.66 -73.04
CA TYR G 203 28.64 -21.84 -71.98
C TYR G 203 27.20 -22.26 -71.63
N ILE G 204 27.01 -22.62 -70.37
CA ILE G 204 25.70 -23.04 -69.87
C ILE G 204 25.35 -22.26 -68.62
N CYS G 205 24.12 -21.77 -68.54
CA CYS G 205 23.66 -21.01 -67.39
C CYS G 205 22.67 -21.83 -66.59
N ASN G 206 22.90 -21.92 -65.29
CA ASN G 206 22.04 -22.71 -64.42
C ASN G 206 21.05 -21.89 -63.60
N VAL G 207 19.77 -22.05 -63.89
CA VAL G 207 18.71 -21.37 -63.15
C VAL G 207 18.09 -22.31 -62.12
N ASN G 208 18.34 -22.00 -60.85
CA ASN G 208 17.78 -22.77 -59.76
C ASN G 208 16.72 -21.94 -59.05
N HIS G 209 15.48 -22.40 -59.19
CA HIS G 209 14.33 -21.81 -58.53
C HIS G 209 13.74 -22.89 -57.64
N LYS G 210 13.99 -22.82 -56.34
CA LYS G 210 13.56 -23.87 -55.42
C LYS G 210 12.03 -23.97 -55.22
N PRO G 211 11.35 -22.84 -54.98
CA PRO G 211 9.90 -22.91 -54.72
C PRO G 211 9.09 -23.57 -55.85
N SER G 212 9.37 -23.18 -57.09
CA SER G 212 8.67 -23.74 -58.23
C SER G 212 9.25 -25.11 -58.57
N ASN G 213 10.30 -25.46 -57.83
CA ASN G 213 11.03 -26.70 -58.00
C ASN G 213 11.49 -26.81 -59.45
N THR G 214 11.94 -25.68 -59.98
CA THR G 214 12.41 -25.59 -61.35
C THR G 214 13.92 -25.39 -61.37
N LYS G 215 14.64 -26.41 -61.81
CA LYS G 215 16.09 -26.30 -61.93
C LYS G 215 16.46 -26.63 -63.37
N VAL G 216 16.73 -25.60 -64.18
CA VAL G 216 17.00 -25.78 -65.61
C VAL G 216 18.30 -25.15 -66.12
N ASP G 217 19.08 -25.93 -66.87
CA ASP G 217 20.34 -25.46 -67.43
C ASP G 217 20.19 -25.24 -68.92
N LYS G 218 20.58 -24.05 -69.39
CA LYS G 218 20.47 -23.73 -70.80
C LYS G 218 21.79 -23.28 -71.40
N LYS G 219 22.14 -23.88 -72.53
CA LYS G 219 23.39 -23.55 -73.25
C LYS G 219 23.20 -22.42 -74.26
N VAL G 220 24.24 -21.62 -74.44
CA VAL G 220 24.24 -20.49 -75.37
C VAL G 220 25.07 -20.75 -76.63
N GLU G 221 24.44 -20.64 -77.79
CA GLU G 221 25.11 -20.87 -79.06
C GLU G 221 25.01 -19.66 -80.00
N PRO G 222 26.04 -19.44 -80.81
CA PRO G 222 26.00 -18.37 -81.82
C PRO G 222 25.23 -18.78 -83.07
N ASP H 1 1.74 16.33 -41.18
CA ASP H 1 2.87 15.56 -40.68
C ASP H 1 4.20 16.08 -41.24
N ILE H 2 5.31 15.62 -40.65
CA ILE H 2 6.65 16.10 -41.02
C ILE H 2 7.58 15.05 -41.66
N VAL H 3 8.11 15.39 -42.83
CA VAL H 3 9.10 14.56 -43.51
C VAL H 3 10.35 15.38 -43.86
N LEU H 4 11.50 14.86 -43.47
CA LEU H 4 12.77 15.51 -43.72
C LEU H 4 13.29 15.13 -45.11
N THR H 5 14.24 15.91 -45.60
CA THR H 5 14.84 15.64 -46.91
C THR H 5 16.35 15.79 -46.90
N GLN H 6 17.02 15.00 -47.71
CA GLN H 6 18.46 15.07 -47.81
C GLN H 6 18.79 15.54 -49.22
N SER H 7 19.82 16.36 -49.34
CA SER H 7 20.22 16.89 -50.65
C SER H 7 20.98 15.87 -51.50
N PRO H 8 22.10 15.30 -50.99
CA PRO H 8 22.70 14.32 -51.90
C PRO H 8 22.08 12.94 -51.76
N SER H 9 21.57 12.40 -52.87
CA SER H 9 21.04 11.05 -52.87
C SER H 9 22.22 10.11 -53.08
N THR H 10 23.04 10.45 -54.06
CA THR H 10 24.30 9.76 -54.28
C THR H 10 25.45 10.78 -54.21
N LEU H 11 26.33 10.62 -53.23
CA LEU H 11 27.45 11.53 -53.03
C LEU H 11 28.76 10.81 -53.31
N SER H 12 29.51 11.32 -54.28
CA SER H 12 30.76 10.69 -54.66
C SER H 12 31.87 11.00 -53.66
N ALA H 13 32.56 9.96 -53.22
CA ALA H 13 33.62 10.10 -52.24
C ALA H 13 34.61 8.97 -52.37
N SER H 14 35.69 9.06 -51.61
CA SER H 14 36.69 8.01 -51.59
C SER H 14 37.18 7.82 -50.16
N VAL H 15 37.96 6.77 -49.95
CA VAL H 15 38.51 6.45 -48.62
C VAL H 15 39.33 7.64 -48.11
N GLY H 16 39.13 8.01 -46.86
CA GLY H 16 39.88 9.08 -46.24
C GLY H 16 39.49 10.47 -46.71
N ASP H 17 38.31 10.58 -47.32
CA ASP H 17 37.79 11.87 -47.76
C ASP H 17 36.82 12.39 -46.71
N ARG H 18 36.90 13.69 -46.40
CA ARG H 18 35.95 14.26 -45.45
C ARG H 18 34.58 14.27 -46.10
N VAL H 19 33.63 13.58 -45.47
CA VAL H 19 32.30 13.43 -46.07
C VAL H 19 31.24 14.04 -45.16
N THR H 20 30.37 14.85 -45.74
CA THR H 20 29.30 15.49 -44.96
C THR H 20 27.93 15.26 -45.61
N ILE H 21 27.00 14.70 -44.84
CA ILE H 21 25.62 14.51 -45.30
C ILE H 21 24.71 15.47 -44.55
N THR H 22 23.82 16.10 -45.31
CA THR H 22 22.92 17.11 -44.77
C THR H 22 21.48 16.62 -44.72
N CYS H 23 20.88 16.69 -43.53
CA CYS H 23 19.51 16.26 -43.33
C CYS H 23 18.72 17.37 -42.64
N ARG H 24 17.79 17.98 -43.36
CA ARG H 24 17.02 19.12 -42.84
C ARG H 24 15.52 18.84 -42.68
N ALA H 25 15.02 18.95 -41.46
CA ALA H 25 13.59 18.76 -41.20
C ALA H 25 12.77 20.02 -41.52
N SER H 26 11.52 19.82 -41.93
CA SER H 26 10.63 20.94 -42.21
C SER H 26 10.30 21.71 -40.94
N GLN H 27 9.88 21.00 -39.90
CA GLN H 27 9.53 21.63 -38.63
C GLN H 27 10.71 21.59 -37.66
N SER H 28 10.43 21.82 -36.39
CA SER H 28 11.49 21.79 -35.39
C SER H 28 11.38 20.56 -34.50
N ILE H 29 12.42 19.74 -34.54
CA ILE H 29 12.49 18.51 -33.76
C ILE H 29 13.56 18.58 -32.67
N SER H 30 14.00 19.81 -32.36
CA SER H 30 15.04 20.07 -31.36
C SER H 30 16.27 19.28 -31.76
N SER H 31 16.87 18.55 -30.83
CA SER H 31 18.06 17.74 -31.11
C SER H 31 17.71 16.25 -31.27
N TRP H 32 16.43 15.94 -31.29
CA TRP H 32 15.91 14.57 -31.36
C TRP H 32 15.93 13.90 -32.74
N LEU H 33 17.10 13.40 -33.23
CA LEU H 33 17.25 12.81 -34.54
C LEU H 33 18.25 11.67 -34.39
N ALA H 34 18.22 10.68 -35.27
CA ALA H 34 19.22 9.61 -35.23
C ALA H 34 19.66 9.22 -36.66
N TRP H 35 20.86 8.64 -36.80
CA TRP H 35 21.36 8.22 -38.12
C TRP H 35 21.64 6.72 -38.22
N TYR H 36 21.22 6.16 -39.36
CA TYR H 36 21.34 4.74 -39.68
C TYR H 36 22.14 4.39 -40.92
N GLN H 37 22.62 3.15 -40.97
CA GLN H 37 23.39 2.64 -42.10
C GLN H 37 22.88 1.26 -42.56
N GLN H 38 22.54 1.15 -43.83
CA GLN H 38 22.09 -0.10 -44.40
C GLN H 38 22.89 -0.51 -45.64
N LYS H 39 23.58 -1.65 -45.55
CA LYS H 39 24.24 -2.25 -46.70
C LYS H 39 23.22 -3.07 -47.48
N PRO H 40 23.46 -3.28 -48.79
CA PRO H 40 22.55 -4.07 -49.64
C PRO H 40 22.27 -5.49 -49.12
N GLY H 41 21.00 -5.84 -48.96
CA GLY H 41 20.60 -7.17 -48.55
C GLY H 41 20.87 -7.54 -47.09
N GLU H 42 21.45 -6.60 -46.35
CA GLU H 42 21.76 -6.83 -44.94
C GLU H 42 20.84 -5.99 -44.06
N ALA H 43 20.61 -6.46 -42.83
CA ALA H 43 19.79 -5.72 -41.88
C ALA H 43 20.46 -4.39 -41.54
N PRO H 44 19.65 -3.33 -41.38
CA PRO H 44 20.09 -1.98 -41.02
C PRO H 44 20.81 -1.92 -39.67
N LYS H 45 21.88 -1.14 -39.62
CA LYS H 45 22.71 -1.01 -38.42
C LYS H 45 22.72 0.44 -37.91
N LEU H 46 22.58 0.60 -36.60
CA LEU H 46 22.51 1.92 -35.96
C LEU H 46 23.85 2.64 -35.92
N LEU H 47 23.90 3.84 -36.49
CA LEU H 47 25.13 4.64 -36.46
C LEU H 47 25.18 5.56 -35.24
N ILE H 48 24.23 6.49 -35.12
CA ILE H 48 24.32 7.44 -34.01
C ILE H 48 22.95 7.81 -33.44
N SER H 49 22.93 8.13 -32.15
CA SER H 49 21.70 8.35 -31.40
C SER H 49 21.67 9.72 -30.72
N ASP H 50 20.51 10.37 -30.74
CA ASP H 50 20.32 11.70 -30.14
C ASP H 50 21.21 12.75 -30.83
N ALA H 51 21.85 12.37 -31.93
CA ALA H 51 22.73 13.21 -32.75
C ALA H 51 24.00 13.65 -32.02
N SER H 52 24.14 13.25 -30.75
CA SER H 52 25.32 13.60 -29.96
C SER H 52 26.09 12.39 -29.39
N SER H 53 25.38 11.38 -28.87
CA SER H 53 26.01 10.22 -28.21
C SER H 53 26.24 9.05 -29.17
N LEU H 54 27.43 8.47 -29.11
CA LEU H 54 27.79 7.38 -30.02
C LEU H 54 27.46 5.99 -29.48
N GLU H 55 26.97 5.14 -30.38
CA GLU H 55 26.70 3.73 -30.10
C GLU H 55 27.96 2.88 -29.92
N SER H 56 27.85 1.85 -29.08
CA SER H 56 28.95 0.91 -28.85
C SER H 56 29.21 0.07 -30.10
N GLY H 57 30.48 -0.20 -30.39
CA GLY H 57 30.87 -0.98 -31.54
C GLY H 57 31.03 -0.17 -32.82
N VAL H 58 30.75 1.13 -32.73
CA VAL H 58 30.87 2.04 -33.86
C VAL H 58 32.19 2.80 -33.85
N PRO H 59 32.88 2.83 -35.00
CA PRO H 59 34.10 3.63 -35.15
C PRO H 59 33.92 5.07 -34.69
N SER H 60 34.96 5.67 -34.11
CA SER H 60 34.87 7.00 -33.51
C SER H 60 34.92 8.11 -34.56
N ARG H 61 35.33 7.76 -35.78
CA ARG H 61 35.52 8.74 -36.84
C ARG H 61 34.24 9.48 -37.19
N PHE H 62 33.12 8.79 -37.05
CA PHE H 62 31.80 9.36 -37.33
C PHE H 62 31.40 10.38 -36.24
N SER H 63 30.83 11.50 -36.66
CA SER H 63 30.33 12.51 -35.72
C SER H 63 29.15 13.27 -36.30
N GLY H 64 28.35 13.91 -35.45
CA GLY H 64 27.17 14.64 -35.91
C GLY H 64 26.91 15.92 -35.12
N SER H 65 26.27 16.90 -35.75
CA SER H 65 26.02 18.18 -35.08
C SER H 65 24.77 18.91 -35.60
N GLY H 66 24.53 20.11 -35.09
CA GLY H 66 23.36 20.90 -35.42
C GLY H 66 22.29 20.91 -34.35
N SER H 67 21.50 21.98 -34.31
CA SER H 67 20.39 22.09 -33.37
C SER H 67 19.15 22.65 -34.08
N GLY H 68 17.98 22.36 -33.52
CA GLY H 68 16.73 22.80 -34.10
C GLY H 68 16.40 22.09 -35.40
N THR H 69 16.27 22.85 -36.47
CA THR H 69 15.90 22.30 -37.79
C THR H 69 17.09 21.73 -38.57
N GLU H 70 18.28 22.27 -38.33
CA GLU H 70 19.46 21.89 -39.10
C GLU H 70 20.29 20.79 -38.44
N PHE H 71 20.78 19.84 -39.26
CA PHE H 71 21.63 18.74 -38.77
C PHE H 71 22.70 18.35 -39.80
N THR H 72 23.88 17.93 -39.33
CA THR H 72 24.96 17.54 -40.23
C THR H 72 25.75 16.31 -39.75
N LEU H 73 25.89 15.32 -40.63
CA LEU H 73 26.74 14.17 -40.35
C LEU H 73 28.11 14.32 -41.00
N THR H 74 29.17 14.28 -40.20
CA THR H 74 30.53 14.44 -40.70
C THR H 74 31.41 13.22 -40.38
N ILE H 75 32.05 12.70 -41.43
CA ILE H 75 33.04 11.63 -41.31
C ILE H 75 34.40 12.20 -41.71
N SER H 76 35.31 12.25 -40.75
CA SER H 76 36.65 12.78 -41.00
C SER H 76 37.41 11.88 -41.96
N SER H 77 37.22 10.58 -41.81
CA SER H 77 37.87 9.61 -42.69
C SER H 77 36.89 8.52 -43.13
N LEU H 78 36.75 8.38 -44.44
CA LEU H 78 35.87 7.37 -45.01
C LEU H 78 36.66 6.07 -45.18
N GLN H 79 36.01 4.93 -45.00
CA GLN H 79 36.68 3.64 -45.09
C GLN H 79 35.92 2.71 -46.04
N PRO H 80 36.59 1.66 -46.56
CA PRO H 80 35.92 0.73 -47.49
C PRO H 80 34.70 0.07 -46.87
N ASP H 81 34.77 -0.19 -45.57
CA ASP H 81 33.64 -0.78 -44.86
C ASP H 81 32.50 0.23 -44.70
N ASP H 82 32.84 1.52 -44.79
CA ASP H 82 31.89 2.61 -44.57
C ASP H 82 30.97 2.92 -45.75
N PHE H 83 31.14 2.18 -46.84
CA PHE H 83 30.33 2.40 -48.04
C PHE H 83 29.00 1.66 -47.93
N ALA H 84 27.93 2.43 -47.71
CA ALA H 84 26.59 1.87 -47.58
C ALA H 84 25.55 2.98 -47.72
N THR H 85 24.28 2.61 -47.63
CA THR H 85 23.21 3.59 -47.74
C THR H 85 23.05 4.26 -46.39
N TYR H 86 22.77 5.57 -46.41
CA TYR H 86 22.58 6.31 -45.16
C TYR H 86 21.21 6.94 -45.05
N TYR H 87 20.69 6.97 -43.83
CA TYR H 87 19.37 7.50 -43.56
C TYR H 87 19.33 8.26 -42.23
N CYS H 88 18.62 9.39 -42.21
CA CYS H 88 18.46 10.22 -41.01
C CYS H 88 17.04 10.12 -40.45
N GLN H 89 16.87 9.77 -39.18
CA GLN H 89 15.49 9.64 -38.65
C GLN H 89 15.01 10.50 -37.45
N GLN H 90 13.82 11.09 -37.58
CA GLN H 90 13.16 11.86 -36.51
C GLN H 90 11.91 11.08 -36.00
N TYR H 91 11.80 10.93 -34.68
CA TYR H 91 10.68 10.22 -34.03
C TYR H 91 9.61 11.06 -33.38
N TYR H 92 9.72 12.38 -33.51
CA TYR H 92 8.76 13.31 -32.91
C TYR H 92 7.31 12.95 -33.21
N SER H 93 6.93 13.10 -34.49
CA SER H 93 5.59 12.85 -35.05
C SER H 93 5.84 12.34 -36.46
N SER H 94 5.07 11.34 -36.92
CA SER H 94 5.20 10.75 -38.28
C SER H 94 6.59 10.19 -38.61
N PRO H 95 7.01 9.12 -37.93
CA PRO H 95 8.37 8.62 -38.10
C PRO H 95 8.63 8.29 -39.56
N THR H 96 9.69 8.86 -40.10
CA THR H 96 10.00 8.76 -41.52
C THR H 96 11.50 8.66 -41.68
N PHE H 97 11.92 7.82 -42.62
CA PHE H 97 13.33 7.60 -42.85
C PHE H 97 13.91 8.45 -43.97
N GLY H 98 13.09 8.77 -44.96
CA GLY H 98 13.56 9.57 -46.09
C GLY H 98 14.02 8.78 -47.30
N GLY H 99 14.46 9.51 -48.32
CA GLY H 99 14.95 8.92 -49.56
C GLY H 99 16.20 8.11 -49.33
N GLY H 100 17.19 8.72 -48.68
CA GLY H 100 18.43 8.04 -48.38
C GLY H 100 19.68 8.57 -49.05
N THR H 101 20.80 8.49 -48.34
CA THR H 101 22.05 8.98 -48.93
C THR H 101 23.04 7.83 -49.16
N LYS H 102 23.28 7.53 -50.43
CA LYS H 102 24.17 6.45 -50.85
C LYS H 102 25.59 6.93 -51.16
N VAL H 103 26.61 6.17 -50.71
CA VAL H 103 28.00 6.56 -50.93
C VAL H 103 28.68 5.63 -51.95
N GLU H 104 29.36 6.21 -52.94
CA GLU H 104 30.00 5.47 -54.03
C GLU H 104 31.40 5.95 -54.40
N ILE H 105 31.98 5.34 -55.43
CA ILE H 105 33.30 5.74 -55.93
C ILE H 105 33.18 6.40 -57.30
N THR H 108 37.77 8.47 -61.88
CA THR H 108 37.61 7.16 -62.51
C THR H 108 36.39 7.16 -63.43
N VAL H 109 36.66 7.37 -64.72
CA VAL H 109 35.65 7.44 -65.76
C VAL H 109 35.95 6.56 -66.97
N ALA H 110 35.00 5.69 -67.31
CA ALA H 110 35.15 4.79 -68.46
C ALA H 110 33.87 4.75 -69.29
N ALA H 111 34.00 4.44 -70.57
CA ALA H 111 32.85 4.38 -71.48
C ALA H 111 32.06 3.08 -71.36
N PRO H 112 30.76 3.18 -71.60
CA PRO H 112 29.85 2.03 -71.54
C PRO H 112 29.97 1.11 -72.76
N SER H 113 30.07 -0.19 -72.51
CA SER H 113 30.05 -1.16 -73.61
C SER H 113 28.60 -1.47 -73.99
N VAL H 114 28.29 -1.36 -75.28
CA VAL H 114 26.94 -1.51 -75.79
C VAL H 114 26.76 -2.83 -76.56
N PHE H 115 25.82 -3.66 -76.10
CA PHE H 115 25.52 -4.94 -76.75
C PHE H 115 24.01 -5.13 -76.94
N ILE H 116 23.57 -5.46 -78.16
CA ILE H 116 22.14 -5.65 -78.39
C ILE H 116 21.79 -7.10 -78.75
N PHE H 117 20.84 -7.67 -78.01
CA PHE H 117 20.41 -9.05 -78.19
C PHE H 117 18.97 -9.15 -78.69
N PRO H 118 18.76 -9.89 -79.77
CA PRO H 118 17.46 -10.21 -80.40
C PRO H 118 16.68 -11.24 -79.60
N PRO H 119 15.35 -11.31 -79.78
CA PRO H 119 14.53 -12.33 -79.13
C PRO H 119 14.92 -13.73 -79.59
N SER H 120 14.95 -14.68 -78.67
CA SER H 120 15.34 -16.04 -79.01
C SER H 120 14.29 -16.72 -79.89
N ASP H 121 14.71 -17.79 -80.56
CA ASP H 121 13.83 -18.54 -81.45
C ASP H 121 12.78 -19.28 -80.65
N GLU H 122 13.19 -19.76 -79.48
CA GLU H 122 12.30 -20.48 -78.58
C GLU H 122 11.20 -19.57 -78.04
N GLN H 123 11.50 -18.28 -77.92
CA GLN H 123 10.55 -17.29 -77.40
C GLN H 123 9.39 -16.99 -78.35
N LEU H 124 9.64 -17.12 -79.65
CA LEU H 124 8.63 -16.85 -80.67
C LEU H 124 7.44 -17.81 -80.67
N LYS H 125 7.68 -19.07 -80.28
CA LYS H 125 6.62 -20.07 -80.27
C LYS H 125 5.56 -19.68 -79.23
N SER H 126 6.00 -19.00 -78.19
CA SER H 126 5.11 -18.53 -77.15
C SER H 126 4.24 -17.37 -77.63
N GLY H 127 4.77 -16.56 -78.54
CA GLY H 127 4.03 -15.41 -79.05
C GLY H 127 4.44 -14.11 -78.38
N THR H 128 5.55 -14.13 -77.65
CA THR H 128 6.04 -12.93 -76.98
C THR H 128 7.47 -12.62 -77.39
N ALA H 129 7.77 -11.35 -77.61
CA ALA H 129 9.11 -10.95 -78.02
C ALA H 129 9.75 -9.98 -77.03
N SER H 130 10.98 -10.28 -76.62
CA SER H 130 11.73 -9.41 -75.73
C SER H 130 13.11 -9.12 -76.30
N VAL H 131 13.40 -7.83 -76.47
CA VAL H 131 14.69 -7.38 -76.97
C VAL H 131 15.51 -6.92 -75.77
N VAL H 132 16.81 -7.17 -75.78
CA VAL H 132 17.64 -6.79 -74.63
C VAL H 132 18.82 -5.88 -75.03
N CYS H 133 18.97 -4.79 -74.30
CA CYS H 133 20.06 -3.84 -74.50
C CYS H 133 20.94 -3.90 -73.27
N LEU H 134 22.24 -4.16 -73.46
CA LEU H 134 23.18 -4.30 -72.35
C LEU H 134 24.25 -3.21 -72.36
N LEU H 135 24.46 -2.57 -71.21
CA LEU H 135 25.51 -1.57 -71.03
C LEU H 135 26.40 -2.07 -69.90
N ASN H 136 27.70 -2.24 -70.16
CA ASN H 136 28.59 -2.80 -69.12
C ASN H 136 29.84 -1.96 -68.84
N ASN H 137 30.27 -1.97 -67.58
CA ASN H 137 31.45 -1.23 -67.13
C ASN H 137 31.45 0.26 -67.51
N PHE H 138 30.59 1.04 -66.86
CA PHE H 138 30.51 2.47 -67.14
C PHE H 138 30.63 3.38 -65.92
N TYR H 139 31.36 4.47 -66.09
CA TYR H 139 31.55 5.43 -65.02
C TYR H 139 31.08 6.77 -65.54
N PRO H 140 30.33 7.52 -64.74
CA PRO H 140 29.72 7.04 -63.49
C PRO H 140 28.41 6.29 -63.73
N ARG H 141 27.84 5.73 -62.68
CA ARG H 141 26.56 4.99 -62.73
C ARG H 141 25.50 5.63 -63.64
N GLU H 142 25.39 6.95 -63.61
CA GLU H 142 24.46 7.69 -64.46
C GLU H 142 24.51 7.26 -65.92
N ALA H 143 23.34 7.06 -66.53
CA ALA H 143 23.26 6.67 -67.93
C ALA H 143 21.89 6.97 -68.49
N LYS H 144 21.78 6.97 -69.81
CA LYS H 144 20.50 7.19 -70.46
C LYS H 144 20.35 6.24 -71.63
N VAL H 145 19.30 5.43 -71.61
CA VAL H 145 19.10 4.44 -72.66
C VAL H 145 17.78 4.69 -73.35
N GLN H 146 17.81 4.82 -74.68
CA GLN H 146 16.61 5.07 -75.46
C GLN H 146 16.37 3.96 -76.48
N TRP H 147 15.10 3.77 -76.85
CA TRP H 147 14.72 2.74 -77.82
C TRP H 147 14.09 3.39 -79.05
N LYS H 148 14.56 3.00 -80.23
CA LYS H 148 14.03 3.56 -81.48
C LYS H 148 13.65 2.48 -82.49
N VAL H 149 12.38 2.10 -82.48
CA VAL H 149 11.87 1.09 -83.41
C VAL H 149 11.41 1.73 -84.70
N ASP H 150 12.14 1.46 -85.79
CA ASP H 150 11.90 2.06 -87.09
C ASP H 150 11.93 3.58 -87.00
N ASN H 151 12.97 4.10 -86.34
CA ASN H 151 13.14 5.53 -86.11
C ASN H 151 11.93 6.14 -85.37
N ALA H 152 11.36 5.37 -84.44
CA ALA H 152 10.26 5.84 -83.63
C ALA H 152 10.48 5.49 -82.16
N LEU H 153 10.38 6.49 -81.29
CA LEU H 153 10.59 6.30 -79.86
C LEU H 153 9.51 5.44 -79.21
N GLN H 154 9.94 4.58 -78.29
CA GLN H 154 9.02 3.69 -77.58
C GLN H 154 9.04 4.04 -76.09
N SER H 155 7.87 4.38 -75.55
CA SER H 155 7.76 4.75 -74.15
C SER H 155 6.74 3.86 -73.44
N GLY H 156 7.10 3.37 -72.27
CA GLY H 156 6.20 2.57 -71.46
C GLY H 156 6.38 1.07 -71.66
N ASN H 157 6.91 0.70 -72.82
CA ASN H 157 7.12 -0.72 -73.12
C ASN H 157 8.54 -1.15 -72.79
N SER H 158 9.31 -0.24 -72.20
CA SER H 158 10.70 -0.54 -71.84
C SER H 158 10.95 -0.41 -70.34
N GLN H 159 11.63 -1.40 -69.78
CA GLN H 159 11.98 -1.41 -68.34
C GLN H 159 13.48 -1.61 -68.12
N GLU H 160 14.04 -0.93 -67.12
CA GLU H 160 15.50 -0.95 -66.90
C GLU H 160 15.93 -1.31 -65.47
N SER H 161 17.11 -1.91 -65.34
CA SER H 161 17.65 -2.31 -64.03
C SER H 161 19.18 -2.17 -63.96
N VAL H 162 19.69 -1.77 -62.80
CA VAL H 162 21.13 -1.52 -62.61
C VAL H 162 21.72 -2.37 -61.46
N THR H 163 22.85 -3.02 -61.72
CA THR H 163 23.54 -3.82 -60.71
C THR H 163 24.35 -2.99 -59.70
N GLU H 164 24.78 -3.66 -58.63
CA GLU H 164 25.63 -3.03 -57.61
C GLU H 164 27.07 -2.95 -58.09
N GLN H 165 27.86 -2.13 -57.41
CA GLN H 165 29.27 -1.98 -57.71
C GLN H 165 29.93 -3.34 -57.51
N ASP H 166 30.68 -3.80 -58.50
CA ASP H 166 31.43 -5.04 -58.31
C ASP H 166 32.68 -4.73 -57.51
N SER H 167 33.01 -5.61 -56.57
CA SER H 167 34.15 -5.38 -55.69
C SER H 167 35.46 -5.27 -56.48
N LYS H 168 35.54 -6.04 -57.57
CA LYS H 168 36.76 -6.11 -58.36
C LYS H 168 37.08 -4.84 -59.16
N ASP H 169 36.16 -4.43 -60.04
CA ASP H 169 36.42 -3.32 -60.94
C ASP H 169 35.74 -2.00 -60.52
N SER H 170 34.82 -2.09 -59.58
CA SER H 170 34.04 -0.93 -59.13
C SER H 170 33.29 -0.29 -60.30
N THR H 171 32.84 -1.11 -61.25
CA THR H 171 32.14 -0.61 -62.43
C THR H 171 30.70 -1.10 -62.43
N TYR H 172 29.79 -0.19 -62.76
CA TYR H 172 28.36 -0.48 -62.78
C TYR H 172 27.90 -1.06 -64.11
N SER H 173 26.75 -1.73 -64.08
CA SER H 173 26.18 -2.36 -65.27
C SER H 173 24.69 -2.09 -65.34
N LEU H 174 24.17 -1.91 -66.56
CA LEU H 174 22.77 -1.57 -66.74
C LEU H 174 22.14 -2.45 -67.83
N SER H 175 20.88 -2.82 -67.62
CA SER H 175 20.14 -3.63 -68.60
C SER H 175 18.79 -2.99 -68.94
N SER H 176 18.45 -3.01 -70.22
CA SER H 176 17.19 -2.45 -70.70
C SER H 176 16.43 -3.51 -71.51
N THR H 177 15.17 -3.73 -71.16
CA THR H 177 14.35 -4.73 -71.85
C THR H 177 13.10 -4.12 -72.49
N LEU H 178 12.91 -4.41 -73.78
CA LEU H 178 11.71 -4.00 -74.51
C LEU H 178 10.83 -5.21 -74.77
N THR H 179 9.61 -5.19 -74.20
CA THR H 179 8.70 -6.31 -74.35
C THR H 179 7.51 -5.94 -75.21
N LEU H 180 7.28 -6.73 -76.26
CA LEU H 180 6.14 -6.51 -77.14
C LEU H 180 5.55 -7.86 -77.57
N SER H 181 4.32 -7.80 -78.09
CA SER H 181 3.63 -8.99 -78.59
C SER H 181 4.28 -9.48 -79.89
N LYS H 182 4.00 -10.72 -80.25
CA LYS H 182 4.58 -11.33 -81.45
C LYS H 182 4.21 -10.55 -82.71
N ALA H 183 2.95 -10.12 -82.80
CA ALA H 183 2.46 -9.37 -83.95
C ALA H 183 3.15 -8.02 -84.08
N ASP H 184 3.18 -7.27 -82.97
CA ASP H 184 3.84 -5.97 -82.93
C ASP H 184 5.32 -6.07 -83.25
N TYR H 185 5.92 -7.21 -82.91
CA TYR H 185 7.33 -7.47 -83.20
C TYR H 185 7.59 -7.77 -84.67
N GLU H 186 6.76 -8.61 -85.27
CA GLU H 186 6.96 -9.00 -86.66
C GLU H 186 6.60 -7.86 -87.61
N LYS H 187 5.72 -6.96 -87.15
CA LYS H 187 5.35 -5.77 -87.93
C LYS H 187 6.51 -4.76 -88.10
N HIS H 188 7.30 -4.56 -87.06
CA HIS H 188 8.41 -3.62 -87.10
C HIS H 188 9.71 -4.27 -87.60
N LYS H 189 10.36 -3.61 -88.56
CA LYS H 189 11.53 -4.16 -89.24
C LYS H 189 12.87 -3.93 -88.53
N VAL H 190 13.12 -2.70 -88.10
CA VAL H 190 14.42 -2.34 -87.54
C VAL H 190 14.35 -2.00 -86.06
N TYR H 191 15.21 -2.62 -85.25
CA TYR H 191 15.23 -2.29 -83.82
C TYR H 191 16.58 -1.74 -83.38
N ALA H 192 16.57 -0.60 -82.69
CA ALA H 192 17.81 0.05 -82.26
C ALA H 192 17.79 0.53 -80.81
N CYS H 193 18.97 0.48 -80.17
CA CYS H 193 19.12 0.95 -78.81
C CYS H 193 20.15 2.08 -78.78
N GLU H 194 19.79 3.19 -78.17
CA GLU H 194 20.69 4.35 -78.09
C GLU H 194 21.28 4.50 -76.69
N VAL H 195 22.59 4.72 -76.63
CA VAL H 195 23.23 4.88 -75.33
C VAL H 195 23.83 6.29 -75.21
N THR H 196 23.35 7.01 -74.20
CA THR H 196 23.78 8.36 -73.87
C THR H 196 24.50 8.33 -72.53
N HIS H 197 25.77 8.66 -72.54
CA HIS H 197 26.53 8.65 -71.31
C HIS H 197 27.40 9.88 -71.20
N GLN H 198 28.00 10.07 -70.03
CA GLN H 198 28.89 11.20 -69.83
C GLN H 198 30.24 10.89 -70.49
N GLY H 199 30.69 9.64 -70.36
CA GLY H 199 31.96 9.19 -70.90
C GLY H 199 32.08 9.30 -72.41
N LEU H 200 30.98 9.00 -73.10
CA LEU H 200 30.96 9.10 -74.55
C LEU H 200 30.40 10.46 -74.96
N SER H 201 31.19 11.20 -75.74
CA SER H 201 30.76 12.51 -76.25
C SER H 201 29.60 12.35 -77.21
N SER H 202 29.71 11.37 -78.09
CA SER H 202 28.63 11.05 -79.03
C SER H 202 27.94 9.78 -78.58
N PRO H 203 26.61 9.86 -78.40
CA PRO H 203 25.78 8.71 -78.00
C PRO H 203 25.93 7.53 -78.96
N VAL H 204 26.32 6.36 -78.46
CA VAL H 204 26.60 5.24 -79.37
C VAL H 204 25.35 4.39 -79.51
N THR H 205 25.03 3.98 -80.73
CA THR H 205 23.83 3.17 -80.97
C THR H 205 24.07 1.84 -81.69
N LYS H 206 23.62 0.75 -81.06
CA LYS H 206 23.73 -0.60 -81.63
C LYS H 206 22.34 -1.02 -82.08
N SER H 207 22.21 -1.42 -83.35
CA SER H 207 20.92 -1.78 -83.91
C SER H 207 21.00 -3.11 -84.66
N PHE H 208 19.86 -3.75 -84.82
CA PHE H 208 19.79 -4.95 -85.65
C PHE H 208 18.50 -5.02 -86.47
N ASN H 209 18.59 -5.79 -87.55
CA ASN H 209 17.48 -6.07 -88.45
C ASN H 209 16.84 -7.43 -88.15
N ARG H 210 15.51 -7.48 -88.23
CA ARG H 210 14.76 -8.70 -87.96
C ARG H 210 15.02 -9.79 -89.00
N GLY H 211 15.19 -11.03 -88.53
CA GLY H 211 15.46 -12.16 -89.40
C GLY H 211 16.79 -12.17 -90.13
N GLU H 212 17.85 -11.82 -89.43
CA GLU H 212 19.20 -11.83 -90.02
C GLU H 212 20.15 -12.70 -89.21
N VAL I 2 -37.45 0.15 27.45
CA VAL I 2 -36.08 0.45 27.08
C VAL I 2 -35.19 -0.74 27.49
N GLN I 3 -35.52 -1.92 26.97
CA GLN I 3 -34.81 -3.15 27.28
C GLN I 3 -34.42 -3.95 26.03
N LEU I 4 -33.25 -4.55 26.10
CA LEU I 4 -32.71 -5.36 25.02
C LEU I 4 -32.59 -6.82 25.42
N VAL I 5 -32.88 -7.69 24.47
CA VAL I 5 -32.80 -9.12 24.71
C VAL I 5 -31.96 -9.89 23.68
N GLN I 6 -30.78 -10.36 24.03
CA GLN I 6 -29.93 -11.15 23.15
C GLN I 6 -30.34 -12.62 23.11
N SER I 7 -29.57 -13.42 22.37
CA SER I 7 -29.79 -14.86 22.27
C SER I 7 -29.36 -15.55 23.56
N GLY I 8 -30.12 -16.55 23.99
CA GLY I 8 -29.85 -17.21 25.26
C GLY I 8 -28.56 -18.00 25.25
N VAL I 9 -28.53 -19.05 24.45
CA VAL I 9 -27.37 -19.94 24.38
C VAL I 9 -27.17 -20.41 22.95
N THR I 10 -25.91 -20.56 22.55
CA THR I 10 -25.56 -20.99 21.21
C THR I 10 -24.23 -21.76 21.21
N LEU I 11 -24.08 -22.67 20.27
CA LEU I 11 -22.85 -23.46 20.15
C LEU I 11 -22.53 -23.68 18.67
N VAL I 12 -21.25 -23.56 18.32
CA VAL I 12 -20.86 -23.69 16.91
C VAL I 12 -19.56 -24.47 16.67
N GLN I 13 -19.13 -24.47 15.40
CA GLN I 13 -17.95 -25.20 14.94
C GLN I 13 -17.00 -24.29 14.14
N PRO I 14 -15.79 -24.78 13.74
CA PRO I 14 -14.91 -23.81 13.07
C PRO I 14 -15.39 -23.43 11.67
N GLY I 15 -15.42 -22.13 11.41
CA GLY I 15 -15.85 -21.62 10.12
C GLY I 15 -17.35 -21.69 9.97
N GLY I 16 -18.01 -22.01 11.07
CA GLY I 16 -19.46 -22.18 11.08
C GLY I 16 -20.26 -20.90 10.97
N SER I 17 -21.55 -21.04 10.72
CA SER I 17 -22.44 -19.90 10.62
C SER I 17 -23.44 -19.88 11.77
N LEU I 18 -23.63 -18.69 12.34
CA LEU I 18 -24.53 -18.54 13.47
C LEU I 18 -25.14 -17.16 13.47
N ARG I 19 -26.40 -17.08 13.88
CA ARG I 19 -27.09 -15.81 13.93
C ARG I 19 -27.37 -15.42 15.36
N VAL I 20 -27.02 -14.19 15.71
CA VAL I 20 -27.38 -13.70 17.02
C VAL I 20 -28.46 -12.64 16.86
N SER I 21 -29.58 -12.85 17.54
CA SER I 21 -30.73 -11.98 17.42
C SER I 21 -30.90 -11.11 18.66
N CYS I 22 -30.84 -9.80 18.47
CA CYS I 22 -31.04 -8.86 19.57
C CYS I 22 -32.34 -8.11 19.39
N ALA I 23 -33.28 -8.45 20.25
CA ALA I 23 -34.61 -7.84 20.26
C ALA I 23 -34.54 -6.55 21.06
N ALA I 24 -35.32 -5.56 20.65
CA ALA I 24 -35.33 -4.26 21.30
C ALA I 24 -36.76 -3.84 21.59
N SER I 25 -37.01 -3.33 22.79
CA SER I 25 -38.37 -2.88 23.10
C SER I 25 -38.41 -1.80 24.17
N GLY I 26 -39.55 -1.11 24.26
CA GLY I 26 -39.74 -0.09 25.27
C GLY I 26 -39.33 1.30 24.87
N PHE I 27 -38.72 1.44 23.69
CA PHE I 27 -38.36 2.77 23.22
C PHE I 27 -38.15 2.71 21.70
N THR I 28 -38.20 3.85 21.04
CA THR I 28 -38.09 3.93 19.57
C THR I 28 -36.76 3.37 19.04
N PHE I 29 -36.88 2.51 18.02
CA PHE I 29 -35.73 1.81 17.46
C PHE I 29 -35.01 2.54 16.32
N SER I 30 -35.71 2.72 15.20
CA SER I 30 -35.15 3.29 13.97
C SER I 30 -34.47 4.63 14.19
N SER I 31 -34.86 5.31 15.25
CA SER I 31 -34.32 6.61 15.58
C SER I 31 -32.85 6.52 15.91
N TYR I 32 -32.45 5.40 16.53
CA TYR I 32 -31.07 5.26 17.01
C TYR I 32 -30.24 4.24 16.22
N ALA I 33 -28.91 4.31 16.42
CA ALA I 33 -27.97 3.41 15.75
C ALA I 33 -27.45 2.35 16.70
N MET I 34 -27.51 1.09 16.28
CA MET I 34 -27.13 -0.01 17.16
C MET I 34 -25.76 -0.61 16.83
N SER I 35 -25.19 -1.28 17.84
CA SER I 35 -23.91 -1.92 17.66
C SER I 35 -23.69 -3.15 18.56
N TRP I 36 -22.79 -4.02 18.11
CA TRP I 36 -22.39 -5.21 18.84
C TRP I 36 -21.05 -5.02 19.51
N VAL I 37 -20.91 -5.54 20.74
CA VAL I 37 -19.63 -5.52 21.45
C VAL I 37 -19.38 -6.88 22.10
N ARG I 38 -18.23 -7.50 21.84
CA ARG I 38 -17.97 -8.83 22.39
C ARG I 38 -16.98 -8.80 23.55
N GLN I 39 -17.22 -9.70 24.50
CA GLN I 39 -16.36 -9.85 25.66
C GLN I 39 -15.87 -11.27 25.76
N ALA I 40 -14.58 -11.46 25.56
CA ALA I 40 -13.92 -12.74 25.77
C ALA I 40 -13.69 -12.93 27.27
N PRO I 41 -13.75 -14.18 27.73
CA PRO I 41 -13.52 -14.49 29.14
C PRO I 41 -12.17 -13.97 29.65
N GLY I 42 -12.21 -13.21 30.74
CA GLY I 42 -11.01 -12.66 31.33
C GLY I 42 -10.34 -11.59 30.49
N LYS I 43 -11.07 -11.02 29.55
CA LYS I 43 -10.54 -9.98 28.67
C LYS I 43 -11.44 -8.76 28.63
N GLY I 44 -10.86 -7.63 28.22
CA GLY I 44 -11.62 -6.41 28.07
C GLY I 44 -12.58 -6.51 26.91
N LEU I 45 -13.51 -5.56 26.83
CA LEU I 45 -14.48 -5.51 25.75
C LEU I 45 -13.82 -5.19 24.42
N GLU I 46 -14.41 -5.67 23.33
CA GLU I 46 -13.93 -5.37 21.98
C GLU I 46 -15.09 -5.02 21.05
N TRP I 47 -14.95 -3.92 20.29
CA TRP I 47 -15.97 -3.50 19.34
C TRP I 47 -16.01 -4.41 18.12
N VAL I 48 -17.20 -4.91 17.79
CA VAL I 48 -17.37 -5.86 16.68
C VAL I 48 -17.87 -5.15 15.42
N SER I 49 -19.15 -4.81 15.41
CA SER I 49 -19.76 -4.21 14.23
C SER I 49 -20.75 -3.14 14.64
N ALA I 50 -21.05 -2.27 13.68
CA ALA I 50 -21.97 -1.18 13.90
C ALA I 50 -22.81 -0.96 12.66
N ILE I 51 -24.02 -0.46 12.87
CA ILE I 51 -24.89 -0.15 11.76
C ILE I 51 -25.57 1.17 12.03
N SER I 52 -25.75 1.97 11.00
CA SER I 52 -26.35 3.28 11.19
C SER I 52 -27.81 3.07 11.59
N GLY I 53 -28.37 4.08 12.26
CA GLY I 53 -29.74 4.01 12.74
C GLY I 53 -30.74 3.78 11.64
N LEU I 54 -30.38 4.30 10.48
CA LEU I 54 -31.19 4.18 9.28
C LEU I 54 -30.91 2.83 8.60
N GLY I 55 -29.65 2.40 8.63
CA GLY I 55 -29.26 1.14 8.02
C GLY I 55 -28.52 1.24 6.71
N GLY I 56 -28.30 2.46 6.24
CA GLY I 56 -27.58 2.70 5.01
C GLY I 56 -26.10 2.44 5.12
N SER I 57 -25.56 2.80 6.28
CA SER I 57 -24.14 2.61 6.52
C SER I 57 -23.88 1.47 7.48
N THR I 58 -23.03 0.54 7.06
CA THR I 58 -22.60 -0.54 7.93
C THR I 58 -21.11 -0.39 8.15
N TYR I 59 -20.66 -0.74 9.34
CA TYR I 59 -19.28 -0.60 9.70
C TYR I 59 -18.79 -1.86 10.39
N TYR I 60 -17.59 -2.27 10.06
CA TYR I 60 -17.01 -3.50 10.58
C TYR I 60 -15.57 -3.22 11.03
N ALA I 61 -15.05 -4.03 11.94
CA ALA I 61 -13.66 -3.91 12.37
C ALA I 61 -12.69 -4.65 11.45
N ASP I 62 -11.43 -4.24 11.49
CA ASP I 62 -10.40 -4.78 10.60
C ASP I 62 -10.29 -6.30 10.72
N SER I 63 -10.36 -6.80 11.95
CA SER I 63 -10.23 -8.23 12.19
C SER I 63 -11.45 -8.98 11.70
N VAL I 64 -12.62 -8.36 11.82
CA VAL I 64 -13.87 -9.05 11.58
C VAL I 64 -14.54 -8.71 10.23
N LYS I 65 -13.99 -7.74 9.51
CA LYS I 65 -14.67 -7.19 8.33
C LYS I 65 -14.91 -8.27 7.28
N GLY I 66 -14.00 -9.23 7.22
CA GLY I 66 -14.08 -10.28 6.22
C GLY I 66 -15.25 -11.22 6.47
N ARG I 67 -15.33 -11.73 7.70
CA ARG I 67 -16.20 -12.86 8.01
C ARG I 67 -17.49 -12.54 8.76
N PHE I 68 -17.77 -11.26 8.99
CA PHE I 68 -19.00 -10.91 9.69
C PHE I 68 -19.96 -10.06 8.88
N THR I 69 -21.24 -10.16 9.19
CA THR I 69 -22.24 -9.34 8.51
C THR I 69 -23.32 -8.90 9.48
N ILE I 70 -23.58 -7.60 9.53
CA ILE I 70 -24.59 -7.05 10.44
C ILE I 70 -25.78 -6.52 9.66
N SER I 71 -26.98 -6.76 10.19
CA SER I 71 -28.19 -6.33 9.50
C SER I 71 -29.32 -6.02 10.47
N ARG I 72 -30.28 -5.18 10.04
CA ARG I 72 -31.38 -4.76 10.92
C ARG I 72 -32.75 -4.60 10.25
N ASP I 73 -33.82 -4.86 11.01
CA ASP I 73 -35.16 -4.50 10.57
C ASP I 73 -35.82 -3.58 11.59
N ASN I 74 -36.12 -2.35 11.18
CA ASN I 74 -36.79 -1.38 12.04
C ASN I 74 -38.26 -1.73 12.31
N SER I 75 -38.84 -2.58 11.46
CA SER I 75 -40.25 -2.95 11.60
C SER I 75 -40.40 -3.96 12.73
N LYS I 76 -39.50 -4.94 12.75
CA LYS I 76 -39.54 -5.97 13.78
C LYS I 76 -38.75 -5.50 15.00
N ASN I 77 -38.11 -4.33 14.85
CA ASN I 77 -37.27 -3.77 15.89
C ASN I 77 -36.18 -4.77 16.27
N THR I 78 -35.60 -5.43 15.28
CA THR I 78 -34.65 -6.51 15.55
C THR I 78 -33.30 -6.35 14.85
N LEU I 79 -32.25 -6.70 15.59
CA LEU I 79 -30.87 -6.68 15.09
C LEU I 79 -30.29 -8.08 14.92
N TYR I 80 -29.88 -8.38 13.69
CA TYR I 80 -29.29 -9.68 13.43
C TYR I 80 -27.80 -9.56 13.14
N LEU I 81 -27.02 -10.42 13.79
CA LEU I 81 -25.63 -10.53 13.44
C LEU I 81 -25.41 -11.90 12.84
N GLN I 82 -25.18 -11.91 11.53
CA GLN I 82 -24.88 -13.15 10.83
C GLN I 82 -23.38 -13.31 10.87
N MET I 83 -22.95 -14.39 11.49
CA MET I 83 -21.54 -14.67 11.71
C MET I 83 -21.13 -15.85 10.86
N ASN I 84 -20.16 -15.62 9.99
CA ASN I 84 -19.65 -16.64 9.09
C ASN I 84 -18.16 -16.84 9.32
N SER I 85 -17.63 -17.97 8.88
CA SER I 85 -16.20 -18.26 8.99
C SER I 85 -15.69 -18.04 10.39
N LEU I 86 -16.33 -18.66 11.37
CA LEU I 86 -16.00 -18.45 12.77
C LEU I 86 -14.65 -19.05 13.14
N ARG I 87 -13.97 -18.43 14.09
CA ARG I 87 -12.68 -18.91 14.58
C ARG I 87 -12.71 -19.06 16.10
N ALA I 88 -11.67 -19.67 16.65
CA ALA I 88 -11.56 -19.87 18.08
C ALA I 88 -11.43 -18.54 18.81
N GLU I 89 -10.77 -17.58 18.16
CA GLU I 89 -10.59 -16.25 18.73
C GLU I 89 -11.90 -15.49 18.86
N ASP I 90 -12.90 -15.89 18.07
CA ASP I 90 -14.19 -15.20 18.06
C ASP I 90 -15.16 -15.71 19.10
N THR I 91 -14.72 -16.66 19.92
CA THR I 91 -15.59 -17.24 20.95
C THR I 91 -15.76 -16.24 22.08
N ALA I 92 -16.99 -15.79 22.30
CA ALA I 92 -17.23 -14.72 23.28
C ALA I 92 -18.69 -14.52 23.66
N VAL I 93 -18.90 -13.65 24.64
CA VAL I 93 -20.24 -13.21 24.98
C VAL I 93 -20.53 -11.93 24.21
N TYR I 94 -21.59 -11.94 23.41
CA TYR I 94 -21.90 -10.79 22.56
C TYR I 94 -23.00 -9.91 23.13
N TYR I 95 -22.72 -8.62 23.25
CA TYR I 95 -23.72 -7.72 23.78
C TYR I 95 -24.20 -6.77 22.71
N CYS I 96 -25.49 -6.45 22.74
CA CYS I 96 -26.08 -5.54 21.79
C CYS I 96 -26.51 -4.31 22.55
N ALA I 97 -26.08 -3.14 22.13
CA ALA I 97 -26.41 -1.91 22.86
C ALA I 97 -27.14 -0.85 22.07
N LYS I 98 -27.50 0.21 22.79
CA LYS I 98 -28.20 1.35 22.23
C LYS I 98 -27.48 2.63 22.63
N ASP I 99 -27.75 3.72 21.92
CA ASP I 99 -27.02 4.98 22.10
C ASP I 99 -27.37 5.75 23.40
N HIS I 100 -26.35 6.39 23.97
CA HIS I 100 -26.50 7.10 25.24
C HIS I 100 -27.08 8.48 25.04
N ARG I 101 -26.42 9.32 24.24
CA ARG I 101 -26.89 10.69 24.09
C ARG I 101 -27.18 11.03 22.62
N VAL I 102 -26.16 10.92 21.78
CA VAL I 102 -26.28 11.21 20.35
C VAL I 102 -27.38 10.43 19.60
N TRP I 103 -28.02 11.11 18.65
CA TRP I 103 -29.09 10.51 17.85
C TRP I 103 -28.61 10.13 16.45
N ALA I 104 -28.30 8.86 16.27
CA ALA I 104 -27.82 8.33 14.99
C ALA I 104 -26.60 9.10 14.47
N ALA I 105 -25.92 9.82 15.36
CA ALA I 105 -24.75 10.59 14.99
C ALA I 105 -23.51 9.93 15.56
N GLY I 106 -23.59 9.47 16.80
CA GLY I 106 -22.45 8.89 17.49
C GLY I 106 -22.68 7.50 18.09
N TYR I 107 -21.62 6.92 18.64
CA TYR I 107 -21.64 5.54 19.08
C TYR I 107 -21.55 5.33 20.60
N HIS I 108 -22.05 6.31 21.36
CA HIS I 108 -22.18 6.18 22.81
C HIS I 108 -23.13 5.01 23.22
N PHE I 109 -22.90 4.41 24.40
CA PHE I 109 -23.77 3.34 24.90
C PHE I 109 -24.16 3.48 26.38
N ASP I 110 -25.45 3.62 26.65
CA ASP I 110 -25.94 3.67 28.03
C ASP I 110 -26.51 2.32 28.51
N TYR I 111 -27.34 1.70 27.67
CA TYR I 111 -28.10 0.54 28.08
C TYR I 111 -27.62 -0.68 27.30
N TRP I 112 -27.18 -1.70 28.03
CA TRP I 112 -26.63 -2.89 27.41
C TRP I 112 -27.52 -4.12 27.57
N GLY I 113 -27.40 -5.03 26.62
CA GLY I 113 -28.12 -6.28 26.69
C GLY I 113 -27.38 -7.22 27.64
N GLN I 114 -28.05 -8.29 28.01
CA GLN I 114 -27.44 -9.23 28.94
C GLN I 114 -26.29 -10.04 28.34
N GLY I 115 -26.30 -10.19 27.01
CA GLY I 115 -25.25 -10.92 26.32
C GLY I 115 -25.71 -12.27 25.80
N ALA I 116 -25.12 -12.69 24.68
CA ALA I 116 -25.42 -13.97 24.05
C ALA I 116 -24.14 -14.77 23.92
N LEU I 117 -24.12 -15.98 24.47
CA LEU I 117 -22.89 -16.75 24.51
C LEU I 117 -22.68 -17.51 23.20
N VAL I 118 -21.50 -17.34 22.61
CA VAL I 118 -21.15 -18.08 21.40
C VAL I 118 -19.80 -18.77 21.57
N THR I 119 -19.80 -20.09 21.36
CA THR I 119 -18.61 -20.90 21.58
C THR I 119 -18.20 -21.69 20.33
N VAL I 120 -16.99 -21.42 19.83
CA VAL I 120 -16.47 -22.00 18.60
C VAL I 120 -15.35 -23.04 18.87
N SER I 121 -15.32 -23.58 20.10
CA SER I 121 -14.26 -24.53 20.53
C SER I 121 -14.14 -25.76 19.64
N SER I 122 -15.29 -26.21 19.14
CA SER I 122 -15.37 -27.38 18.28
C SER I 122 -14.71 -28.61 18.87
N ALA I 123 -15.22 -29.04 20.03
CA ALA I 123 -14.76 -30.26 20.65
C ALA I 123 -15.94 -31.19 20.86
N SER I 124 -15.72 -32.49 20.72
CA SER I 124 -16.80 -33.45 20.92
C SER I 124 -17.23 -33.45 22.38
N THR I 125 -18.55 -33.47 22.59
CA THR I 125 -19.09 -33.41 23.94
C THR I 125 -18.90 -34.76 24.61
N LYS I 126 -18.18 -34.75 25.73
CA LYS I 126 -17.86 -35.99 26.43
C LYS I 126 -18.02 -35.84 27.93
N GLY I 127 -18.33 -36.96 28.58
CA GLY I 127 -18.53 -36.98 30.00
C GLY I 127 -17.24 -36.65 30.73
N PRO I 128 -17.34 -35.87 31.80
CA PRO I 128 -16.21 -35.50 32.64
C PRO I 128 -15.67 -36.69 33.41
N SER I 129 -14.35 -36.73 33.60
CA SER I 129 -13.76 -37.76 34.44
C SER I 129 -13.62 -37.22 35.85
N VAL I 130 -14.17 -37.95 36.82
CA VAL I 130 -14.13 -37.53 38.21
C VAL I 130 -13.05 -38.25 38.99
N PHE I 131 -12.07 -37.50 39.48
CA PHE I 131 -10.94 -38.06 40.22
C PHE I 131 -10.91 -37.44 41.64
N PRO I 132 -11.02 -38.26 42.69
CA PRO I 132 -11.01 -37.73 44.07
C PRO I 132 -9.62 -37.34 44.62
N LEU I 133 -9.56 -36.28 45.44
CA LEU I 133 -8.34 -35.86 46.14
C LEU I 133 -8.39 -36.08 47.66
N ALA I 134 -7.63 -37.08 48.12
CA ALA I 134 -7.56 -37.52 49.52
C ALA I 134 -6.80 -36.59 50.49
N PRO I 135 -7.30 -36.48 51.74
CA PRO I 135 -6.70 -35.74 52.87
C PRO I 135 -5.41 -36.34 53.46
N SER I 136 -4.52 -35.47 53.94
CA SER I 136 -3.22 -35.88 54.51
C SER I 136 -3.29 -36.20 56.01
N SER I 137 -2.12 -36.20 56.63
CA SER I 137 -1.98 -36.35 58.08
C SER I 137 -2.75 -37.54 58.65
N THR I 144 -8.22 -29.63 61.39
CA THR I 144 -8.28 -28.99 60.08
C THR I 144 -7.62 -29.85 59.00
N ALA I 145 -8.35 -30.08 57.93
CA ALA I 145 -7.87 -30.85 56.79
C ALA I 145 -8.69 -30.53 55.55
N ALA I 146 -8.06 -30.60 54.38
CA ALA I 146 -8.72 -30.29 53.11
C ALA I 146 -8.88 -31.53 52.22
N LEU I 147 -10.02 -31.64 51.54
CA LEU I 147 -10.22 -32.72 50.57
C LEU I 147 -10.96 -32.21 49.33
N GLY I 148 -10.85 -32.91 48.20
CA GLY I 148 -11.46 -32.40 46.98
C GLY I 148 -11.89 -33.37 45.90
N CYS I 149 -12.42 -32.82 44.81
CA CYS I 149 -12.75 -33.58 43.61
C CYS I 149 -12.27 -32.85 42.35
N LEU I 150 -11.74 -33.60 41.40
CA LEU I 150 -11.22 -33.09 40.15
C LEU I 150 -12.02 -33.57 38.94
N VAL I 151 -12.53 -32.63 38.17
CA VAL I 151 -13.19 -32.92 36.91
C VAL I 151 -12.23 -32.69 35.75
N LYS I 152 -12.06 -33.71 34.92
CA LYS I 152 -11.08 -33.60 33.83
C LYS I 152 -11.64 -33.97 32.48
N ASP I 153 -11.15 -33.27 31.45
CA ASP I 153 -11.46 -33.58 30.06
C ASP I 153 -12.97 -33.56 29.81
N TYR I 154 -13.63 -32.50 30.23
CA TYR I 154 -15.06 -32.33 29.99
C TYR I 154 -15.34 -31.24 28.97
N PHE I 155 -16.42 -31.42 28.23
CA PHE I 155 -16.85 -30.41 27.27
C PHE I 155 -18.33 -30.60 26.91
N PRO I 156 -19.08 -29.50 26.77
CA PRO I 156 -18.70 -28.11 27.06
C PRO I 156 -19.16 -27.63 28.44
N GLU I 157 -19.05 -26.32 28.66
CA GLU I 157 -19.60 -25.70 29.86
C GLU I 157 -21.12 -25.91 29.86
N PRO I 158 -21.75 -25.87 31.05
CA PRO I 158 -21.19 -25.68 32.39
C PRO I 158 -21.01 -27.01 33.11
N VAL I 159 -20.49 -26.92 34.32
CA VAL I 159 -20.48 -28.07 35.23
C VAL I 159 -20.90 -27.59 36.59
N THR I 160 -21.93 -28.20 37.16
CA THR I 160 -22.35 -27.79 38.49
C THR I 160 -21.86 -28.79 39.52
N VAL I 161 -21.31 -28.26 40.61
CA VAL I 161 -20.70 -29.09 41.64
C VAL I 161 -21.41 -28.93 42.99
N SER I 162 -21.77 -30.06 43.59
CA SER I 162 -22.42 -30.03 44.91
C SER I 162 -21.89 -31.12 45.84
N TRP I 163 -21.88 -30.84 47.14
CA TRP I 163 -21.38 -31.79 48.13
C TRP I 163 -22.49 -32.47 48.90
N ASN I 164 -22.54 -33.80 48.81
CA ASN I 164 -23.57 -34.60 49.45
C ASN I 164 -24.93 -34.12 48.98
N SER I 165 -25.04 -33.89 47.67
CA SER I 165 -26.21 -33.30 47.04
C SER I 165 -26.53 -31.94 47.68
N GLY I 166 -25.47 -31.19 48.01
CA GLY I 166 -25.61 -29.83 48.53
C GLY I 166 -25.71 -29.69 50.04
N ALA I 167 -25.53 -30.79 50.77
CA ALA I 167 -25.66 -30.77 52.23
C ALA I 167 -24.59 -29.92 52.89
N LEU I 168 -23.39 -29.93 52.33
CA LEU I 168 -22.31 -29.12 52.86
C LEU I 168 -22.13 -27.88 51.99
N THR I 169 -22.77 -26.79 52.40
CA THR I 169 -22.71 -25.55 51.65
C THR I 169 -21.58 -24.64 52.13
N SER I 170 -21.22 -24.76 53.40
CA SER I 170 -20.23 -23.87 53.99
C SER I 170 -18.82 -24.41 53.80
N GLY I 171 -17.84 -23.51 53.78
CA GLY I 171 -16.45 -23.86 53.63
C GLY I 171 -16.16 -24.61 52.34
N VAL I 172 -16.92 -24.29 51.30
CA VAL I 172 -16.80 -24.94 49.99
C VAL I 172 -16.29 -23.99 48.90
N HIS I 173 -15.27 -24.41 48.15
CA HIS I 173 -14.73 -23.58 47.06
C HIS I 173 -14.78 -24.27 45.68
N THR I 174 -15.52 -23.66 44.75
CA THR I 174 -15.57 -24.10 43.36
C THR I 174 -14.78 -23.14 42.45
N PHE I 175 -13.64 -23.62 41.94
CA PHE I 175 -12.76 -22.80 41.10
C PHE I 175 -13.28 -22.67 39.68
N PRO I 176 -12.96 -21.56 39.01
CA PRO I 176 -13.36 -21.35 37.61
C PRO I 176 -12.77 -22.42 36.68
N ALA I 177 -13.43 -22.67 35.56
CA ALA I 177 -12.96 -23.67 34.60
C ALA I 177 -11.70 -23.20 33.89
N VAL I 178 -10.86 -24.14 33.46
CA VAL I 178 -9.63 -23.78 32.76
C VAL I 178 -9.54 -24.45 31.39
N LEU I 179 -9.01 -23.71 30.41
CA LEU I 179 -8.75 -24.24 29.08
C LEU I 179 -7.43 -24.99 29.03
N GLN I 180 -7.45 -26.19 28.47
CA GLN I 180 -6.23 -26.97 28.30
C GLN I 180 -5.80 -26.84 26.84
N SER I 181 -4.59 -27.31 26.54
CA SER I 181 -4.07 -27.27 25.19
C SER I 181 -4.91 -28.17 24.29
N SER I 182 -5.39 -29.27 24.87
CA SER I 182 -6.19 -30.24 24.14
C SER I 182 -7.58 -29.69 23.81
N GLY I 183 -7.87 -28.50 24.32
CA GLY I 183 -9.18 -27.89 24.08
C GLY I 183 -10.22 -28.51 24.97
N LEU I 184 -9.76 -29.26 25.97
CA LEU I 184 -10.67 -29.92 26.89
C LEU I 184 -10.62 -29.24 28.24
N TYR I 185 -11.76 -28.79 28.73
CA TYR I 185 -11.81 -28.08 30.01
C TYR I 185 -11.57 -28.99 31.20
N SER I 186 -11.10 -28.41 32.29
CA SER I 186 -10.91 -29.14 33.54
C SER I 186 -11.23 -28.23 34.73
N LEU I 187 -11.93 -28.76 35.72
CA LEU I 187 -12.37 -27.97 36.87
C LEU I 187 -12.02 -28.66 38.18
N SER I 188 -11.83 -27.89 39.25
CA SER I 188 -11.51 -28.47 40.56
C SER I 188 -12.35 -27.87 41.69
N SER I 189 -12.86 -28.71 42.59
CA SER I 189 -13.68 -28.25 43.72
C SER I 189 -13.24 -28.84 45.05
N VAL I 190 -13.08 -27.99 46.08
CA VAL I 190 -12.57 -28.45 47.37
C VAL I 190 -13.38 -28.03 48.59
N VAL I 191 -13.10 -28.69 49.72
CA VAL I 191 -13.74 -28.37 51.00
C VAL I 191 -12.76 -28.58 52.17
N THR I 192 -12.88 -27.73 53.19
CA THR I 192 -12.04 -27.80 54.39
C THR I 192 -12.88 -28.13 55.62
N VAL I 193 -12.54 -29.22 56.31
CA VAL I 193 -13.28 -29.66 57.50
C VAL I 193 -12.30 -30.08 58.60
N PRO I 194 -12.74 -30.04 59.88
CA PRO I 194 -11.88 -30.44 61.01
C PRO I 194 -11.32 -31.84 60.87
N SER I 195 -10.16 -32.09 61.46
CA SER I 195 -9.47 -33.36 61.29
C SER I 195 -10.25 -34.55 61.85
N SER I 196 -10.95 -34.33 62.97
CA SER I 196 -11.69 -35.40 63.62
C SER I 196 -12.93 -35.88 62.85
N SER I 197 -13.65 -34.94 62.22
CA SER I 197 -14.91 -35.25 61.55
C SER I 197 -14.76 -36.04 60.26
N LEU I 198 -13.53 -36.15 59.76
CA LEU I 198 -13.27 -36.85 58.49
C LEU I 198 -13.60 -38.34 58.54
N GLY I 199 -13.26 -38.98 59.64
CA GLY I 199 -13.46 -40.42 59.79
C GLY I 199 -14.92 -40.82 59.95
N THR I 200 -15.67 -40.00 60.68
CA THR I 200 -17.04 -40.34 61.05
C THR I 200 -18.05 -39.94 59.97
N GLN I 201 -17.63 -39.07 59.07
CA GLN I 201 -18.51 -38.56 58.03
C GLN I 201 -18.01 -38.98 56.65
N THR I 202 -18.94 -39.15 55.71
CA THR I 202 -18.57 -39.51 54.35
C THR I 202 -18.90 -38.36 53.41
N TYR I 203 -17.94 -38.00 52.58
CA TYR I 203 -18.13 -36.87 51.68
C TYR I 203 -18.19 -37.34 50.23
N ILE I 204 -19.30 -37.05 49.59
CA ILE I 204 -19.53 -37.48 48.21
C ILE I 204 -19.77 -36.27 47.32
N CYS I 205 -18.99 -36.15 46.25
CA CYS I 205 -19.16 -35.03 45.33
C CYS I 205 -20.01 -35.39 44.11
N ASN I 206 -20.99 -34.52 43.86
CA ASN I 206 -21.92 -34.62 42.75
C ASN I 206 -21.55 -33.65 41.63
N VAL I 207 -21.32 -34.20 40.45
CA VAL I 207 -21.06 -33.40 39.26
C VAL I 207 -22.22 -33.53 38.29
N ASN I 208 -22.91 -32.43 38.05
CA ASN I 208 -24.04 -32.46 37.14
C ASN I 208 -23.62 -31.74 35.86
N HIS I 209 -23.53 -32.54 34.80
CA HIS I 209 -23.22 -32.03 33.48
C HIS I 209 -24.37 -32.35 32.51
N LYS I 210 -25.16 -31.34 32.18
CA LYS I 210 -26.36 -31.55 31.35
C LYS I 210 -26.08 -31.97 29.90
N PRO I 211 -25.19 -31.26 29.16
CA PRO I 211 -25.00 -31.62 27.76
C PRO I 211 -24.55 -33.07 27.57
N SER I 212 -23.59 -33.50 28.36
CA SER I 212 -23.11 -34.88 28.30
C SER I 212 -24.01 -35.82 29.09
N ASN I 213 -24.98 -35.25 29.81
CA ASN I 213 -25.88 -36.02 30.68
C ASN I 213 -25.08 -36.89 31.64
N THR I 214 -24.01 -36.33 32.19
CA THR I 214 -23.16 -37.07 33.10
C THR I 214 -23.38 -36.60 34.52
N LYS I 215 -23.93 -37.51 35.31
CA LYS I 215 -24.14 -37.31 36.73
C LYS I 215 -23.46 -38.43 37.48
N VAL I 216 -22.28 -38.15 38.01
CA VAL I 216 -21.52 -39.16 38.73
C VAL I 216 -21.22 -38.65 40.12
N ASP I 217 -21.43 -39.52 41.09
CA ASP I 217 -21.20 -39.16 42.49
C ASP I 217 -19.98 -39.93 42.99
N LYS I 218 -18.92 -39.21 43.37
CA LYS I 218 -17.69 -39.88 43.77
C LYS I 218 -17.40 -39.65 45.26
N LYS I 219 -17.32 -40.75 46.01
CA LYS I 219 -17.00 -40.68 47.44
C LYS I 219 -15.51 -40.45 47.68
N VAL I 220 -15.19 -39.67 48.70
CA VAL I 220 -13.80 -39.38 49.04
C VAL I 220 -13.33 -40.06 50.33
N GLU I 221 -12.33 -40.93 50.21
CA GLU I 221 -11.75 -41.59 51.38
C GLU I 221 -10.23 -41.42 51.40
N PRO I 222 -9.66 -41.13 52.59
CA PRO I 222 -8.21 -41.05 52.82
C PRO I 222 -7.56 -42.39 53.14
N LYS I 223 -7.16 -43.18 52.14
CA LYS I 223 -6.57 -44.49 52.42
C LYS I 223 -5.07 -44.57 52.09
N SER I 224 -4.36 -45.44 52.79
CA SER I 224 -2.93 -45.67 52.55
C SER I 224 -2.66 -47.12 52.17
N ASP J 1 -3.31 1.89 14.85
CA ASP J 1 -4.15 3.04 15.20
C ASP J 1 -3.80 3.57 16.59
N ILE J 2 -4.83 4.05 17.31
CA ILE J 2 -4.64 4.68 18.61
C ILE J 2 -5.17 3.83 19.77
N VAL J 3 -4.29 3.57 20.74
CA VAL J 3 -4.63 2.79 21.94
C VAL J 3 -4.30 3.52 23.25
N LEU J 4 -5.30 3.56 24.14
CA LEU J 4 -5.16 4.20 25.44
C LEU J 4 -4.67 3.19 26.49
N THR J 5 -4.16 3.72 27.60
CA THR J 5 -3.60 2.90 28.68
C THR J 5 -4.08 3.29 30.09
N GLN J 6 -4.15 2.32 30.98
CA GLN J 6 -4.59 2.56 32.35
C GLN J 6 -3.45 2.39 33.35
N SER J 7 -3.40 3.28 34.34
CA SER J 7 -2.35 3.21 35.36
C SER J 7 -2.66 2.18 36.47
N PRO J 8 -3.77 2.33 37.22
CA PRO J 8 -3.98 1.24 38.17
C PRO J 8 -4.78 0.12 37.51
N SER J 9 -4.23 -1.08 37.49
CA SER J 9 -4.95 -2.23 36.97
C SER J 9 -5.79 -2.84 38.07
N THR J 10 -5.18 -3.01 39.23
CA THR J 10 -5.89 -3.43 40.42
C THR J 10 -5.65 -2.41 41.51
N LEU J 11 -6.71 -1.77 41.99
CA LEU J 11 -6.52 -0.77 43.03
C LEU J 11 -7.16 -1.21 44.34
N SER J 12 -6.33 -1.37 45.36
CA SER J 12 -6.80 -1.77 46.67
C SER J 12 -7.39 -0.59 47.43
N ALA J 13 -8.70 -0.63 47.67
CA ALA J 13 -9.37 0.45 48.37
C ALA J 13 -10.40 -0.06 49.37
N SER J 14 -11.00 0.89 50.11
CA SER J 14 -12.01 0.61 51.11
C SER J 14 -13.19 1.56 50.93
N VAL J 15 -14.29 1.25 51.61
CA VAL J 15 -15.52 2.03 51.50
C VAL J 15 -15.33 3.50 51.90
N GLY J 16 -15.88 4.40 51.09
CA GLY J 16 -15.84 5.81 51.40
C GLY J 16 -14.48 6.47 51.20
N ASP J 17 -13.62 5.82 50.43
CA ASP J 17 -12.30 6.38 50.15
C ASP J 17 -12.28 7.11 48.82
N ARG J 18 -11.60 8.24 48.79
CA ARG J 18 -11.46 9.00 47.54
C ARG J 18 -10.57 8.21 46.60
N VAL J 19 -11.11 7.88 45.44
CA VAL J 19 -10.43 7.01 44.49
C VAL J 19 -10.20 7.72 43.17
N THR J 20 -8.97 7.65 42.65
CA THR J 20 -8.68 8.29 41.37
C THR J 20 -8.01 7.32 40.41
N ILE J 21 -8.62 7.13 39.24
CA ILE J 21 -8.01 6.32 38.19
C ILE J 21 -7.61 7.22 37.04
N THR J 22 -6.39 7.03 36.54
CA THR J 22 -5.84 7.86 35.49
C THR J 22 -5.73 7.10 34.17
N CYS J 23 -6.39 7.63 33.13
CA CYS J 23 -6.39 7.02 31.79
C CYS J 23 -5.84 8.01 30.76
N ARG J 24 -4.66 7.73 30.21
CA ARG J 24 -4.02 8.62 29.25
C ARG J 24 -3.89 8.00 27.86
N ALA J 25 -4.48 8.68 26.88
CA ALA J 25 -4.42 8.23 25.49
C ALA J 25 -3.10 8.58 24.83
N SER J 26 -2.70 7.79 23.86
CA SER J 26 -1.47 8.02 23.12
C SER J 26 -1.53 9.35 22.36
N GLN J 27 -2.63 9.58 21.64
CA GLN J 27 -2.83 10.83 20.92
C GLN J 27 -3.79 11.77 21.70
N SER J 28 -3.96 12.98 21.19
CA SER J 28 -4.85 13.95 21.83
C SER J 28 -6.25 13.86 21.24
N ILE J 29 -7.17 13.28 22.00
CA ILE J 29 -8.54 13.07 21.55
C ILE J 29 -9.50 14.13 22.07
N SER J 30 -8.94 15.19 22.64
CA SER J 30 -9.70 16.32 23.16
C SER J 30 -10.69 15.91 24.25
N SER J 31 -11.94 16.34 24.12
CA SER J 31 -12.95 16.13 25.16
C SER J 31 -13.84 14.91 24.94
N TRP J 32 -13.57 14.11 23.92
CA TRP J 32 -14.46 13.01 23.61
C TRP J 32 -14.00 11.75 24.31
N LEU J 33 -14.65 11.40 25.40
CA LEU J 33 -14.24 10.24 26.20
C LEU J 33 -15.40 9.74 27.04
N ALA J 34 -15.34 8.46 27.44
CA ALA J 34 -16.37 7.87 28.26
C ALA J 34 -15.80 6.87 29.27
N TRP J 35 -16.51 6.68 30.39
CA TRP J 35 -16.11 5.70 31.40
C TRP J 35 -17.27 4.72 31.65
N TYR J 36 -16.95 3.43 31.78
CA TYR J 36 -17.93 2.33 31.99
C TYR J 36 -17.76 1.56 33.29
N GLN J 37 -18.77 0.76 33.66
CA GLN J 37 -18.71 -0.11 34.84
C GLN J 37 -19.26 -1.52 34.57
N GLN J 38 -18.45 -2.55 34.84
CA GLN J 38 -18.94 -3.93 34.68
C GLN J 38 -18.74 -4.78 35.94
N LYS J 39 -19.86 -5.22 36.52
CA LYS J 39 -19.82 -6.15 37.63
C LYS J 39 -19.67 -7.56 37.08
N PRO J 40 -19.16 -8.49 37.91
CA PRO J 40 -18.99 -9.87 37.46
C PRO J 40 -20.27 -10.50 36.91
N GLY J 41 -20.20 -11.00 35.68
CA GLY J 41 -21.34 -11.65 35.06
C GLY J 41 -22.45 -10.71 34.64
N GLU J 42 -22.25 -9.42 34.85
CA GLU J 42 -23.27 -8.43 34.50
C GLU J 42 -22.84 -7.62 33.29
N ALA J 43 -23.82 -7.13 32.54
CA ALA J 43 -23.58 -6.28 31.38
C ALA J 43 -22.91 -4.97 31.76
N PRO J 44 -22.04 -4.45 30.88
CA PRO J 44 -21.36 -3.17 31.10
C PRO J 44 -22.34 -2.03 31.30
N LYS J 45 -22.06 -1.16 32.26
CA LYS J 45 -22.95 -0.06 32.60
C LYS J 45 -22.26 1.29 32.41
N LEU J 46 -22.96 2.26 31.79
CA LEU J 46 -22.38 3.56 31.48
C LEU J 46 -22.19 4.47 32.68
N LEU J 47 -20.96 4.90 32.92
CA LEU J 47 -20.67 5.83 34.00
C LEU J 47 -20.73 7.28 33.54
N ILE J 48 -19.86 7.67 32.61
CA ILE J 48 -19.83 9.08 32.23
C ILE J 48 -19.52 9.32 30.75
N SER J 49 -20.03 10.43 30.23
CA SER J 49 -19.95 10.78 28.82
C SER J 49 -19.34 12.16 28.63
N ASP J 50 -18.49 12.30 27.62
CA ASP J 50 -17.81 13.56 27.31
C ASP J 50 -16.91 14.01 28.45
N ALA J 51 -16.74 13.13 29.44
CA ALA J 51 -15.90 13.34 30.62
C ALA J 51 -16.40 14.45 31.53
N SER J 52 -17.47 15.12 31.14
CA SER J 52 -18.02 16.19 31.95
C SER J 52 -19.47 15.92 32.30
N SER J 53 -20.23 15.39 31.34
CA SER J 53 -21.66 15.19 31.54
C SER J 53 -21.99 13.81 32.11
N LEU J 54 -22.81 13.82 33.15
CA LEU J 54 -23.20 12.60 33.85
C LEU J 54 -24.51 12.03 33.32
N GLU J 55 -24.58 10.71 33.20
CA GLU J 55 -25.81 10.02 32.82
C GLU J 55 -26.85 10.02 33.93
N SER J 56 -28.13 10.04 33.53
CA SER J 56 -29.25 10.01 34.45
C SER J 56 -29.40 8.66 35.16
N GLY J 57 -29.81 8.72 36.42
CA GLY J 57 -30.00 7.52 37.23
C GLY J 57 -28.71 7.11 37.92
N VAL J 58 -27.66 7.85 37.64
CA VAL J 58 -26.33 7.59 38.20
C VAL J 58 -26.07 8.41 39.46
N PRO J 59 -25.57 7.73 40.50
CA PRO J 59 -25.19 8.39 41.76
C PRO J 59 -24.29 9.60 41.54
N SER J 60 -24.46 10.61 42.39
CA SER J 60 -23.80 11.91 42.23
C SER J 60 -22.34 11.93 42.66
N ARG J 61 -21.92 10.94 43.44
CA ARG J 61 -20.57 10.93 44.01
C ARG J 61 -19.45 10.86 42.96
N PHE J 62 -19.71 10.16 41.86
CA PHE J 62 -18.73 10.02 40.76
C PHE J 62 -18.54 11.30 39.95
N SER J 63 -17.29 11.58 39.56
CA SER J 63 -16.99 12.73 38.71
C SER J 63 -15.81 12.43 37.81
N GLY J 64 -15.68 13.18 36.71
CA GLY J 64 -14.61 12.97 35.78
C GLY J 64 -14.10 14.28 35.22
N SER J 65 -12.81 14.31 34.86
CA SER J 65 -12.20 15.54 34.37
C SER J 65 -11.02 15.27 33.45
N GLY J 66 -10.36 16.34 33.02
CA GLY J 66 -9.23 16.25 32.11
C GLY J 66 -9.59 16.61 30.69
N SER J 67 -8.62 17.13 29.94
CA SER J 67 -8.82 17.49 28.53
C SER J 67 -7.63 17.08 27.67
N GLY J 68 -7.87 16.92 26.38
CA GLY J 68 -6.80 16.57 25.46
C GLY J 68 -6.28 15.16 25.68
N THR J 69 -5.01 15.04 26.05
CA THR J 69 -4.38 13.75 26.26
C THR J 69 -4.66 13.16 27.64
N GLU J 70 -4.88 14.03 28.62
CA GLU J 70 -5.05 13.62 30.02
C GLU J 70 -6.51 13.49 30.49
N PHE J 71 -6.80 12.45 31.26
CA PHE J 71 -8.13 12.25 31.85
C PHE J 71 -8.07 11.60 33.23
N THR J 72 -9.01 11.96 34.09
CA THR J 72 -9.06 11.41 35.46
C THR J 72 -10.47 11.10 35.92
N LEU J 73 -10.69 9.89 36.41
CA LEU J 73 -11.95 9.55 37.05
C LEU J 73 -11.80 9.58 38.57
N THR J 74 -12.62 10.41 39.22
CA THR J 74 -12.54 10.57 40.66
C THR J 74 -13.85 10.25 41.37
N ILE J 75 -13.77 9.39 42.39
CA ILE J 75 -14.90 9.07 43.23
C ILE J 75 -14.64 9.58 44.64
N SER J 76 -15.41 10.56 45.11
CA SER J 76 -15.19 11.13 46.43
C SER J 76 -15.48 10.13 47.55
N SER J 77 -16.52 9.31 47.37
CA SER J 77 -16.89 8.31 48.36
C SER J 77 -17.21 6.97 47.71
N LEU J 78 -16.54 5.91 48.15
CA LEU J 78 -16.74 4.57 47.59
C LEU J 78 -17.85 3.82 48.30
N GLN J 79 -18.58 2.99 47.55
CA GLN J 79 -19.71 2.24 48.08
C GLN J 79 -19.66 0.74 47.70
N PRO J 80 -20.38 -0.08 48.45
CA PRO J 80 -20.41 -1.53 48.21
C PRO J 80 -20.72 -1.92 46.77
N ASP J 81 -21.39 -1.02 46.05
CA ASP J 81 -21.76 -1.29 44.65
C ASP J 81 -20.68 -0.85 43.66
N ASP J 82 -19.60 -0.27 44.18
CA ASP J 82 -18.51 0.21 43.33
C ASP J 82 -17.41 -0.81 43.04
N PHE J 83 -17.54 -2.04 43.54
CA PHE J 83 -16.51 -3.04 43.28
C PHE J 83 -16.85 -3.91 42.07
N ALA J 84 -16.30 -3.43 40.96
CA ALA J 84 -16.44 -3.98 39.62
C ALA J 84 -15.31 -3.45 38.74
N THR J 85 -15.17 -4.03 37.55
CA THR J 85 -14.10 -3.65 36.63
C THR J 85 -14.45 -2.37 35.87
N TYR J 86 -13.49 -1.44 35.78
CA TYR J 86 -13.70 -0.16 35.09
C TYR J 86 -12.81 0.05 33.89
N TYR J 87 -13.41 0.43 32.76
CA TYR J 87 -12.68 0.72 31.52
C TYR J 87 -12.89 2.16 30.99
N CYS J 88 -12.03 2.59 30.06
CA CYS J 88 -12.15 3.93 29.43
C CYS J 88 -12.20 3.83 27.89
N GLN J 89 -13.10 4.58 27.26
CA GLN J 89 -13.26 4.52 25.80
C GLN J 89 -13.20 5.87 25.10
N GLN J 90 -12.47 5.93 23.99
CA GLN J 90 -12.34 7.16 23.20
C GLN J 90 -12.93 6.95 21.80
N TYR J 91 -13.81 7.86 21.39
CA TYR J 91 -14.46 7.76 20.08
C TYR J 91 -13.74 8.50 18.95
N TYR J 92 -12.64 9.18 19.27
CA TYR J 92 -11.92 9.95 18.25
C TYR J 92 -11.47 9.00 17.16
N SER J 93 -10.86 7.88 17.56
CA SER J 93 -10.48 6.86 16.59
C SER J 93 -11.16 5.54 16.91
N SER J 94 -10.60 4.47 16.34
CA SER J 94 -11.03 3.08 16.54
C SER J 94 -11.61 2.83 17.92
N PRO J 95 -12.84 2.31 17.97
CA PRO J 95 -13.40 2.09 19.31
C PRO J 95 -12.46 1.19 20.10
N THR J 96 -12.00 1.65 21.25
CA THR J 96 -10.93 0.96 21.98
C THR J 96 -11.16 1.00 23.47
N PHE J 97 -10.91 -0.14 24.10
CA PHE J 97 -11.12 -0.30 25.52
C PHE J 97 -9.79 -0.45 26.26
N GLY J 98 -9.73 0.09 27.47
CA GLY J 98 -8.53 0.01 28.30
C GLY J 98 -8.40 -1.34 28.99
N GLY J 99 -7.26 -1.55 29.62
CA GLY J 99 -7.02 -2.81 30.31
C GLY J 99 -8.05 -3.03 31.39
N GLY J 100 -8.51 -1.95 31.99
CA GLY J 100 -9.51 -2.04 33.03
C GLY J 100 -8.88 -1.96 34.41
N THR J 101 -9.60 -1.36 35.34
CA THR J 101 -9.16 -1.30 36.73
C THR J 101 -10.13 -2.03 37.61
N LYS J 102 -9.69 -3.13 38.21
CA LYS J 102 -10.56 -3.91 39.06
C LYS J 102 -10.42 -3.39 40.49
N VAL J 103 -11.55 -3.20 41.16
CA VAL J 103 -11.58 -2.70 42.54
C VAL J 103 -11.81 -3.84 43.53
N GLU J 104 -10.99 -3.89 44.58
CA GLU J 104 -11.04 -4.96 45.59
C GLU J 104 -10.95 -4.40 47.01
N ILE J 105 -11.36 -5.22 47.97
CA ILE J 105 -11.33 -4.84 49.37
C ILE J 105 -10.54 -5.88 50.17
N LYS J 106 -9.23 -5.92 49.92
CA LYS J 106 -8.35 -6.86 50.58
C LYS J 106 -7.40 -6.10 51.47
N ARG J 107 -7.92 -5.13 52.21
CA ARG J 107 -7.09 -4.33 53.09
C ARG J 107 -6.38 -5.24 54.08
N THR J 108 -7.10 -6.22 54.58
CA THR J 108 -6.57 -7.18 55.53
C THR J 108 -5.62 -8.21 54.92
N VAL J 109 -4.53 -8.45 55.63
CA VAL J 109 -3.54 -9.45 55.26
C VAL J 109 -3.85 -10.81 55.89
N ALA J 110 -3.88 -11.83 55.05
CA ALA J 110 -4.17 -13.18 55.51
C ALA J 110 -3.08 -14.11 55.06
N ALA J 111 -2.87 -15.18 55.81
CA ALA J 111 -1.89 -16.17 55.44
C ALA J 111 -2.56 -17.27 54.64
N PRO J 112 -1.98 -17.60 53.47
CA PRO J 112 -2.53 -18.64 52.60
C PRO J 112 -2.38 -20.03 53.18
N SER J 113 -3.46 -20.82 53.16
CA SER J 113 -3.39 -22.21 53.57
C SER J 113 -2.89 -23.05 52.39
N VAL J 114 -1.84 -23.83 52.63
CA VAL J 114 -1.22 -24.61 51.55
C VAL J 114 -1.50 -26.09 51.70
N PHE J 115 -2.12 -26.68 50.67
CA PHE J 115 -2.37 -28.11 50.67
C PHE J 115 -1.95 -28.71 49.32
N ILE J 116 -1.12 -29.75 49.36
CA ILE J 116 -0.66 -30.35 48.11
C ILE J 116 -1.17 -31.79 47.93
N PHE J 117 -1.80 -32.02 46.79
CA PHE J 117 -2.37 -33.33 46.45
C PHE J 117 -1.74 -34.01 45.24
N PRO J 118 -1.34 -35.27 45.42
CA PRO J 118 -0.84 -36.12 44.35
C PRO J 118 -1.98 -36.55 43.46
N PRO J 119 -1.69 -36.97 42.23
CA PRO J 119 -2.70 -37.47 41.29
C PRO J 119 -3.38 -38.73 41.82
N SER J 120 -4.69 -38.83 41.60
CA SER J 120 -5.45 -39.99 42.03
C SER J 120 -5.06 -41.24 41.24
N ASP J 121 -5.38 -42.41 41.77
CA ASP J 121 -5.03 -43.67 41.15
C ASP J 121 -5.81 -43.96 39.86
N GLU J 122 -7.07 -43.58 39.80
CA GLU J 122 -7.87 -43.78 38.60
C GLU J 122 -7.29 -42.95 37.45
N GLN J 123 -6.74 -41.79 37.80
CA GLN J 123 -6.15 -40.91 36.81
C GLN J 123 -4.86 -41.55 36.30
N LEU J 124 -4.19 -42.30 37.18
CA LEU J 124 -2.98 -43.02 36.79
C LEU J 124 -3.38 -44.15 35.85
N LYS J 125 -4.57 -44.70 36.09
CA LYS J 125 -5.11 -45.76 35.25
C LYS J 125 -5.44 -45.20 33.86
N SER J 126 -5.79 -43.91 33.83
CA SER J 126 -6.10 -43.25 32.57
C SER J 126 -4.83 -43.03 31.73
N GLY J 127 -3.70 -42.91 32.41
CA GLY J 127 -2.42 -42.67 31.76
C GLY J 127 -2.01 -41.21 31.81
N THR J 128 -2.73 -40.44 32.60
CA THR J 128 -2.44 -39.02 32.78
C THR J 128 -2.23 -38.70 34.26
N ALA J 129 -1.24 -37.87 34.56
CA ALA J 129 -0.99 -37.52 35.96
C ALA J 129 -1.13 -36.03 36.19
N SER J 130 -1.93 -35.67 37.20
CA SER J 130 -2.11 -34.26 37.56
C SER J 130 -1.89 -34.03 39.05
N VAL J 131 -0.92 -33.16 39.38
CA VAL J 131 -0.66 -32.79 40.76
C VAL J 131 -1.26 -31.43 41.04
N VAL J 132 -1.97 -31.30 42.15
CA VAL J 132 -2.68 -30.08 42.46
C VAL J 132 -2.15 -29.40 43.70
N CYS J 133 -1.81 -28.12 43.56
CA CYS J 133 -1.33 -27.34 44.69
C CYS J 133 -2.36 -26.25 45.01
N LEU J 134 -2.84 -26.27 46.25
CA LEU J 134 -3.94 -25.43 46.69
C LEU J 134 -3.53 -24.33 47.66
N LEU J 135 -3.92 -23.10 47.33
CA LEU J 135 -3.79 -21.95 48.22
C LEU J 135 -5.18 -21.48 48.59
N ASN J 136 -5.48 -21.43 49.89
CA ASN J 136 -6.82 -21.06 50.35
C ASN J 136 -6.83 -19.91 51.34
N ASN J 137 -7.88 -19.11 51.28
CA ASN J 137 -8.15 -18.08 52.27
C ASN J 137 -7.01 -17.09 52.39
N PHE J 138 -6.68 -16.41 51.29
CA PHE J 138 -5.61 -15.41 51.37
C PHE J 138 -5.97 -14.14 50.63
N TYR J 139 -5.93 -13.06 51.37
CA TYR J 139 -5.76 -11.79 50.76
C TYR J 139 -4.58 -11.17 51.55
N PRO J 140 -3.75 -10.36 50.88
CA PRO J 140 -3.98 -9.83 49.54
C PRO J 140 -3.92 -10.84 48.39
N ARG J 141 -4.49 -10.46 47.28
CA ARG J 141 -4.69 -11.27 46.10
C ARG J 141 -3.39 -11.70 45.38
N GLU J 142 -2.39 -10.84 45.38
CA GLU J 142 -1.11 -11.09 44.72
C GLU J 142 -0.44 -12.30 45.32
N ALA J 143 0.08 -13.17 44.46
CA ALA J 143 0.78 -14.36 44.91
C ALA J 143 1.65 -14.90 43.78
N LYS J 144 2.65 -15.71 44.14
CA LYS J 144 3.47 -16.36 43.12
C LYS J 144 3.79 -17.79 43.53
N VAL J 145 3.42 -18.73 42.66
CA VAL J 145 3.59 -20.14 42.95
C VAL J 145 4.50 -20.79 41.92
N GLN J 146 5.56 -21.46 42.40
CA GLN J 146 6.47 -22.16 41.51
C GLN J 146 6.48 -23.66 41.76
N TRP J 147 6.60 -24.43 40.68
CA TRP J 147 6.64 -25.89 40.79
C TRP J 147 8.09 -26.36 40.79
N LYS J 148 8.44 -27.18 41.78
CA LYS J 148 9.78 -27.72 41.82
C LYS J 148 9.74 -29.22 41.92
N VAL J 149 10.29 -29.87 40.90
CA VAL J 149 10.35 -31.31 40.84
C VAL J 149 11.80 -31.72 40.99
N ASP J 150 12.11 -32.35 42.11
CA ASP J 150 13.47 -32.75 42.44
C ASP J 150 14.42 -31.56 42.40
N ASN J 151 14.03 -30.48 43.07
CA ASN J 151 14.81 -29.24 43.08
C ASN J 151 15.03 -28.69 41.68
N ALA J 152 14.04 -28.84 40.82
CA ALA J 152 14.10 -28.29 39.46
C ALA J 152 12.81 -27.57 39.10
N LEU J 153 12.94 -26.32 38.67
CA LEU J 153 11.79 -25.51 38.29
C LEU J 153 11.09 -26.05 37.05
N GLN J 154 9.76 -25.98 37.04
CA GLN J 154 8.98 -26.41 35.90
C GLN J 154 8.15 -25.25 35.35
N SER J 155 8.40 -24.88 34.10
CA SER J 155 7.72 -23.75 33.48
C SER J 155 6.94 -24.14 32.25
N GLY J 156 5.71 -23.64 32.15
CA GLY J 156 4.88 -23.89 30.99
C GLY J 156 3.91 -25.05 31.20
N ASN J 157 4.24 -25.91 32.15
CA ASN J 157 3.42 -27.08 32.45
C ASN J 157 2.45 -26.81 33.59
N SER J 158 2.37 -25.55 34.02
CA SER J 158 1.49 -25.17 35.12
C SER J 158 0.33 -24.31 34.66
N GLN J 159 -0.84 -24.60 35.21
CA GLN J 159 -2.02 -23.81 34.90
C GLN J 159 -2.59 -23.29 36.22
N GLU J 160 -3.02 -22.03 36.25
CA GLU J 160 -3.47 -21.45 37.53
C GLU J 160 -4.83 -20.74 37.45
N SER J 161 -5.56 -20.72 38.56
CA SER J 161 -6.88 -20.09 38.61
C SER J 161 -7.17 -19.41 39.96
N VAL J 162 -7.85 -18.28 39.91
CA VAL J 162 -8.16 -17.49 41.10
C VAL J 162 -9.67 -17.29 41.23
N THR J 163 -10.20 -17.58 42.41
CA THR J 163 -11.63 -17.36 42.64
C THR J 163 -11.88 -15.89 42.91
N GLU J 164 -13.14 -15.48 42.86
CA GLU J 164 -13.50 -14.12 43.21
C GLU J 164 -13.57 -13.96 44.72
N GLN J 165 -13.51 -12.70 45.17
CA GLN J 165 -13.62 -12.41 46.58
C GLN J 165 -14.97 -12.87 47.14
N ASP J 166 -14.93 -13.62 48.24
CA ASP J 166 -16.15 -14.06 48.91
C ASP J 166 -16.73 -12.93 49.74
N SER J 167 -18.05 -12.78 49.70
CA SER J 167 -18.71 -11.66 50.39
C SER J 167 -18.54 -11.69 51.91
N LYS J 168 -18.56 -12.88 52.51
CA LYS J 168 -18.48 -13.00 53.96
C LYS J 168 -17.11 -12.70 54.54
N ASP J 169 -16.08 -13.41 54.06
CA ASP J 169 -14.74 -13.33 54.62
C ASP J 169 -13.79 -12.44 53.82
N SER J 170 -14.22 -12.08 52.61
CA SER J 170 -13.42 -11.27 51.70
C SER J 170 -12.08 -11.88 51.32
N THR J 171 -12.04 -13.20 51.14
CA THR J 171 -10.78 -13.88 50.82
C THR J 171 -10.79 -14.54 49.45
N TYR J 172 -9.69 -14.38 48.72
CA TYR J 172 -9.50 -14.99 47.40
C TYR J 172 -8.81 -16.33 47.56
N SER J 173 -9.04 -17.26 46.61
CA SER J 173 -8.44 -18.58 46.66
C SER J 173 -7.83 -18.94 45.31
N LEU J 174 -6.67 -19.58 45.33
CA LEU J 174 -5.95 -19.88 44.10
C LEU J 174 -5.56 -21.34 44.00
N SER J 175 -5.62 -21.87 42.78
CA SER J 175 -5.25 -23.25 42.50
C SER J 175 -4.24 -23.35 41.37
N SER J 176 -3.23 -24.19 41.55
CA SER J 176 -2.25 -24.46 40.49
C SER J 176 -2.22 -25.95 40.15
N THR J 177 -2.33 -26.25 38.86
CA THR J 177 -2.34 -27.61 38.38
C THR J 177 -1.13 -27.89 37.51
N LEU J 178 -0.39 -28.93 37.88
CA LEU J 178 0.74 -29.39 37.09
C LEU J 178 0.37 -30.71 36.43
N THR J 179 0.34 -30.72 35.10
CA THR J 179 -0.05 -31.91 34.36
C THR J 179 1.12 -32.52 33.60
N LEU J 180 1.36 -33.81 33.84
CA LEU J 180 2.42 -34.54 33.16
C LEU J 180 2.00 -35.96 32.79
N SER J 181 2.79 -36.55 31.88
CA SER J 181 2.57 -37.92 31.43
C SER J 181 2.95 -38.91 32.52
N LYS J 182 2.45 -40.13 32.37
CA LYS J 182 2.68 -41.18 33.34
C LYS J 182 4.17 -41.45 33.50
N ALA J 183 4.86 -41.51 32.36
CA ALA J 183 6.28 -41.77 32.35
C ALA J 183 7.05 -40.65 33.02
N ASP J 184 6.77 -39.41 32.60
CA ASP J 184 7.44 -38.25 33.17
C ASP J 184 7.18 -38.16 34.66
N TYR J 185 6.02 -38.63 35.10
CA TYR J 185 5.70 -38.61 36.51
C TYR J 185 6.48 -39.68 37.27
N GLU J 186 6.55 -40.87 36.70
CA GLU J 186 7.20 -41.98 37.38
C GLU J 186 8.73 -41.90 37.38
N LYS J 187 9.29 -41.20 36.41
CA LYS J 187 10.75 -41.01 36.35
C LYS J 187 11.27 -40.16 37.51
N HIS J 188 10.54 -39.10 37.83
CA HIS J 188 10.89 -38.21 38.92
C HIS J 188 10.18 -38.62 40.21
N LYS J 189 10.93 -38.72 41.31
CA LYS J 189 10.35 -39.24 42.55
C LYS J 189 9.64 -38.19 43.44
N VAL J 190 10.25 -37.03 43.61
CA VAL J 190 9.73 -36.07 44.59
C VAL J 190 9.10 -34.85 43.92
N TYR J 191 7.88 -34.54 44.35
CA TYR J 191 7.21 -33.38 43.79
C TYR J 191 6.92 -32.34 44.84
N ALA J 192 7.25 -31.09 44.54
CA ALA J 192 7.16 -30.02 45.51
C ALA J 192 6.52 -28.77 44.94
N CYS J 193 5.79 -28.07 45.81
CA CYS J 193 5.14 -26.83 45.43
C CYS J 193 5.58 -25.70 46.35
N GLU J 194 6.13 -24.65 45.74
CA GLU J 194 6.64 -23.49 46.47
C GLU J 194 5.67 -22.31 46.38
N VAL J 195 5.27 -21.80 47.55
CA VAL J 195 4.32 -20.71 47.64
C VAL J 195 4.96 -19.45 48.19
N THR J 196 4.84 -18.39 47.40
CA THR J 196 5.36 -17.08 47.77
C THR J 196 4.21 -16.09 47.92
N HIS J 197 4.02 -15.60 49.15
CA HIS J 197 2.93 -14.67 49.48
C HIS J 197 3.40 -13.64 50.53
N GLN J 198 2.66 -12.53 50.64
CA GLN J 198 3.01 -11.47 51.59
C GLN J 198 2.82 -11.86 53.06
N GLY J 199 1.76 -12.60 53.34
CA GLY J 199 1.42 -12.96 54.71
C GLY J 199 2.51 -13.72 55.43
N LEU J 200 3.24 -14.53 54.68
CA LEU J 200 4.31 -15.36 55.21
C LEU J 200 5.68 -14.68 55.17
N SER J 201 6.37 -14.64 56.30
CA SER J 201 7.72 -14.06 56.33
C SER J 201 8.66 -14.93 55.48
N SER J 202 8.57 -16.24 55.63
CA SER J 202 9.32 -17.18 54.80
C SER J 202 8.38 -17.90 53.82
N PRO J 203 8.67 -17.83 52.51
CA PRO J 203 7.86 -18.52 51.49
C PRO J 203 7.77 -20.01 51.78
N VAL J 204 6.56 -20.53 51.91
CA VAL J 204 6.40 -21.92 52.38
C VAL J 204 6.21 -22.94 51.27
N THR J 205 6.84 -24.10 51.43
CA THR J 205 6.83 -25.14 50.43
C THR J 205 6.28 -26.46 50.98
N LYS J 206 5.32 -27.04 50.26
CA LYS J 206 4.79 -28.37 50.61
C LYS J 206 5.04 -29.38 49.51
N SER J 207 5.53 -30.54 49.92
CA SER J 207 6.01 -31.57 49.01
C SER J 207 5.56 -32.97 49.41
N PHE J 208 5.57 -33.87 48.43
CA PHE J 208 5.32 -35.27 48.69
C PHE J 208 6.24 -36.17 47.85
N ASN J 209 6.41 -37.40 48.31
CA ASN J 209 7.16 -38.41 47.58
C ASN J 209 6.20 -39.26 46.77
N ARG J 210 6.61 -39.64 45.57
CA ARG J 210 5.76 -40.43 44.68
C ARG J 210 5.44 -41.78 45.29
N GLY J 211 4.17 -42.16 45.25
CA GLY J 211 3.72 -43.42 45.80
C GLY J 211 3.89 -43.55 47.30
N GLU J 212 3.60 -42.48 48.03
CA GLU J 212 3.74 -42.51 49.49
C GLU J 212 2.43 -42.15 50.19
N GLN K 1 46.80 -25.67 58.10
CA GLN K 1 47.80 -25.33 57.08
C GLN K 1 47.32 -25.77 55.70
N VAL K 2 46.23 -26.53 55.69
CA VAL K 2 45.66 -27.04 54.46
C VAL K 2 45.33 -25.96 53.43
N GLN K 3 46.05 -25.99 52.30
CA GLN K 3 45.74 -25.05 51.22
C GLN K 3 45.61 -25.77 49.91
N LEU K 4 44.57 -25.37 49.18
CA LEU K 4 44.32 -25.90 47.88
C LEU K 4 44.39 -24.73 46.92
N VAL K 5 45.14 -24.89 45.85
CA VAL K 5 45.28 -23.82 44.88
C VAL K 5 44.80 -24.36 43.55
N GLN K 6 43.65 -23.87 43.11
CA GLN K 6 43.01 -24.24 41.86
C GLN K 6 43.55 -23.49 40.66
N SER K 7 43.22 -23.97 39.47
CA SER K 7 43.62 -23.28 38.25
C SER K 7 42.91 -21.94 38.19
N GLY K 8 43.61 -20.91 37.71
CA GLY K 8 43.07 -19.57 37.73
C GLY K 8 41.88 -19.35 36.81
N VAL K 9 42.09 -19.48 35.50
CA VAL K 9 41.04 -19.19 34.52
C VAL K 9 41.06 -20.13 33.32
N THR K 10 39.87 -20.42 32.77
CA THR K 10 39.74 -21.31 31.62
C THR K 10 38.56 -20.99 30.69
N LEU K 11 38.74 -21.26 29.40
CA LEU K 11 37.72 -21.07 28.38
C LEU K 11 37.83 -22.16 27.32
N VAL K 12 36.71 -22.69 26.84
CA VAL K 12 36.76 -23.79 25.88
C VAL K 12 35.79 -23.67 24.72
N GLN K 13 35.72 -24.74 23.94
CA GLN K 13 34.92 -24.78 22.73
C GLN K 13 33.97 -25.98 22.76
N PRO K 14 33.07 -26.14 21.76
CA PRO K 14 32.19 -27.29 21.96
C PRO K 14 32.91 -28.62 21.77
N GLY K 15 32.78 -29.52 22.74
CA GLY K 15 33.42 -30.81 22.62
C GLY K 15 34.91 -30.75 22.88
N GLY K 16 35.38 -29.61 23.39
CA GLY K 16 36.80 -29.42 23.62
C GLY K 16 37.35 -30.21 24.78
N SER K 17 38.68 -30.25 24.88
CA SER K 17 39.37 -30.95 25.95
C SER K 17 40.09 -29.97 26.88
N LEU K 18 40.01 -30.20 28.19
CA LEU K 18 40.62 -29.31 29.17
C LEU K 18 41.06 -30.02 30.44
N ARG K 19 42.20 -29.59 30.99
CA ARG K 19 42.74 -30.16 32.20
C ARG K 19 42.65 -29.17 33.35
N VAL K 20 42.18 -29.64 34.50
CA VAL K 20 42.14 -28.82 35.69
C VAL K 20 43.15 -29.29 36.71
N SER K 21 43.99 -28.37 37.15
CA SER K 21 45.04 -28.71 38.09
C SER K 21 44.69 -28.18 39.47
N CYS K 22 44.50 -29.06 40.44
CA CYS K 22 44.21 -28.62 41.82
C CYS K 22 45.37 -29.02 42.73
N ALA K 23 46.19 -28.03 43.08
CA ALA K 23 47.37 -28.21 43.90
C ALA K 23 46.96 -28.32 45.37
N ALA K 24 47.67 -29.17 46.11
CA ALA K 24 47.37 -29.38 47.52
C ALA K 24 48.66 -29.32 48.32
N SER K 25 48.62 -28.60 49.43
CA SER K 25 49.81 -28.50 50.26
C SER K 25 49.46 -28.17 51.69
N GLY K 26 50.42 -28.39 52.58
CA GLY K 26 50.22 -28.07 53.98
C GLY K 26 49.67 -29.21 54.80
N PHE K 27 49.35 -30.33 54.14
CA PHE K 27 48.82 -31.47 54.86
C PHE K 27 49.02 -32.75 54.08
N THR K 28 48.91 -33.89 54.76
CA THR K 28 49.11 -35.19 54.14
C THR K 28 48.12 -35.39 53.00
N PHE K 29 48.64 -35.80 51.85
CA PHE K 29 47.85 -35.90 50.63
C PHE K 29 47.17 -37.26 50.53
N SER K 30 47.99 -38.29 50.40
CA SER K 30 47.52 -39.67 50.23
C SER K 30 46.59 -40.09 51.35
N SER K 31 46.68 -39.41 52.49
CA SER K 31 45.91 -39.76 53.66
C SER K 31 44.39 -39.61 53.50
N TYR K 32 43.95 -38.57 52.80
CA TYR K 32 42.51 -38.38 52.62
C TYR K 32 42.06 -38.64 51.19
N ALA K 33 40.74 -38.70 51.01
CA ALA K 33 40.12 -38.93 49.71
C ALA K 33 39.52 -37.63 49.15
N MET K 34 39.87 -37.30 47.90
CA MET K 34 39.45 -36.01 47.32
C MET K 34 38.30 -36.05 46.32
N SER K 35 37.64 -34.91 46.14
CA SER K 35 36.52 -34.82 45.20
C SER K 35 36.28 -33.42 44.63
N TRP K 36 35.69 -33.42 43.44
CA TRP K 36 35.37 -32.19 42.73
C TRP K 36 33.88 -31.90 42.85
N VAL K 37 33.53 -30.62 43.00
CA VAL K 37 32.12 -30.21 43.03
C VAL K 37 31.87 -28.94 42.22
N ARG K 38 30.91 -29.00 41.29
CA ARG K 38 30.66 -27.86 40.42
C ARG K 38 29.41 -27.08 40.81
N GLN K 39 29.49 -25.78 40.61
CA GLN K 39 28.35 -24.90 40.85
C GLN K 39 28.06 -24.13 39.58
N ALA K 40 26.89 -24.40 39.00
CA ALA K 40 26.45 -23.64 37.85
C ALA K 40 26.01 -22.28 38.35
N PRO K 41 26.18 -21.24 37.52
CA PRO K 41 25.81 -19.87 37.91
C PRO K 41 24.36 -19.74 38.38
N GLY K 42 24.16 -19.18 39.57
CA GLY K 42 22.83 -19.01 40.13
C GLY K 42 22.17 -20.32 40.46
N LYS K 43 22.98 -21.36 40.65
CA LYS K 43 22.46 -22.70 40.92
C LYS K 43 23.09 -23.29 42.18
N GLY K 44 22.44 -24.31 42.72
CA GLY K 44 22.97 -25.02 43.86
C GLY K 44 24.19 -25.80 43.44
N LEU K 45 24.95 -26.27 44.41
CA LEU K 45 26.14 -27.06 44.14
C LEU K 45 25.77 -28.41 43.55
N GLU K 46 26.67 -28.95 42.73
CA GLU K 46 26.47 -30.28 42.17
C GLU K 46 27.72 -31.13 42.31
N TRP K 47 27.55 -32.33 42.84
CA TRP K 47 28.65 -33.27 43.01
C TRP K 47 29.05 -33.88 41.68
N VAL K 48 30.33 -33.83 41.35
CA VAL K 48 30.78 -34.37 40.07
C VAL K 48 31.42 -35.75 40.21
N SER K 49 32.66 -35.77 40.71
CA SER K 49 33.41 -37.01 40.81
C SER K 49 34.32 -37.05 42.03
N ALA K 50 34.78 -38.25 42.39
CA ALA K 50 35.64 -38.45 43.55
C ALA K 50 36.71 -39.51 43.30
N ILE K 51 37.85 -39.37 43.97
CA ILE K 51 38.93 -40.35 43.88
C ILE K 51 39.55 -40.66 45.26
N SER K 52 39.85 -41.95 45.43
CA SER K 52 40.36 -42.57 46.66
C SER K 52 41.79 -42.23 47.08
N GLY K 53 42.08 -42.53 48.34
CA GLY K 53 43.39 -42.27 48.94
C GLY K 53 44.52 -42.92 48.18
N LEU K 54 44.27 -44.08 47.58
CA LEU K 54 45.26 -44.70 46.72
C LEU K 54 45.12 -44.14 45.32
N GLY K 55 43.88 -43.98 44.88
CA GLY K 55 43.60 -43.58 43.51
C GLY K 55 43.10 -44.77 42.72
N GLY K 56 42.95 -45.91 43.39
CA GLY K 56 42.49 -47.13 42.74
C GLY K 56 41.03 -47.17 42.34
N SER K 57 40.18 -46.66 43.21
CA SER K 57 38.75 -46.62 42.93
C SER K 57 38.32 -45.18 42.63
N THR K 58 37.65 -45.00 41.50
CA THR K 58 37.13 -43.68 41.14
C THR K 58 35.63 -43.75 41.05
N TYR K 59 34.98 -42.63 41.35
CA TYR K 59 33.53 -42.58 41.33
C TYR K 59 33.07 -41.37 40.55
N TYR K 60 32.04 -41.55 39.74
CA TYR K 60 31.55 -40.49 38.88
C TYR K 60 30.02 -40.43 38.93
N ALA K 61 29.46 -39.27 38.58
CA ALA K 61 28.02 -39.12 38.48
C ALA K 61 27.51 -39.58 37.12
N ASP K 62 26.23 -39.94 37.07
CA ASP K 62 25.61 -40.49 35.87
C ASP K 62 25.74 -39.57 34.66
N SER K 63 25.58 -38.27 34.90
CA SER K 63 25.64 -37.29 33.82
C SER K 63 27.05 -37.09 33.26
N VAL K 64 28.05 -37.23 34.12
CA VAL K 64 29.42 -36.86 33.76
C VAL K 64 30.30 -38.07 33.41
N LYS K 65 29.75 -39.26 33.63
CA LYS K 65 30.55 -40.50 33.57
C LYS K 65 31.24 -40.81 32.24
N GLY K 66 30.63 -40.43 31.13
CA GLY K 66 31.16 -40.82 29.83
C GLY K 66 32.49 -40.19 29.44
N ARG K 67 32.53 -38.86 29.48
CA ARG K 67 33.63 -38.11 28.92
C ARG K 67 34.55 -37.43 29.94
N PHE K 68 34.35 -37.71 31.23
CA PHE K 68 35.17 -37.06 32.25
C PHE K 68 36.08 -38.06 32.96
N THR K 69 37.22 -37.57 33.44
CA THR K 69 38.18 -38.40 34.14
C THR K 69 38.89 -37.71 35.30
N ILE K 70 38.90 -38.36 36.46
CA ILE K 70 39.55 -37.80 37.66
C ILE K 70 40.80 -38.63 37.98
N SER K 71 41.88 -37.95 38.37
CA SER K 71 43.12 -38.65 38.64
C SER K 71 44.00 -37.98 39.67
N ARG K 72 44.88 -38.74 40.29
CA ARG K 72 45.73 -38.20 41.35
C ARG K 72 47.17 -38.70 41.38
N ASP K 73 48.07 -37.84 41.83
CA ASP K 73 49.46 -38.26 42.02
C ASP K 73 49.89 -38.09 43.47
N ASN K 74 50.22 -39.20 44.13
CA ASN K 74 50.66 -39.16 45.51
C ASN K 74 52.05 -38.53 45.64
N SER K 75 52.83 -38.55 44.56
CA SER K 75 54.19 -38.02 44.57
C SER K 75 54.29 -36.50 44.43
N LYS K 76 53.58 -35.94 43.45
CA LYS K 76 53.63 -34.51 43.22
C LYS K 76 52.58 -33.80 44.05
N ASN K 77 51.79 -34.59 44.77
CA ASN K 77 50.70 -34.08 45.60
C ASN K 77 49.71 -33.25 44.81
N THR K 78 49.36 -33.73 43.62
CA THR K 78 48.51 -32.98 42.72
C THR K 78 47.27 -33.76 42.27
N LEU K 79 46.13 -33.07 42.19
CA LEU K 79 44.89 -33.67 41.73
C LEU K 79 44.49 -33.10 40.36
N TYR K 80 44.39 -33.97 39.35
CA TYR K 80 44.07 -33.52 38.00
C TYR K 80 42.68 -33.97 37.56
N LEU K 81 41.90 -33.05 37.02
CA LEU K 81 40.63 -33.43 36.40
C LEU K 81 40.66 -33.18 34.90
N GLN K 82 40.76 -34.26 34.13
CA GLN K 82 40.73 -34.15 32.68
C GLN K 82 39.32 -34.30 32.13
N MET K 83 38.82 -33.24 31.50
CA MET K 83 37.47 -33.22 30.95
C MET K 83 37.50 -33.14 29.43
N ASN K 84 36.84 -34.08 28.77
CA ASN K 84 36.82 -34.13 27.32
C ASN K 84 35.40 -33.95 26.78
N SER K 85 35.30 -33.59 25.50
CA SER K 85 34.02 -33.43 24.81
C SER K 85 33.04 -32.54 25.55
N LEU K 86 33.46 -31.34 25.92
CA LEU K 86 32.68 -30.48 26.80
C LEU K 86 31.39 -29.94 26.19
N ARG K 87 30.41 -29.72 27.07
CA ARG K 87 29.11 -29.16 26.69
C ARG K 87 28.79 -27.95 27.55
N ALA K 88 27.74 -27.23 27.18
CA ALA K 88 27.34 -26.03 27.90
C ALA K 88 26.85 -26.33 29.31
N GLU K 89 26.23 -27.50 29.51
CA GLU K 89 25.69 -27.86 30.82
C GLU K 89 26.79 -27.99 31.85
N ASP K 90 28.00 -28.24 31.38
CA ASP K 90 29.12 -28.45 32.29
C ASP K 90 29.79 -27.14 32.64
N THR K 91 29.27 -26.04 32.11
CA THR K 91 29.85 -24.74 32.39
C THR K 91 29.53 -24.33 33.82
N ALA K 92 30.58 -24.24 34.64
CA ALA K 92 30.38 -24.01 36.07
C ALA K 92 31.66 -23.65 36.79
N VAL K 93 31.55 -23.33 38.08
CA VAL K 93 32.72 -23.16 38.94
C VAL K 93 33.07 -24.45 39.68
N TYR K 94 34.28 -24.93 39.47
CA TYR K 94 34.73 -26.21 39.99
C TYR K 94 35.62 -26.08 41.22
N TYR K 95 35.30 -26.85 42.25
CA TYR K 95 36.08 -26.81 43.48
C TYR K 95 36.61 -28.19 43.87
N CYS K 96 37.85 -28.26 44.34
CA CYS K 96 38.42 -29.53 44.77
C CYS K 96 38.50 -29.45 46.28
N ALA K 97 38.02 -30.47 46.98
CA ALA K 97 38.02 -30.44 48.44
C ALA K 97 38.66 -31.66 49.10
N LYS K 98 38.63 -31.66 50.43
CA LYS K 98 39.24 -32.72 51.24
C LYS K 98 38.26 -33.20 52.30
N ASP K 99 38.52 -34.39 52.85
CA ASP K 99 37.64 -35.00 53.85
C ASP K 99 37.73 -34.30 55.20
N HIS K 100 36.60 -34.21 55.89
CA HIS K 100 36.49 -33.51 57.17
C HIS K 100 36.91 -34.33 58.40
N ARG K 101 36.28 -35.48 58.58
CA ARG K 101 36.46 -36.30 59.77
C ARG K 101 37.02 -37.67 59.41
N VAL K 102 36.26 -38.38 58.58
CA VAL K 102 36.65 -39.68 58.07
C VAL K 102 38.00 -39.64 57.34
N TRP K 103 38.76 -40.72 57.48
CA TRP K 103 40.04 -40.86 56.81
C TRP K 103 39.80 -41.74 55.60
N ALA K 104 39.55 -41.12 54.45
CA ALA K 104 39.23 -41.85 53.21
C ALA K 104 38.06 -42.84 53.36
N ALA K 105 37.18 -42.60 54.34
CA ALA K 105 36.06 -43.52 54.61
C ALA K 105 34.69 -42.97 54.18
N GLY K 106 34.47 -41.68 54.42
CA GLY K 106 33.18 -41.05 54.18
C GLY K 106 33.33 -39.85 53.26
N TYR K 107 32.20 -39.22 52.93
CA TYR K 107 32.17 -38.19 51.90
C TYR K 107 32.01 -36.78 52.46
N HIS K 108 32.41 -36.58 53.70
CA HIS K 108 32.46 -35.24 54.27
C HIS K 108 33.53 -34.38 53.59
N PHE K 109 33.31 -33.07 53.58
CA PHE K 109 34.27 -32.12 52.99
C PHE K 109 34.45 -30.90 53.89
N ASP K 110 35.67 -30.66 54.37
CA ASP K 110 35.93 -29.47 55.18
C ASP K 110 36.52 -28.29 54.42
N TYR K 111 37.57 -28.52 53.62
CA TYR K 111 38.27 -27.41 52.99
C TYR K 111 38.12 -27.46 51.48
N TRP K 112 37.64 -26.35 50.93
CA TRP K 112 37.37 -26.27 49.51
C TRP K 112 38.38 -25.32 48.87
N GLY K 113 38.63 -25.51 47.59
CA GLY K 113 39.52 -24.64 46.84
C GLY K 113 38.82 -23.35 46.50
N GLN K 114 39.58 -22.34 46.11
CA GLN K 114 38.94 -21.06 45.82
C GLN K 114 38.02 -21.18 44.62
N GLY K 115 38.27 -22.16 43.76
CA GLY K 115 37.41 -22.45 42.63
C GLY K 115 37.95 -22.04 41.28
N ALA K 116 37.62 -22.85 40.26
CA ALA K 116 38.06 -22.60 38.89
C ALA K 116 36.88 -22.59 37.93
N LEU K 117 36.73 -21.50 37.18
CA LEU K 117 35.58 -21.33 36.30
C LEU K 117 35.81 -21.95 34.93
N VAL K 118 34.82 -22.70 34.45
CA VAL K 118 34.89 -23.28 33.13
C VAL K 118 33.68 -22.94 32.30
N THR K 119 33.94 -22.37 31.14
CA THR K 119 32.92 -21.88 30.23
C THR K 119 33.00 -22.51 28.85
N VAL K 120 31.93 -23.19 28.45
CA VAL K 120 31.89 -23.92 27.19
C VAL K 120 31.03 -23.23 26.13
N SER K 121 30.87 -21.91 26.28
CA SER K 121 30.01 -21.11 25.39
C SER K 121 30.41 -21.24 23.93
N SER K 122 31.71 -21.17 23.68
CA SER K 122 32.24 -21.24 22.33
C SER K 122 31.61 -20.19 21.44
N ALA K 123 31.76 -18.93 21.84
CA ALA K 123 31.29 -17.81 21.04
C ALA K 123 32.45 -16.87 20.81
N SER K 124 32.51 -16.26 19.64
CA SER K 124 33.60 -15.33 19.36
C SER K 124 33.50 -14.09 20.22
N THR K 125 34.63 -13.66 20.77
CA THR K 125 34.70 -12.50 21.65
C THR K 125 34.62 -11.21 20.85
N LYS K 126 33.63 -10.38 21.17
CA LYS K 126 33.40 -9.13 20.44
C LYS K 126 33.13 -7.99 21.39
N GLY K 127 33.48 -6.78 20.95
CA GLY K 127 33.32 -5.60 21.78
C GLY K 127 31.87 -5.29 22.06
N PRO K 128 31.58 -4.86 23.30
CA PRO K 128 30.24 -4.47 23.74
C PRO K 128 29.75 -3.18 23.12
N SER K 129 28.46 -3.12 22.84
CA SER K 129 27.84 -1.88 22.37
C SER K 129 27.23 -1.15 23.56
N VAL K 130 27.62 0.12 23.72
CA VAL K 130 27.17 0.93 24.84
C VAL K 130 26.06 1.88 24.43
N PHE K 131 24.89 1.70 25.02
CA PHE K 131 23.73 2.54 24.72
C PHE K 131 23.24 3.27 25.97
N PRO K 132 23.20 4.61 25.89
CA PRO K 132 22.82 5.47 27.01
C PRO K 132 21.32 5.44 27.29
N LEU K 133 20.96 5.64 28.55
CA LEU K 133 19.57 5.74 28.98
C LEU K 133 19.20 7.19 29.25
N ALA K 134 18.35 7.74 28.39
CA ALA K 134 17.98 9.14 28.45
C ALA K 134 17.20 9.36 29.73
N PRO K 135 17.37 10.53 30.34
CA PRO K 135 16.59 10.83 31.54
C PRO K 135 15.11 10.85 31.18
N SER K 136 14.27 10.50 32.14
CA SER K 136 12.86 10.28 31.87
C SER K 136 12.14 11.60 31.75
N SER K 137 11.98 12.29 32.88
CA SER K 137 11.43 13.62 32.86
C SER K 137 12.45 14.56 33.45
N LYS K 138 12.50 15.79 32.91
CA LYS K 138 13.34 16.81 33.49
C LYS K 138 12.84 17.13 34.89
N SER K 139 11.52 17.04 35.07
CA SER K 139 10.89 17.30 36.36
C SER K 139 11.19 16.17 37.35
N THR K 140 11.44 16.54 38.60
CA THR K 140 11.83 15.55 39.61
C THR K 140 10.59 14.98 40.32
N SER K 141 9.83 14.16 39.58
CA SER K 141 8.61 13.55 40.12
C SER K 141 8.94 12.50 41.17
N GLY K 142 10.18 12.01 41.16
CA GLY K 142 10.59 10.98 42.10
C GLY K 142 11.59 11.44 43.14
N GLY K 143 11.92 12.73 43.15
CA GLY K 143 12.90 13.25 44.08
C GLY K 143 14.28 13.23 43.47
N THR K 144 14.51 12.23 42.64
CA THR K 144 15.76 12.07 41.92
C THR K 144 15.51 11.55 40.51
N ALA K 145 16.06 12.22 39.51
CA ALA K 145 15.98 11.74 38.15
C ALA K 145 16.94 10.57 37.99
N ALA K 146 16.57 9.60 37.15
CA ALA K 146 17.40 8.42 36.94
C ALA K 146 17.95 8.36 35.52
N LEU K 147 19.21 7.97 35.40
CA LEU K 147 19.82 7.73 34.09
C LEU K 147 20.74 6.52 34.17
N GLY K 148 21.05 5.91 33.04
CA GLY K 148 21.85 4.70 33.04
C GLY K 148 22.65 4.43 31.78
N CYS K 149 23.30 3.27 31.78
CA CYS K 149 24.11 2.80 30.66
C CYS K 149 23.86 1.31 30.43
N LEU K 150 23.64 0.93 29.18
CA LEU K 150 23.38 -0.45 28.80
C LEU K 150 24.51 -1.04 27.95
N VAL K 151 25.10 -2.12 28.44
CA VAL K 151 26.12 -2.86 27.69
C VAL K 151 25.52 -4.10 27.03
N LYS K 152 25.67 -4.21 25.71
CA LYS K 152 25.05 -5.32 24.99
C LYS K 152 26.02 -6.05 24.07
N ASP K 153 25.79 -7.36 23.90
CA ASP K 153 26.54 -8.21 22.99
C ASP K 153 28.03 -8.22 23.30
N TYR K 154 28.38 -8.44 24.56
CA TYR K 154 29.77 -8.57 24.95
C TYR K 154 30.07 -10.01 25.36
N PHE K 155 31.30 -10.43 25.10
CA PHE K 155 31.76 -11.78 25.44
C PHE K 155 33.28 -11.92 25.54
N PRO K 156 33.75 -12.64 26.57
CA PRO K 156 32.93 -13.12 27.69
C PRO K 156 32.99 -12.17 28.88
N GLU K 157 32.45 -12.61 30.01
CA GLU K 157 32.57 -11.86 31.26
C GLU K 157 34.05 -11.75 31.64
N PRO K 158 34.41 -10.74 32.45
CA PRO K 158 33.56 -9.69 33.02
C PRO K 158 33.66 -8.37 32.26
N VAL K 159 32.87 -7.40 32.70
CA VAL K 159 33.01 -6.01 32.26
C VAL K 159 32.90 -5.11 33.48
N THR K 160 33.88 -4.23 33.70
CA THR K 160 33.78 -3.33 34.85
C THR K 160 33.35 -1.93 34.40
N VAL K 161 32.41 -1.33 35.13
CA VAL K 161 31.91 -0.01 34.77
C VAL K 161 31.94 0.99 35.92
N SER K 162 32.73 2.05 35.74
CA SER K 162 32.83 3.11 36.75
C SER K 162 32.46 4.45 36.14
N TRP K 163 31.62 5.20 36.87
CA TRP K 163 31.21 6.53 36.48
C TRP K 163 32.32 7.57 36.72
N ASN K 164 32.41 8.55 35.82
CA ASN K 164 33.26 9.71 36.05
C ASN K 164 34.58 9.26 36.59
N SER K 165 35.15 8.23 35.99
CA SER K 165 36.41 7.70 36.51
C SER K 165 36.35 7.49 38.01
N GLY K 166 35.18 7.06 38.50
CA GLY K 166 35.00 6.74 39.90
C GLY K 166 34.55 7.91 40.75
N ALA K 167 34.31 9.06 40.11
CA ALA K 167 33.89 10.25 40.84
C ALA K 167 32.52 10.05 41.46
N LEU K 168 31.67 9.30 40.77
CA LEU K 168 30.33 9.02 41.29
C LEU K 168 30.27 7.61 41.85
N THR K 169 30.52 7.51 43.15
CA THR K 169 30.53 6.22 43.82
C THR K 169 29.20 5.85 44.43
N SER K 170 28.46 6.87 44.87
CA SER K 170 27.22 6.66 45.58
C SER K 170 26.02 6.57 44.65
N GLY K 171 24.97 5.90 45.12
CA GLY K 171 23.74 5.77 44.36
C GLY K 171 23.95 5.09 43.02
N VAL K 172 24.92 4.18 42.96
CA VAL K 172 25.22 3.49 41.73
C VAL K 172 24.85 2.02 41.87
N HIS K 173 24.07 1.52 40.92
CA HIS K 173 23.69 0.11 40.95
C HIS K 173 24.12 -0.61 39.68
N THR K 174 24.98 -1.60 39.86
CA THR K 174 25.44 -2.44 38.76
C THR K 174 24.77 -3.81 38.81
N PHE K 175 23.88 -4.06 37.86
CA PHE K 175 23.13 -5.29 37.82
C PHE K 175 23.95 -6.42 37.22
N PRO K 176 23.70 -7.65 37.67
CA PRO K 176 24.39 -8.82 37.15
C PRO K 176 24.12 -9.02 35.65
N ALA K 177 25.05 -9.66 34.97
CA ALA K 177 24.92 -9.96 33.55
C ALA K 177 23.86 -11.02 33.31
N VAL K 178 23.27 -11.00 32.12
CA VAL K 178 22.24 -11.97 31.76
C VAL K 178 22.58 -12.74 30.49
N LEU K 179 22.21 -14.01 30.48
CA LEU K 179 22.38 -14.85 29.31
C LEU K 179 21.25 -14.62 28.31
N GLN K 180 21.60 -14.38 27.05
CA GLN K 180 20.62 -14.18 25.99
C GLN K 180 20.49 -15.40 25.10
N SER K 181 19.49 -15.37 24.22
CA SER K 181 19.28 -16.47 23.28
C SER K 181 20.47 -16.56 22.33
N SER K 182 21.04 -15.41 21.99
CA SER K 182 22.21 -15.35 21.12
C SER K 182 23.47 -15.84 21.84
N GLY K 183 23.36 -16.08 23.15
CA GLY K 183 24.47 -16.56 23.94
C GLY K 183 25.47 -15.48 24.27
N LEU K 184 25.09 -14.23 24.04
CA LEU K 184 25.97 -13.09 24.31
C LEU K 184 25.48 -12.33 25.53
N TYR K 185 26.37 -12.12 26.50
CA TYR K 185 25.99 -11.48 27.75
C TYR K 185 25.65 -10.00 27.57
N SER K 186 24.82 -9.50 28.48
CA SER K 186 24.42 -8.11 28.50
C SER K 186 24.23 -7.62 29.93
N LEU K 187 24.70 -6.41 30.22
CA LEU K 187 24.64 -5.88 31.58
C LEU K 187 24.05 -4.46 31.60
N SER K 188 23.44 -4.08 32.72
CA SER K 188 22.86 -2.74 32.83
C SER K 188 23.28 -2.05 34.12
N SER K 189 23.66 -0.78 34.03
CA SER K 189 24.09 -0.03 35.22
C SER K 189 23.40 1.33 35.33
N VAL K 190 22.86 1.65 36.49
CA VAL K 190 22.11 2.90 36.63
C VAL K 190 22.51 3.77 37.83
N VAL K 191 22.08 5.03 37.76
CA VAL K 191 22.31 5.99 38.83
C VAL K 191 21.15 6.99 38.96
N THR K 192 20.88 7.38 40.21
CA THR K 192 19.84 8.34 40.52
C THR K 192 20.47 9.59 41.13
N VAL K 193 20.21 10.75 40.52
CA VAL K 193 20.76 12.00 41.02
C VAL K 193 19.68 13.08 41.00
N PRO K 194 19.80 14.11 41.87
CA PRO K 194 18.77 15.16 41.90
C PRO K 194 18.61 15.84 40.53
N SER K 195 17.40 16.30 40.25
CA SER K 195 17.08 16.90 38.95
C SER K 195 17.78 18.22 38.68
N SER K 196 18.02 19.00 39.73
CA SER K 196 18.65 20.30 39.57
C SER K 196 20.08 20.09 39.10
N SER K 197 20.68 19.00 39.56
CA SER K 197 22.07 18.64 39.25
C SER K 197 22.22 18.18 37.80
N LEU K 198 21.10 17.95 37.12
CA LEU K 198 21.11 17.47 35.74
C LEU K 198 21.74 18.45 34.75
N GLY K 199 21.43 19.74 34.88
CA GLY K 199 21.94 20.75 33.98
C GLY K 199 23.42 21.04 34.15
N THR K 200 23.86 21.07 35.40
CA THR K 200 25.22 21.51 35.75
C THR K 200 26.29 20.42 35.73
N GLN K 201 25.88 19.15 35.78
CA GLN K 201 26.86 18.06 35.82
C GLN K 201 26.74 17.15 34.60
N THR K 202 27.86 16.57 34.21
CA THR K 202 27.87 15.65 33.09
C THR K 202 28.16 14.26 33.61
N TYR K 203 27.35 13.30 33.18
CA TYR K 203 27.50 11.93 33.62
C TYR K 203 28.00 11.01 32.52
N ILE K 204 29.17 10.43 32.75
CA ILE K 204 29.76 9.51 31.78
C ILE K 204 30.10 8.18 32.46
N CYS K 205 29.83 7.09 31.77
CA CYS K 205 30.10 5.76 32.30
C CYS K 205 31.23 5.11 31.53
N ASN K 206 32.24 4.63 32.24
CA ASN K 206 33.40 4.00 31.62
C ASN K 206 33.27 2.48 31.53
N VAL K 207 33.05 1.99 30.32
CA VAL K 207 32.94 0.56 30.08
C VAL K 207 34.27 -0.08 29.74
N ASN K 208 34.68 -1.01 30.59
CA ASN K 208 35.92 -1.76 30.42
C ASN K 208 35.68 -3.26 30.18
N HIS K 209 36.03 -3.72 28.97
CA HIS K 209 35.93 -5.12 28.54
C HIS K 209 37.30 -5.69 28.18
N LYS K 210 37.85 -6.57 29.02
CA LYS K 210 39.22 -7.04 28.82
C LYS K 210 39.49 -7.96 27.61
N PRO K 211 38.68 -9.04 27.41
CA PRO K 211 39.01 -9.95 26.30
C PRO K 211 39.05 -9.31 24.92
N SER K 212 38.04 -8.53 24.57
CA SER K 212 38.02 -7.83 23.29
C SER K 212 38.86 -6.55 23.43
N ASN K 213 39.27 -6.29 24.66
CA ASN K 213 40.07 -5.12 25.02
C ASN K 213 39.42 -3.82 24.55
N THR K 214 38.12 -3.72 24.80
CA THR K 214 37.32 -2.57 24.42
C THR K 214 36.94 -1.72 25.62
N LYS K 215 37.45 -0.49 25.66
CA LYS K 215 37.10 0.45 26.71
C LYS K 215 36.50 1.73 26.14
N VAL K 216 35.18 1.86 26.26
CA VAL K 216 34.50 3.02 25.70
C VAL K 216 33.68 3.73 26.77
N ASP K 217 33.76 5.06 26.77
CA ASP K 217 33.02 5.89 27.71
C ASP K 217 31.85 6.52 26.98
N LYS K 218 30.66 6.47 27.57
CA LYS K 218 29.48 7.04 26.95
C LYS K 218 28.73 8.02 27.84
N LYS K 219 28.64 9.27 27.40
CA LYS K 219 27.92 10.31 28.16
C LYS K 219 26.40 10.18 28.05
N VAL K 220 25.68 10.57 29.10
CA VAL K 220 24.22 10.47 29.09
C VAL K 220 23.57 11.85 28.91
N GLU K 221 22.87 11.98 27.79
CA GLU K 221 22.19 13.21 27.39
C GLU K 221 20.74 12.93 26.99
N PRO K 222 19.81 13.86 27.26
CA PRO K 222 18.45 13.64 26.76
C PRO K 222 18.29 14.06 25.30
N ASP L 1 17.50 -42.13 43.42
CA ASP L 1 18.44 -41.78 44.48
C ASP L 1 17.76 -40.91 45.54
N ILE L 2 18.56 -40.25 46.37
CA ILE L 2 18.01 -39.47 47.46
C ILE L 2 18.17 -37.97 47.17
N VAL L 3 17.05 -37.27 47.20
CA VAL L 3 17.04 -35.83 47.04
C VAL L 3 16.31 -35.17 48.20
N LEU L 4 17.03 -34.30 48.88
CA LEU L 4 16.47 -33.53 49.98
C LEU L 4 15.75 -32.27 49.50
N THR L 5 14.88 -31.77 50.37
CA THR L 5 14.08 -30.58 50.11
C THR L 5 14.14 -29.62 51.27
N GLN L 6 14.19 -28.32 50.97
CA GLN L 6 14.23 -27.31 52.02
C GLN L 6 13.03 -26.39 51.92
N SER L 7 12.35 -26.21 53.07
CA SER L 7 11.14 -25.36 53.19
C SER L 7 11.31 -23.86 52.96
N PRO L 8 12.31 -23.21 53.58
CA PRO L 8 12.53 -21.82 53.20
C PRO L 8 13.67 -21.67 52.20
N SER L 9 13.40 -21.05 51.06
CA SER L 9 14.45 -20.78 50.08
C SER L 9 15.13 -19.45 50.43
N THR L 10 14.32 -18.44 50.70
CA THR L 10 14.83 -17.17 51.20
C THR L 10 14.15 -16.87 52.52
N LEU L 11 14.93 -16.77 53.58
CA LEU L 11 14.35 -16.52 54.89
C LEU L 11 14.74 -15.15 55.42
N SER L 12 13.73 -14.31 55.63
CA SER L 12 13.93 -12.95 56.14
C SER L 12 14.15 -12.97 57.64
N ALA L 13 15.18 -12.27 58.08
CA ALA L 13 15.53 -12.28 59.49
C ALA L 13 16.26 -10.99 59.88
N SER L 14 16.54 -10.86 61.17
CA SER L 14 17.28 -9.71 61.67
C SER L 14 18.29 -10.16 62.72
N VAL L 15 19.18 -9.26 63.09
CA VAL L 15 20.23 -9.56 64.05
C VAL L 15 19.67 -10.03 65.40
N GLY L 16 20.25 -11.11 65.91
CA GLY L 16 19.88 -11.63 67.22
C GLY L 16 18.54 -12.34 67.22
N ASP L 17 18.08 -12.74 66.04
CA ASP L 17 16.82 -13.47 65.93
C ASP L 17 17.08 -14.98 65.89
N ARG L 18 16.25 -15.74 66.60
CA ARG L 18 16.36 -17.20 66.57
C ARG L 18 15.91 -17.72 65.22
N VAL L 19 16.80 -18.42 64.52
CA VAL L 19 16.50 -18.84 63.16
C VAL L 19 16.55 -20.37 63.03
N THR L 20 15.53 -20.95 62.40
CA THR L 20 15.48 -22.40 62.20
C THR L 20 15.22 -22.77 60.74
N ILE L 21 16.03 -23.67 60.20
CA ILE L 21 15.81 -24.13 58.85
C ILE L 21 15.61 -25.64 58.85
N THR L 22 14.69 -26.11 58.02
CA THR L 22 14.42 -27.53 57.95
C THR L 22 14.89 -28.12 56.64
N CYS L 23 15.73 -29.14 56.73
CA CYS L 23 16.22 -29.82 55.54
C CYS L 23 15.77 -31.25 55.67
N ARG L 24 14.63 -31.53 55.05
CA ARG L 24 14.04 -32.85 55.08
C ARG L 24 14.25 -33.56 53.76
N ALA L 25 14.77 -34.78 53.83
CA ALA L 25 15.04 -35.54 52.61
C ALA L 25 13.94 -36.53 52.31
N SER L 26 14.10 -37.21 51.19
CA SER L 26 13.10 -38.16 50.74
C SER L 26 13.28 -39.50 51.44
N GLN L 27 14.51 -40.01 51.47
CA GLN L 27 14.80 -41.27 52.16
C GLN L 27 15.41 -41.07 53.55
N SER L 28 15.59 -42.19 54.26
CA SER L 28 16.17 -42.15 55.61
C SER L 28 17.68 -42.37 55.59
N ILE L 29 18.42 -41.29 55.84
CA ILE L 29 19.88 -41.34 55.83
C ILE L 29 20.43 -41.49 57.25
N SER L 30 19.53 -41.78 58.20
CA SER L 30 19.88 -41.95 59.60
C SER L 30 20.53 -40.70 60.20
N SER L 31 21.66 -40.86 60.88
CA SER L 31 22.29 -39.75 61.59
C SER L 31 23.40 -39.08 60.79
N TRP L 32 23.59 -39.54 59.56
CA TRP L 32 24.68 -39.06 58.72
C TRP L 32 24.23 -37.95 57.78
N LEU L 33 24.59 -36.72 58.11
CA LEU L 33 24.18 -35.55 57.33
C LEU L 33 25.14 -34.41 57.61
N ALA L 34 25.19 -33.43 56.72
CA ALA L 34 26.04 -32.27 56.99
C ALA L 34 25.40 -30.96 56.53
N TRP L 35 25.76 -29.85 57.19
CA TRP L 35 25.28 -28.52 56.80
C TRP L 35 26.47 -27.61 56.47
N TYR L 36 26.31 -26.85 55.38
CA TYR L 36 27.40 -26.00 54.87
C TYR L 36 27.01 -24.52 54.84
N GLN L 37 28.03 -23.67 54.67
CA GLN L 37 27.85 -22.24 54.56
C GLN L 37 28.62 -21.70 53.38
N GLN L 38 27.91 -21.05 52.46
CA GLN L 38 28.58 -20.43 51.31
C GLN L 38 28.22 -18.97 51.19
N LYS L 39 29.20 -18.12 51.35
CA LYS L 39 29.00 -16.71 51.10
C LYS L 39 29.19 -16.53 49.61
N PRO L 40 28.55 -15.50 49.04
CA PRO L 40 28.66 -15.25 47.60
C PRO L 40 30.11 -15.09 47.14
N GLY L 41 30.49 -15.86 46.12
CA GLY L 41 31.83 -15.80 45.57
C GLY L 41 32.88 -16.45 46.46
N GLU L 42 32.43 -16.98 47.59
CA GLU L 42 33.33 -17.65 48.53
C GLU L 42 33.09 -19.14 48.49
N ALA L 43 34.13 -19.90 48.74
CA ALA L 43 34.02 -21.34 48.82
C ALA L 43 33.16 -21.70 50.02
N PRO L 44 32.33 -22.74 49.87
CA PRO L 44 31.49 -23.23 50.97
C PRO L 44 32.31 -23.65 52.18
N LYS L 45 31.81 -23.33 53.35
CA LYS L 45 32.50 -23.61 54.60
C LYS L 45 31.63 -24.59 55.37
N LEU L 46 32.25 -25.62 55.94
CA LEU L 46 31.50 -26.64 56.64
C LEU L 46 31.00 -26.07 57.96
N LEU L 47 29.69 -26.12 58.14
CA LEU L 47 29.07 -25.63 59.37
C LEU L 47 29.01 -26.77 60.39
N ILE L 48 28.32 -27.86 60.05
CA ILE L 48 28.14 -28.94 61.03
C ILE L 48 28.19 -30.32 60.38
N SER L 49 28.62 -31.31 61.18
CA SER L 49 28.87 -32.66 60.70
C SER L 49 28.05 -33.67 61.50
N ASP L 50 27.48 -34.64 60.82
CA ASP L 50 26.65 -35.68 61.45
C ASP L 50 25.41 -35.09 62.11
N ALA L 51 25.18 -33.80 61.90
CA ALA L 51 24.03 -33.06 62.43
C ALA L 51 24.03 -33.00 63.96
N SER L 52 25.00 -33.64 64.59
CA SER L 52 25.11 -33.65 66.04
C SER L 52 26.44 -33.06 66.48
N SER L 53 27.49 -33.39 65.75
CA SER L 53 28.83 -32.93 66.09
C SER L 53 29.14 -31.63 65.36
N LEU L 54 29.65 -30.64 66.09
CA LEU L 54 29.96 -29.36 65.46
C LEU L 54 31.40 -29.44 64.99
N GLU L 55 31.66 -28.92 63.79
CA GLU L 55 33.03 -28.88 63.31
C GLU L 55 33.73 -27.79 64.12
N SER L 56 35.03 -27.97 64.37
CA SER L 56 35.82 -27.03 65.19
C SER L 56 36.03 -25.67 64.54
N GLY L 57 36.09 -24.63 65.36
CA GLY L 57 36.29 -23.27 64.86
C GLY L 57 34.99 -22.57 64.53
N VAL L 58 33.89 -23.29 64.70
CA VAL L 58 32.57 -22.75 64.44
C VAL L 58 32.00 -22.18 65.73
N PRO L 59 31.47 -20.95 65.66
CA PRO L 59 30.81 -20.28 66.79
C PRO L 59 29.77 -21.16 67.51
N SER L 60 29.64 -20.96 68.82
CA SER L 60 28.81 -21.83 69.66
C SER L 60 27.30 -21.62 69.50
N ARG L 61 26.92 -20.49 68.90
CA ARG L 61 25.51 -20.15 68.73
C ARG L 61 24.78 -21.14 67.81
N PHE L 62 25.50 -21.68 66.83
CA PHE L 62 24.94 -22.67 65.90
C PHE L 62 24.72 -24.02 66.57
N SER L 63 23.58 -24.64 66.27
CA SER L 63 23.30 -25.98 66.77
C SER L 63 22.42 -26.72 65.77
N GLY L 64 22.41 -28.05 65.83
CA GLY L 64 21.61 -28.83 64.91
C GLY L 64 21.01 -30.04 65.58
N SER L 65 19.85 -30.49 65.09
CA SER L 65 19.18 -31.63 65.69
C SER L 65 18.28 -32.35 64.68
N GLY L 66 17.54 -33.35 65.16
CA GLY L 66 16.68 -34.15 64.33
C GLY L 66 17.27 -35.50 64.01
N SER L 67 16.41 -36.48 63.77
CA SER L 67 16.85 -37.83 63.39
C SER L 67 15.97 -38.39 62.28
N GLY L 68 16.52 -39.35 61.54
CA GLY L 68 15.81 -39.99 60.45
C GLY L 68 15.59 -39.09 59.25
N THR L 69 14.34 -38.85 58.89
CA THR L 69 14.01 -38.03 57.72
C THR L 69 14.00 -36.53 58.02
N GLU L 70 13.63 -36.17 59.25
CA GLU L 70 13.54 -34.76 59.65
C GLU L 70 14.78 -34.22 60.33
N PHE L 71 15.23 -33.03 59.91
CA PHE L 71 16.42 -32.38 60.46
C PHE L 71 16.18 -30.88 60.58
N THR L 72 16.77 -30.28 61.61
CA THR L 72 16.60 -28.85 61.84
C THR L 72 17.91 -28.20 62.27
N LEU L 73 18.26 -27.11 61.58
CA LEU L 73 19.39 -26.30 62.02
C LEU L 73 18.86 -25.06 62.76
N THR L 74 19.29 -24.91 64.02
CA THR L 74 18.81 -23.82 64.89
C THR L 74 19.93 -22.89 65.40
N ILE L 75 19.75 -21.59 65.21
CA ILE L 75 20.65 -20.56 65.74
C ILE L 75 19.96 -19.70 66.79
N SER L 76 20.46 -19.78 68.03
CA SER L 76 19.91 -19.05 69.17
C SER L 76 20.12 -17.54 69.05
N SER L 77 21.26 -17.13 68.52
CA SER L 77 21.54 -15.71 68.34
C SER L 77 22.15 -15.49 66.97
N LEU L 78 21.52 -14.62 66.18
CA LEU L 78 21.99 -14.36 64.83
C LEU L 78 23.04 -13.26 64.80
N GLN L 79 24.03 -13.41 63.93
CA GLN L 79 25.14 -12.47 63.82
C GLN L 79 25.36 -12.08 62.35
N PRO L 80 26.01 -10.93 62.12
CA PRO L 80 26.27 -10.43 60.75
C PRO L 80 27.13 -11.36 59.89
N ASP L 81 28.09 -12.05 60.48
CA ASP L 81 28.96 -12.96 59.75
C ASP L 81 28.21 -14.21 59.28
N ASP L 82 27.08 -14.47 59.93
CA ASP L 82 26.31 -15.70 59.70
C ASP L 82 25.39 -15.65 58.47
N PHE L 83 25.37 -14.53 57.76
CA PHE L 83 24.54 -14.39 56.56
C PHE L 83 25.19 -14.92 55.29
N ALA L 84 24.66 -16.03 54.79
CA ALA L 84 25.16 -16.66 53.58
C ALA L 84 24.12 -17.62 53.03
N THR L 85 24.39 -18.20 51.87
CA THR L 85 23.51 -19.21 51.34
C THR L 85 23.84 -20.51 52.06
N TYR L 86 22.80 -21.26 52.41
CA TYR L 86 22.98 -22.50 53.16
C TYR L 86 22.46 -23.72 52.43
N TYR L 87 23.34 -24.69 52.24
CA TYR L 87 23.00 -25.96 51.63
C TYR L 87 23.20 -27.09 52.64
N CYS L 88 22.46 -28.17 52.43
CA CYS L 88 22.59 -29.37 53.26
C CYS L 88 22.93 -30.57 52.37
N GLN L 89 23.95 -31.32 52.77
CA GLN L 89 24.39 -32.47 51.98
C GLN L 89 24.21 -33.81 52.69
N GLN L 90 23.59 -34.75 51.99
CA GLN L 90 23.53 -36.14 52.43
C GLN L 90 24.40 -37.01 51.52
N TYR L 91 25.24 -37.84 52.13
CA TYR L 91 26.11 -38.69 51.36
C TYR L 91 25.69 -40.17 51.41
N TYR L 92 24.53 -40.45 52.01
CA TYR L 92 24.10 -41.84 52.21
C TYR L 92 23.86 -42.71 50.98
N SER L 93 23.19 -42.20 49.97
CA SER L 93 22.95 -42.99 48.76
C SER L 93 23.55 -42.29 47.56
N SER L 94 23.01 -41.12 47.26
CA SER L 94 23.50 -40.29 46.18
C SER L 94 23.74 -38.92 46.79
N PRO L 95 24.93 -38.36 46.57
CA PRO L 95 25.21 -37.05 47.15
C PRO L 95 24.61 -35.95 46.29
N THR L 96 23.98 -34.97 46.93
CA THR L 96 23.39 -33.87 46.20
C THR L 96 23.19 -32.67 47.10
N PHE L 97 23.07 -31.49 46.50
CA PHE L 97 22.85 -30.27 47.25
C PHE L 97 21.48 -29.65 46.93
N GLY L 98 20.81 -29.18 47.98
CA GLY L 98 19.52 -28.54 47.86
C GLY L 98 19.53 -27.24 47.08
N GLY L 99 18.36 -26.61 46.99
CA GLY L 99 18.26 -25.33 46.32
C GLY L 99 19.07 -24.28 47.04
N GLY L 100 19.25 -24.47 48.35
CA GLY L 100 20.01 -23.56 49.17
C GLY L 100 19.09 -22.61 49.91
N THR L 101 19.45 -22.24 51.13
CA THR L 101 18.65 -21.29 51.88
C THR L 101 19.41 -20.00 52.14
N LYS L 102 18.98 -18.93 51.48
CA LYS L 102 19.62 -17.64 51.61
C LYS L 102 18.86 -16.83 52.67
N VAL L 103 19.60 -16.22 53.59
CA VAL L 103 19.01 -15.45 54.68
C VAL L 103 19.28 -13.96 54.51
N GLU L 104 18.27 -13.13 54.75
CA GLU L 104 18.38 -11.70 54.51
C GLU L 104 17.92 -10.84 55.69
N ILE L 105 18.07 -9.53 55.54
CA ILE L 105 17.68 -8.57 56.58
C ILE L 105 16.50 -7.66 56.24
N LYS L 106 15.32 -8.05 56.69
CA LYS L 106 14.09 -7.29 56.50
C LYS L 106 13.79 -6.36 57.70
N ARG L 107 14.15 -5.09 57.62
CA ARG L 107 13.90 -4.22 58.78
C ARG L 107 12.62 -3.38 58.61
N THR L 108 12.38 -2.81 57.43
CA THR L 108 11.16 -2.04 57.19
C THR L 108 10.50 -2.52 55.89
N VAL L 109 9.49 -1.78 55.45
CA VAL L 109 8.84 -2.06 54.18
C VAL L 109 8.90 -0.77 53.37
N ALA L 110 9.38 -0.87 52.13
CA ALA L 110 9.53 0.32 51.30
C ALA L 110 8.85 0.20 49.94
N ALA L 111 8.54 1.36 49.37
CA ALA L 111 7.93 1.43 48.05
C ALA L 111 9.00 1.58 46.98
N PRO L 112 8.90 0.77 45.91
CA PRO L 112 9.89 0.76 44.82
C PRO L 112 9.83 2.02 43.99
N SER L 113 10.99 2.61 43.69
CA SER L 113 11.04 3.74 42.78
C SER L 113 11.04 3.23 41.34
N VAL L 114 10.12 3.73 40.55
CA VAL L 114 9.93 3.25 39.18
C VAL L 114 10.37 4.25 38.12
N PHE L 115 11.29 3.82 37.26
CA PHE L 115 11.72 4.66 36.15
C PHE L 115 11.69 3.87 34.86
N ILE L 116 11.06 4.41 33.82
CA ILE L 116 11.01 3.68 32.55
C ILE L 116 11.83 4.42 31.49
N PHE L 117 12.76 3.70 30.86
CA PHE L 117 13.65 4.27 29.85
C PHE L 117 13.44 3.62 28.49
N PRO L 118 13.23 4.47 27.46
CA PRO L 118 13.06 4.12 26.05
C PRO L 118 14.37 3.68 25.42
N PRO L 119 14.30 2.94 24.30
CA PRO L 119 15.52 2.55 23.59
C PRO L 119 16.27 3.76 23.06
N SER L 120 17.59 3.76 23.20
CA SER L 120 18.40 4.88 22.72
C SER L 120 18.41 4.91 21.20
N ASP L 121 18.78 6.07 20.65
CA ASP L 121 18.81 6.27 19.20
C ASP L 121 19.93 5.48 18.51
N GLU L 122 21.09 5.34 19.14
CA GLU L 122 22.19 4.58 18.54
C GLU L 122 21.84 3.09 18.37
N GLN L 123 21.03 2.57 19.28
CA GLN L 123 20.61 1.17 19.23
C GLN L 123 19.61 0.91 18.11
N LEU L 124 18.85 1.94 17.75
CA LEU L 124 17.82 1.82 16.73
C LEU L 124 18.44 1.51 15.38
N LYS L 125 19.65 2.03 15.17
CA LYS L 125 20.38 1.82 13.92
C LYS L 125 20.77 0.35 13.75
N SER L 126 20.98 -0.35 14.86
CA SER L 126 21.40 -1.75 14.84
C SER L 126 20.31 -2.74 14.40
N GLY L 127 19.05 -2.40 14.66
CA GLY L 127 17.95 -3.29 14.30
C GLY L 127 17.48 -4.12 15.48
N THR L 128 18.00 -3.79 16.67
CA THR L 128 17.58 -4.46 17.89
C THR L 128 17.11 -3.39 18.86
N ALA L 129 16.00 -3.66 19.54
CA ALA L 129 15.42 -2.69 20.47
C ALA L 129 15.32 -3.24 21.89
N SER L 130 15.77 -2.43 22.83
CA SER L 130 15.72 -2.81 24.24
C SER L 130 15.07 -1.72 25.10
N VAL L 131 14.00 -2.09 25.79
CA VAL L 131 13.33 -1.18 26.71
C VAL L 131 13.68 -1.52 28.15
N VAL L 132 13.98 -0.52 28.96
CA VAL L 132 14.46 -0.79 30.31
C VAL L 132 13.55 -0.26 31.42
N CYS L 133 13.19 -1.13 32.36
CA CYS L 133 12.36 -0.75 33.50
C CYS L 133 13.23 -0.87 34.75
N LEU L 134 13.32 0.22 35.52
CA LEU L 134 14.13 0.27 36.72
C LEU L 134 13.30 0.37 37.98
N LEU L 135 13.56 -0.55 38.89
CA LEU L 135 12.97 -0.47 40.21
C LEU L 135 14.12 -0.27 41.19
N ASN L 136 14.05 0.79 41.98
CA ASN L 136 15.15 1.11 42.86
C ASN L 136 14.70 1.24 44.30
N ASN L 137 15.58 0.81 45.20
CA ASN L 137 15.40 1.02 46.63
C ASN L 137 14.11 0.42 47.19
N PHE L 138 13.96 -0.88 47.08
CA PHE L 138 12.78 -1.56 47.61
C PHE L 138 13.13 -2.89 48.29
N TYR L 139 12.73 -3.03 49.54
CA TYR L 139 12.68 -4.35 50.19
C TYR L 139 11.29 -4.52 50.79
N PRO L 140 10.77 -5.76 50.85
CA PRO L 140 11.48 -7.01 50.55
C PRO L 140 11.80 -7.22 49.07
N ARG L 141 12.72 -8.17 48.85
CA ARG L 141 13.25 -8.46 47.53
C ARG L 141 12.17 -8.96 46.60
N GLU L 142 11.21 -9.68 47.17
CA GLU L 142 10.11 -10.22 46.38
C GLU L 142 9.29 -9.12 45.73
N ALA L 143 8.97 -9.30 44.44
CA ALA L 143 8.17 -8.36 43.68
C ALA L 143 7.64 -9.03 42.41
N LYS L 144 6.65 -8.42 41.78
CA LYS L 144 6.17 -8.97 40.52
C LYS L 144 5.93 -7.86 39.52
N VAL L 145 6.59 -7.99 38.36
CA VAL L 145 6.55 -6.97 37.31
C VAL L 145 6.02 -7.52 36.00
N GLN L 146 5.04 -6.84 35.42
CA GLN L 146 4.48 -7.27 34.13
C GLN L 146 4.67 -6.24 33.01
N TRP L 147 4.93 -6.75 31.81
CA TRP L 147 5.16 -5.92 30.62
C TRP L 147 3.90 -5.80 29.76
N LYS L 148 3.51 -4.57 29.45
CA LYS L 148 2.33 -4.39 28.61
C LYS L 148 2.57 -3.45 27.45
N VAL L 149 2.45 -3.99 26.24
CA VAL L 149 2.67 -3.22 25.03
C VAL L 149 1.39 -3.04 24.25
N ASP L 150 0.90 -1.81 24.17
CA ASP L 150 -0.37 -1.53 23.51
C ASP L 150 -1.43 -2.44 24.09
N ASN L 151 -1.49 -2.47 25.42
CA ASN L 151 -2.42 -3.32 26.14
C ASN L 151 -2.27 -4.80 25.80
N ALA L 152 -1.03 -5.24 25.61
CA ALA L 152 -0.78 -6.66 25.35
C ALA L 152 0.35 -7.18 26.23
N LEU L 153 0.05 -8.24 26.97
CA LEU L 153 1.03 -8.87 27.84
C LEU L 153 2.11 -9.53 27.01
N GLN L 154 3.35 -9.45 27.47
CA GLN L 154 4.45 -10.09 26.76
C GLN L 154 5.14 -11.12 27.63
N SER L 155 5.13 -12.37 27.18
CA SER L 155 5.73 -13.44 27.96
C SER L 155 6.85 -14.09 27.16
N GLY L 156 7.97 -14.31 27.83
CA GLY L 156 9.13 -14.95 27.22
C GLY L 156 10.16 -14.00 26.65
N ASN L 157 9.75 -12.78 26.34
CA ASN L 157 10.65 -11.77 25.77
C ASN L 157 11.24 -10.80 26.80
N SER L 158 10.97 -11.06 28.07
CA SER L 158 11.47 -10.20 29.14
C SER L 158 12.55 -10.90 29.98
N GLN L 159 13.59 -10.15 30.32
CA GLN L 159 14.69 -10.68 31.12
C GLN L 159 14.93 -9.82 32.35
N GLU L 160 15.21 -10.42 33.50
CA GLU L 160 15.36 -9.64 34.73
C GLU L 160 16.62 -9.98 35.54
N SER L 161 17.14 -8.98 36.25
CA SER L 161 18.34 -9.14 37.08
C SER L 161 18.27 -8.32 38.38
N VAL L 162 18.78 -8.89 39.47
CA VAL L 162 18.71 -8.28 40.80
C VAL L 162 20.06 -8.05 41.47
N THR L 163 20.30 -6.84 41.96
CA THR L 163 21.53 -6.58 42.71
C THR L 163 21.38 -7.10 44.14
N GLU L 164 22.49 -7.20 44.83
CA GLU L 164 22.47 -7.58 46.24
C GLU L 164 22.07 -6.36 47.04
N GLN L 165 21.67 -6.55 48.29
CA GLN L 165 21.38 -5.41 49.16
C GLN L 165 22.60 -4.54 49.32
N ASP L 166 22.43 -3.24 49.11
CA ASP L 166 23.53 -2.33 49.40
C ASP L 166 23.51 -2.18 50.92
N SER L 167 24.69 -2.23 51.52
CA SER L 167 24.84 -2.21 52.98
C SER L 167 24.28 -0.92 53.55
N LYS L 168 24.37 0.13 52.73
CA LYS L 168 23.98 1.47 53.13
C LYS L 168 22.46 1.56 53.32
N ASP L 169 21.69 1.18 52.31
CA ASP L 169 20.24 1.34 52.40
C ASP L 169 19.52 0.04 52.74
N SER L 170 20.22 -1.09 52.60
CA SER L 170 19.65 -2.42 52.81
C SER L 170 18.43 -2.63 51.92
N THR L 171 18.47 -2.04 50.72
CA THR L 171 17.36 -2.13 49.77
C THR L 171 17.81 -2.83 48.50
N TYR L 172 16.97 -3.70 47.97
CA TYR L 172 17.28 -4.34 46.70
C TYR L 172 16.95 -3.39 45.55
N SER L 173 17.50 -3.69 44.39
CA SER L 173 17.18 -2.95 43.18
C SER L 173 17.10 -3.94 42.04
N LEU L 174 16.11 -3.74 41.17
CA LEU L 174 15.85 -4.69 40.11
C LEU L 174 15.80 -4.01 38.75
N SER L 175 16.28 -4.73 37.74
CA SER L 175 16.26 -4.23 36.38
C SER L 175 15.57 -5.22 35.45
N SER L 176 14.68 -4.70 34.60
CA SER L 176 14.02 -5.53 33.61
C SER L 176 14.29 -5.02 32.20
N THR L 177 14.73 -5.93 31.34
CA THR L 177 15.06 -5.61 29.97
C THR L 177 14.12 -6.34 29.04
N LEU L 178 13.45 -5.60 28.16
CA LEU L 178 12.62 -6.21 27.14
C LEU L 178 13.30 -6.06 25.79
N THR L 179 13.63 -7.19 25.18
CA THR L 179 14.33 -7.17 23.90
C THR L 179 13.44 -7.66 22.77
N LEU L 180 13.27 -6.81 21.76
CA LEU L 180 12.49 -7.15 20.58
C LEU L 180 13.10 -6.54 19.32
N SER L 181 12.65 -7.01 18.16
CA SER L 181 13.12 -6.47 16.89
C SER L 181 12.58 -5.07 16.68
N LYS L 182 13.23 -4.32 15.79
CA LYS L 182 12.86 -2.93 15.51
C LYS L 182 11.44 -2.77 14.95
N ALA L 183 11.06 -3.68 14.06
CA ALA L 183 9.76 -3.62 13.40
C ALA L 183 8.62 -3.74 14.39
N ASP L 184 8.74 -4.72 15.28
CA ASP L 184 7.75 -4.97 16.31
C ASP L 184 7.62 -3.71 17.15
N TYR L 185 8.71 -2.95 17.26
CA TYR L 185 8.68 -1.72 18.02
C TYR L 185 7.95 -0.59 17.29
N GLU L 186 8.20 -0.43 15.99
CA GLU L 186 7.53 0.67 15.31
C GLU L 186 6.04 0.38 15.10
N LYS L 187 5.67 -0.90 15.08
CA LYS L 187 4.25 -1.22 14.99
C LYS L 187 3.51 -0.79 16.26
N HIS L 188 4.12 -1.00 17.41
CA HIS L 188 3.49 -0.64 18.68
C HIS L 188 3.86 0.76 19.12
N LYS L 189 2.86 1.59 19.45
CA LYS L 189 3.13 2.98 19.80
C LYS L 189 3.41 3.20 21.28
N VAL L 190 2.63 2.56 22.15
CA VAL L 190 2.71 2.82 23.58
C VAL L 190 3.30 1.64 24.35
N TYR L 191 4.29 1.94 25.19
CA TYR L 191 4.93 0.91 25.97
C TYR L 191 4.79 1.14 27.46
N ALA L 192 4.35 0.13 28.20
CA ALA L 192 4.16 0.32 29.63
C ALA L 192 4.74 -0.78 30.51
N CYS L 193 5.27 -0.37 31.66
CA CYS L 193 5.84 -1.29 32.63
C CYS L 193 4.99 -1.21 33.88
N GLU L 194 4.49 -2.36 34.33
CA GLU L 194 3.65 -2.41 35.53
C GLU L 194 4.44 -2.93 36.71
N VAL L 195 4.27 -2.29 37.87
CA VAL L 195 5.01 -2.72 39.05
C VAL L 195 4.09 -3.05 40.22
N THR L 196 4.20 -4.29 40.69
CA THR L 196 3.45 -4.77 41.85
C THR L 196 4.42 -5.13 42.97
N HIS L 197 4.32 -4.42 44.10
CA HIS L 197 5.21 -4.60 45.24
C HIS L 197 4.42 -4.42 46.54
N GLN L 198 5.01 -4.88 47.63
CA GLN L 198 4.36 -4.80 48.93
C GLN L 198 4.21 -3.35 49.43
N GLY L 199 5.21 -2.52 49.18
CA GLY L 199 5.17 -1.15 49.67
C GLY L 199 4.01 -0.33 49.15
N LEU L 200 3.65 -0.53 47.89
CA LEU L 200 2.54 0.19 47.28
C LEU L 200 1.23 -0.60 47.30
N SER L 201 0.19 0.02 47.85
CA SER L 201 -1.13 -0.59 47.88
C SER L 201 -1.66 -0.79 46.46
N SER L 202 -1.47 0.23 45.63
CA SER L 202 -1.86 0.16 44.23
C SER L 202 -0.65 0.00 43.35
N PRO L 203 -0.64 -1.05 42.51
CA PRO L 203 0.43 -1.29 41.54
C PRO L 203 0.61 -0.10 40.63
N VAL L 204 1.83 0.44 40.62
CA VAL L 204 2.07 1.68 39.88
C VAL L 204 2.64 1.37 38.51
N THR L 205 2.15 2.05 37.46
CA THR L 205 2.63 1.83 36.11
C THR L 205 3.24 3.06 35.42
N LYS L 206 4.46 2.91 34.89
CA LYS L 206 5.15 3.99 34.18
C LYS L 206 5.22 3.60 32.70
N SER L 207 4.72 4.48 31.82
CA SER L 207 4.62 4.20 30.39
C SER L 207 5.10 5.38 29.53
N PHE L 208 5.43 5.09 28.26
CA PHE L 208 5.76 6.16 27.32
C PHE L 208 5.22 5.93 25.90
N ASN L 209 5.13 7.03 25.15
CA ASN L 209 4.74 7.03 23.74
C ASN L 209 5.95 7.03 22.84
N ARG L 210 5.84 6.33 21.73
CA ARG L 210 6.95 6.22 20.78
C ARG L 210 7.29 7.59 20.22
N GLY L 211 8.58 7.90 20.15
CA GLY L 211 9.04 9.19 19.69
C GLY L 211 8.64 10.28 20.65
C1 NAG M . -30.85 30.75 -35.60
C2 NAG M . -30.34 31.68 -34.51
C3 NAG M . -31.18 32.96 -34.49
C4 NAG M . -31.26 33.58 -35.89
C5 NAG M . -31.66 32.54 -36.94
C6 NAG M . -31.54 33.06 -38.35
C7 NAG M . -29.25 30.54 -32.63
C8 NAG M . -29.45 29.91 -31.29
N2 NAG M . -30.35 31.04 -33.21
O3 NAG M . -30.61 33.88 -33.58
O4 NAG M . -32.28 34.59 -35.91
O5 NAG M . -30.79 31.40 -36.85
O6 NAG M . -30.25 33.55 -38.63
O7 NAG M . -28.15 30.61 -33.17
C1 NAG M . -31.76 35.92 -35.72
C2 NAG M . -32.20 36.79 -36.90
C3 NAG M . -31.79 38.25 -36.65
C4 NAG M . -32.29 38.73 -35.31
C5 NAG M . -31.83 37.78 -34.20
C6 NAG M . -32.38 38.14 -32.85
C7 NAG M . -32.16 36.58 -39.34
C8 NAG M . -31.45 35.99 -40.52
N2 NAG M . -31.64 36.30 -38.14
O3 NAG M . -32.32 39.07 -37.70
O4 NAG M . -31.84 40.05 -35.04
O5 NAG M . -32.28 36.45 -34.50
O6 NAG M . -31.85 39.37 -32.37
O7 NAG M . -33.16 37.27 -39.47
C1 BMA M . -32.97 40.93 -35.19
C2 BMA M . -32.83 42.11 -34.18
C3 BMA M . -33.92 43.16 -34.45
C4 BMA M . -33.95 43.56 -35.93
C5 BMA M . -34.12 42.32 -36.82
C6 BMA M . -34.05 42.65 -38.29
O2 BMA M . -31.58 42.76 -34.35
O3 BMA M . -33.75 44.30 -33.62
O4 BMA M . -35.03 44.45 -36.15
O5 BMA M . -33.06 41.39 -36.55
O6 BMA M . -33.57 43.98 -38.44
C1 MAN M . -34.94 44.51 -32.82
C2 MAN M . -34.75 45.79 -31.96
C3 MAN M . -33.70 45.51 -30.90
C4 MAN M . -34.14 44.33 -30.03
C5 MAN M . -34.28 43.09 -30.92
C6 MAN M . -34.79 41.87 -30.18
O2 MAN M . -35.95 46.11 -31.21
O3 MAN M . -33.44 46.65 -30.08
O4 MAN M . -33.16 44.08 -29.03
O5 MAN M . -35.22 43.37 -32.00
O6 MAN M . -33.97 41.68 -29.04
C1 NAG M . -36.49 47.40 -31.60
C2 NAG M . -35.99 48.46 -30.63
C3 NAG M . -36.53 49.85 -31.02
C4 NAG M . -36.18 50.14 -32.47
C5 NAG M . -36.65 49.02 -33.38
C6 NAG M . -36.20 49.21 -34.82
C7 NAG M . -37.30 48.56 -28.47
C8 NAG M . -37.34 48.03 -27.07
N2 NAG M . -36.28 48.12 -29.23
O3 NAG M . -35.98 50.83 -30.15
O4 NAG M . -36.82 51.36 -32.86
O5 NAG M . -36.11 47.76 -32.95
O6 NAG M . -36.20 50.58 -35.19
O7 NAG M . -38.15 49.35 -28.88
C1 MAN M . -33.23 44.26 -39.82
C2 MAN M . -32.46 43.03 -40.44
C3 MAN M . -30.98 43.03 -40.03
C4 MAN M . -30.35 44.42 -40.17
C5 MAN M . -31.16 45.41 -39.36
C6 MAN M . -30.58 46.82 -39.40
O2 MAN M . -32.45 43.09 -41.88
O3 MAN M . -30.22 42.07 -40.77
O4 MAN M . -29.00 44.40 -39.71
O5 MAN M . -32.49 45.47 -39.91
O6 MAN M . -30.37 47.18 -40.75
C1 NAG N . -27.52 15.55 14.87
C2 NAG N . -26.88 16.91 15.07
C3 NAG N . -26.15 16.94 16.42
C4 NAG N . -27.08 16.52 17.55
C5 NAG N . -27.81 15.21 17.20
C6 NAG N . -28.88 14.86 18.20
C7 NAG N . -26.27 18.04 12.98
C8 NAG N . -25.20 18.23 11.94
N2 NAG N . -25.96 17.20 13.98
O3 NAG N . -25.66 18.26 16.64
O4 NAG N . -26.32 16.27 18.72
O5 NAG N . -28.44 15.31 15.93
O6 NAG N . -29.84 15.91 18.33
O7 NAG N . -27.35 18.60 12.91
C1 NAG N . -26.29 17.39 19.63
C2 NAG N . -26.80 16.94 21.00
C3 NAG N . -26.66 18.07 22.02
C4 NAG N . -25.23 18.60 22.03
C5 NAG N . -24.81 19.00 20.62
C6 NAG N . -23.37 19.43 20.54
C7 NAG N . -28.74 15.67 21.81
C8 NAG N . -30.19 15.33 21.58
N2 NAG N . -28.19 16.50 20.92
O3 NAG N . -27.02 17.59 23.31
O4 NAG N . -25.11 19.71 22.91
O5 NAG N . -24.96 17.87 19.75
O6 NAG N . -23.16 20.66 21.23
O7 NAG N . -28.11 15.24 22.78
C1 BMA N . -24.40 19.25 24.08
C2 BMA N . -23.54 20.43 24.63
C3 BMA N . -22.91 20.04 25.96
C4 BMA N . -23.97 19.50 26.94
C5 BMA N . -24.73 18.33 26.30
C6 BMA N . -25.87 17.83 27.16
O2 BMA N . -24.34 21.58 24.86
O3 BMA N . -22.20 21.13 26.56
O4 BMA N . -23.35 19.05 28.13
O5 BMA N . -25.32 18.77 25.06
O6 BMA N . -26.08 18.77 28.22
C1 MAN N . -20.82 20.75 26.78
C2 MAN N . -20.08 21.94 27.46
C3 MAN N . -19.95 23.09 26.46
C4 MAN N . -19.20 22.59 25.22
C5 MAN N . -19.98 21.44 24.58
C6 MAN N . -19.27 20.84 23.39
O2 MAN N . -18.72 21.60 27.80
O3 MAN N . -19.32 24.23 27.01
O4 MAN N . -19.07 23.66 24.29
O5 MAN N . -20.18 20.39 25.55
O6 MAN N . -18.93 21.89 22.48
C1 MAN N . -27.33 18.47 28.92
C2 MAN N . -28.46 18.12 27.89
C3 MAN N . -29.06 19.40 27.25
C4 MAN N . -29.36 20.46 28.30
C5 MAN N . -28.08 20.76 29.08
C6 MAN N . -28.25 21.86 30.11
O2 MAN N . -29.56 17.46 28.52
O3 MAN N . -30.23 19.10 26.51
O4 MAN N . -29.84 21.64 27.68
O5 MAN N . -27.67 19.57 29.77
O6 MAN N . -29.37 21.54 30.93
C1 NAG O . -3.88 -18.37 -9.71
C2 NAG O . -2.59 -19.01 -9.25
C3 NAG O . -2.21 -20.15 -10.19
C4 NAG O . -3.36 -21.13 -10.37
C5 NAG O . -4.66 -20.39 -10.69
C6 NAG O . -5.87 -21.28 -10.68
C7 NAG O . -1.10 -17.50 -8.00
C8 NAG O . 0.01 -16.51 -8.10
N2 NAG O . -1.52 -18.04 -9.16
O3 NAG O . -1.07 -20.83 -9.66
O4 NAG O . -3.10 -22.00 -11.46
O5 NAG O . -4.90 -19.34 -9.74
O6 NAG O . -6.01 -21.94 -9.44
O7 NAG O . -1.61 -17.81 -6.93
C1 NAG P . 11.21 7.10 -17.97
C2 NAG P . 11.39 8.40 -18.76
C3 NAG P . 12.34 8.20 -19.94
C4 NAG P . 13.66 7.58 -19.47
C5 NAG P . 13.39 6.30 -18.68
C6 NAG P . 14.65 5.71 -18.10
C7 NAG P . 9.16 9.39 -18.42
C8 NAG P . 7.90 9.83 -19.09
N2 NAG P . 10.09 8.87 -19.23
O3 NAG P . 12.57 9.45 -20.57
O4 NAG P . 14.49 7.29 -20.59
O5 NAG P . 12.51 6.59 -17.58
O6 NAG P . 14.41 4.97 -16.91
O7 NAG P . 9.34 9.50 -17.21
#